data_7LR1
#
_entry.id   7LR1
#
_cell.length_a   105.420
_cell.length_b   143.730
_cell.length_c   155.640
_cell.angle_alpha   90.000
_cell.angle_beta   90.000
_cell.angle_gamma   90.000
#
_symmetry.space_group_name_H-M   'P 21 21 21'
#
loop_
_entity.id
_entity.type
_entity.pdbx_description
1 polymer 'Glycosyl hydrolase BlGH5_18'
2 non-polymer 'PHOSPHATE ION'
3 non-polymer 1,2-ETHANEDIOL
4 water water
#
_entity_poly.entity_id   1
_entity_poly.type   'polypeptide(L)'
_entity_poly.pdbx_seq_one_letter_code
;MGSSHHHHHHSSGLVPRGSHMKFGVNYTPSHGWFHAWLDPDWDGIDNDLKQISELGMDHVRIFPIWPYLQPNRTWINKKG
VADVRRMVHIAGEHGLDAYVDVFQGHLSSFDFLPSWLVTWHAGNMFTDADAVAAERELVKTMTDELSKEPAFKGLTLGNE
VNQLSDRPHPTKMSATDRQIDAWLDALLPTAAGEGHNALYSVNDGTWFIDGHPFTPVQSATKGDMTVIHSWVFNGIAQGY
GATSEECSSYALYLAELAKAFGKDSERPVWLQEVGAPENVLETDYTPEFCRKTVERAMDCRNLWGVTWWCSHDVPASMED
FPFFEHSLGLFDEQGQLKPIGRTFGELAAQYRSALPAQPKTVAVVIDVDEAGNPVNRSALGPGGSVCDLWMKLQVAGQRP
TIITSQVAANQEALAQRGILELHADEHPYAARYYTAVSDPSFETAD
;
_entity_poly.pdbx_strand_id   A,B,C,D
#
loop_
_chem_comp.id
_chem_comp.type
_chem_comp.name
_chem_comp.formula
EDO non-polymer 1,2-ETHANEDIOL 'C2 H6 O2'
PO4 non-polymer 'PHOSPHATE ION' 'O4 P -3'
#
# COMPACT_ATOMS: atom_id res chain seq x y z
N SER A 19 -37.21 -2.50 -11.92
CA SER A 19 -38.61 -2.48 -12.36
C SER A 19 -39.46 -3.31 -11.40
N HIS A 20 -40.39 -4.06 -11.99
CA HIS A 20 -41.34 -4.85 -11.21
C HIS A 20 -40.63 -5.78 -10.21
N MET A 21 -39.61 -6.48 -10.67
CA MET A 21 -38.94 -7.48 -9.85
C MET A 21 -37.49 -7.04 -9.74
N LYS A 22 -36.95 -6.96 -8.51
CA LYS A 22 -35.58 -6.51 -8.36
C LYS A 22 -34.65 -7.72 -8.39
N PHE A 23 -33.48 -7.51 -9.01
CA PHE A 23 -32.43 -8.53 -9.09
C PHE A 23 -31.15 -7.91 -8.60
N GLY A 24 -30.47 -8.57 -7.66
CA GLY A 24 -29.27 -7.99 -7.12
C GLY A 24 -28.39 -9.08 -6.53
N VAL A 25 -27.31 -8.67 -5.87
CA VAL A 25 -26.40 -9.63 -5.25
C VAL A 25 -25.99 -9.15 -3.86
N ASN A 26 -25.71 -10.11 -3.01
CA ASN A 26 -24.98 -9.88 -1.78
C ASN A 26 -23.51 -9.70 -2.15
N TYR A 27 -22.97 -8.51 -1.91
CA TYR A 27 -21.66 -8.14 -2.41
C TYR A 27 -20.57 -8.62 -1.44
N THR A 28 -19.73 -9.56 -1.91
CA THR A 28 -18.54 -9.99 -1.19
C THR A 28 -17.35 -9.37 -1.94
N PRO A 29 -16.61 -8.47 -1.32
CA PRO A 29 -15.48 -7.83 -2.02
C PRO A 29 -14.53 -8.90 -2.54
N SER A 30 -14.15 -8.77 -3.82
CA SER A 30 -13.31 -9.81 -4.43
C SER A 30 -11.91 -9.84 -3.86
N HIS A 31 -11.38 -8.67 -3.49
CA HIS A 31 -10.09 -8.59 -2.86
C HIS A 31 -10.35 -8.41 -1.38
N GLY A 32 -10.09 -9.43 -0.60
CA GLY A 32 -10.19 -9.28 0.85
C GLY A 32 -11.45 -9.80 1.52
N TRP A 33 -12.51 -10.08 0.75
CA TRP A 33 -13.81 -10.49 1.36
C TRP A 33 -14.19 -9.37 2.36
N PHE A 34 -14.87 -9.71 3.47
CA PHE A 34 -15.19 -8.65 4.43
C PHE A 34 -13.98 -8.24 5.26
N HIS A 35 -12.80 -8.86 5.07
CA HIS A 35 -11.62 -8.25 5.65
C HIS A 35 -11.17 -7.02 4.87
N ALA A 36 -11.80 -6.76 3.71
CA ALA A 36 -11.53 -5.56 2.93
C ALA A 36 -11.68 -4.29 3.76
N TRP A 37 -12.56 -4.32 4.77
CA TRP A 37 -12.83 -3.09 5.54
C TRP A 37 -11.60 -2.62 6.31
N LEU A 38 -10.69 -3.54 6.60
CA LEU A 38 -9.47 -3.10 7.30
C LEU A 38 -8.55 -2.29 6.42
N ASP A 39 -8.64 -2.45 5.09
CA ASP A 39 -7.85 -1.60 4.23
C ASP A 39 -8.46 -1.61 2.84
N PRO A 40 -9.52 -0.85 2.62
CA PRO A 40 -10.30 -1.04 1.38
C PRO A 40 -9.48 -0.71 0.15
N ASP A 41 -9.54 -1.61 -0.81
CA ASP A 41 -8.93 -1.42 -2.15
C ASP A 41 -10.04 -0.76 -2.97
N TRP A 42 -10.08 0.56 -2.94
CA TRP A 42 -11.22 1.27 -3.53
C TRP A 42 -11.26 1.12 -5.04
N ASP A 43 -10.10 1.05 -5.72
CA ASP A 43 -10.22 0.78 -7.16
C ASP A 43 -10.78 -0.63 -7.43
N GLY A 44 -10.39 -1.60 -6.60
CA GLY A 44 -10.96 -2.95 -6.70
C GLY A 44 -12.45 -3.01 -6.41
N ILE A 45 -12.90 -2.32 -5.35
CA ILE A 45 -14.31 -2.29 -4.99
C ILE A 45 -15.09 -1.61 -6.11
N ASP A 46 -14.54 -0.52 -6.63
CA ASP A 46 -15.18 0.12 -7.77
C ASP A 46 -15.33 -0.83 -8.95
N ASN A 47 -14.27 -1.58 -9.28
CA ASN A 47 -14.36 -2.48 -10.42
C ASN A 47 -15.37 -3.59 -10.14
N ASP A 48 -15.35 -4.15 -8.90
CA ASP A 48 -16.34 -5.18 -8.53
C ASP A 48 -17.77 -4.68 -8.81
N LEU A 49 -18.08 -3.47 -8.32
CA LEU A 49 -19.43 -2.94 -8.45
C LEU A 49 -19.75 -2.61 -9.90
N LYS A 50 -18.75 -2.18 -10.67
CA LYS A 50 -18.97 -2.00 -12.10
C LYS A 50 -19.34 -3.34 -12.76
N GLN A 51 -18.62 -4.46 -12.43
CA GLN A 51 -18.97 -5.74 -13.07
C GLN A 51 -20.39 -6.16 -12.68
N ILE A 52 -20.76 -5.94 -11.42
CA ILE A 52 -22.10 -6.29 -10.94
C ILE A 52 -23.14 -5.50 -11.69
N SER A 53 -22.89 -4.21 -11.88
CA SER A 53 -23.85 -3.42 -12.63
C SER A 53 -23.94 -3.87 -14.08
N GLU A 54 -22.81 -4.23 -14.69
CA GLU A 54 -22.82 -4.59 -16.09
C GLU A 54 -23.52 -5.95 -16.32
N LEU A 55 -23.60 -6.75 -15.28
CA LEU A 55 -24.39 -8.01 -15.32
C LEU A 55 -25.89 -7.72 -15.39
N GLY A 56 -26.29 -6.48 -15.16
CA GLY A 56 -27.72 -6.14 -15.14
C GLY A 56 -28.36 -6.14 -13.77
N MET A 57 -27.58 -6.20 -12.70
CA MET A 57 -28.12 -6.10 -11.36
C MET A 57 -28.59 -4.70 -11.10
N ASP A 58 -29.62 -4.55 -10.21
CA ASP A 58 -30.12 -3.22 -9.87
C ASP A 58 -29.79 -2.84 -8.43
N HIS A 59 -29.26 -3.79 -7.64
CA HIS A 59 -28.94 -3.45 -6.25
C HIS A 59 -27.87 -4.38 -5.71
N VAL A 60 -27.25 -3.95 -4.61
CA VAL A 60 -26.34 -4.77 -3.84
C VAL A 60 -26.74 -4.69 -2.36
N ARG A 61 -26.40 -5.74 -1.61
CA ARG A 61 -26.52 -5.73 -0.16
C ARG A 61 -25.10 -5.77 0.38
N ILE A 62 -24.79 -4.90 1.35
CA ILE A 62 -23.40 -4.82 1.78
C ILE A 62 -23.29 -5.00 3.28
N PHE A 63 -22.07 -5.42 3.73
CA PHE A 63 -21.91 -5.98 5.07
C PHE A 63 -20.70 -5.38 5.78
N PRO A 64 -20.87 -4.28 6.48
CA PRO A 64 -19.81 -3.84 7.40
C PRO A 64 -19.69 -4.80 8.57
N ILE A 65 -18.68 -4.56 9.41
CA ILE A 65 -18.34 -5.43 10.53
C ILE A 65 -18.55 -4.64 11.82
N TRP A 66 -19.43 -5.13 12.69
CA TRP A 66 -19.81 -4.37 13.88
C TRP A 66 -18.62 -4.02 14.78
N PRO A 67 -17.71 -4.94 15.12
CA PRO A 67 -16.63 -4.51 16.07
C PRO A 67 -15.63 -3.52 15.45
N TYR A 68 -15.64 -3.35 14.13
CA TYR A 68 -14.85 -2.26 13.54
C TYR A 68 -15.60 -0.94 13.62
N LEU A 69 -16.93 -0.98 13.55
CA LEU A 69 -17.72 0.24 13.65
C LEU A 69 -17.84 0.71 15.08
N GLN A 70 -17.88 -0.21 16.04
CA GLN A 70 -18.28 0.15 17.40
C GLN A 70 -17.41 -0.68 18.35
N PRO A 71 -16.13 -0.35 18.45
CA PRO A 71 -15.21 -1.24 19.16
C PRO A 71 -15.29 -1.06 20.65
N ASN A 72 -15.91 0.02 21.10
CA ASN A 72 -16.24 0.25 22.51
C ASN A 72 -17.73 0.59 22.55
N ARG A 73 -18.42 0.27 23.64
CA ARG A 73 -19.87 0.53 23.64
C ARG A 73 -20.20 2.00 23.35
N THR A 74 -19.36 2.95 23.78
CA THR A 74 -19.67 4.37 23.59
C THR A 74 -18.65 5.06 22.71
N TRP A 75 -18.07 4.34 21.75
CA TRP A 75 -17.11 4.94 20.81
C TRP A 75 -17.33 4.37 19.42
N ILE A 76 -17.79 5.21 18.50
CA ILE A 76 -18.07 4.76 17.14
C ILE A 76 -16.94 5.23 16.24
N ASN A 77 -16.49 4.35 15.36
CA ASN A 77 -15.35 4.60 14.47
C ASN A 77 -15.87 5.38 13.27
N LYS A 78 -15.67 6.71 13.28
CA LYS A 78 -16.18 7.55 12.19
C LYS A 78 -15.57 7.24 10.83
N LYS A 79 -14.29 6.86 10.79
CA LYS A 79 -13.69 6.43 9.53
C LYS A 79 -14.41 5.21 8.98
N GLY A 80 -14.74 4.24 9.85
CA GLY A 80 -15.45 3.06 9.37
C GLY A 80 -16.82 3.41 8.82
N VAL A 81 -17.54 4.29 9.51
CA VAL A 81 -18.82 4.77 9.00
C VAL A 81 -18.61 5.43 7.64
N ALA A 82 -17.55 6.24 7.51
CA ALA A 82 -17.30 6.92 6.23
C ALA A 82 -17.05 5.90 5.12
N ASP A 83 -16.33 4.82 5.47
CA ASP A 83 -16.03 3.80 4.46
C ASP A 83 -17.30 3.10 3.97
N VAL A 84 -18.27 2.85 4.88
CA VAL A 84 -19.55 2.28 4.42
C VAL A 84 -20.25 3.27 3.50
N ARG A 85 -20.25 4.55 3.86
CA ARG A 85 -20.88 5.54 3.00
C ARG A 85 -20.19 5.56 1.65
N ARG A 86 -18.88 5.44 1.63
CA ARG A 86 -18.19 5.48 0.34
C ARG A 86 -18.57 4.25 -0.50
N MET A 87 -18.70 3.07 0.12
CA MET A 87 -19.07 1.93 -0.73
C MET A 87 -20.47 2.12 -1.31
N VAL A 88 -21.38 2.67 -0.53
CA VAL A 88 -22.72 2.98 -1.02
C VAL A 88 -22.64 3.97 -2.17
N HIS A 89 -21.80 5.01 -1.99
CA HIS A 89 -21.66 6.05 -3.00
C HIS A 89 -21.13 5.46 -4.31
N ILE A 90 -20.13 4.57 -4.22
CA ILE A 90 -19.58 3.89 -5.41
C ILE A 90 -20.65 3.00 -6.07
N ALA A 91 -21.43 2.27 -5.27
CA ALA A 91 -22.56 1.51 -5.83
C ALA A 91 -23.48 2.45 -6.63
N GLY A 92 -23.82 3.60 -6.06
CA GLY A 92 -24.65 4.55 -6.79
C GLY A 92 -24.03 5.08 -8.05
N GLU A 93 -22.71 5.27 -8.05
CA GLU A 93 -22.04 5.69 -9.27
C GLU A 93 -22.18 4.66 -10.39
N HIS A 94 -22.48 3.42 -10.04
CA HIS A 94 -22.65 2.40 -11.07
C HIS A 94 -24.11 2.05 -11.28
N GLY A 95 -25.02 2.96 -10.89
CA GLY A 95 -26.45 2.73 -11.00
C GLY A 95 -26.98 1.58 -10.18
N LEU A 96 -26.40 1.31 -9.02
CA LEU A 96 -26.87 0.25 -8.12
C LEU A 96 -27.49 0.91 -6.90
N ASP A 97 -28.68 0.47 -6.51
CA ASP A 97 -29.19 0.77 -5.18
C ASP A 97 -28.45 -0.08 -4.14
N ALA A 98 -28.33 0.46 -2.92
CA ALA A 98 -27.51 -0.19 -1.89
C ALA A 98 -28.35 -0.44 -0.64
N TYR A 99 -28.26 -1.66 -0.13
CA TYR A 99 -28.93 -2.09 1.10
C TYR A 99 -27.82 -2.43 2.08
N VAL A 100 -27.87 -1.87 3.31
CA VAL A 100 -26.75 -2.04 4.26
C VAL A 100 -27.25 -2.82 5.47
N ASP A 101 -26.51 -3.86 5.86
CA ASP A 101 -26.71 -4.57 7.15
C ASP A 101 -25.77 -4.03 8.21
N VAL A 102 -26.23 -3.95 9.47
CA VAL A 102 -25.35 -3.32 10.47
C VAL A 102 -24.65 -4.34 11.35
N PHE A 103 -25.42 -5.19 12.07
CA PHE A 103 -24.82 -6.01 13.13
C PHE A 103 -24.29 -7.33 12.58
N GLN A 104 -23.10 -7.26 11.93
CA GLN A 104 -22.31 -8.47 11.66
C GLN A 104 -21.16 -8.46 12.67
N GLY A 105 -21.21 -9.31 13.70
CA GLY A 105 -22.23 -10.37 13.88
C GLY A 105 -21.85 -11.53 12.97
N HIS A 106 -22.83 -12.14 12.30
CA HIS A 106 -22.63 -13.46 11.69
C HIS A 106 -22.42 -13.35 10.21
N LEU A 107 -21.28 -13.95 9.70
CA LEU A 107 -21.02 -14.00 8.25
C LEU A 107 -20.36 -15.34 7.96
N SER A 108 -21.02 -16.23 7.20
CA SER A 108 -20.39 -17.42 6.65
C SER A 108 -19.60 -18.24 7.66
N SER A 109 -20.24 -18.57 8.78
CA SER A 109 -19.76 -19.42 9.86
C SER A 109 -18.96 -18.64 10.91
N PHE A 110 -18.58 -17.39 10.65
CA PHE A 110 -17.81 -16.60 11.61
C PHE A 110 -18.70 -15.61 12.34
N ASP A 111 -18.42 -15.38 13.64
CA ASP A 111 -19.10 -14.31 14.38
C ASP A 111 -18.08 -13.24 14.71
N PHE A 112 -18.44 -11.99 14.41
CA PHE A 112 -17.56 -10.82 14.69
C PHE A 112 -18.24 -10.05 15.79
N LEU A 113 -17.76 -10.24 17.04
CA LEU A 113 -18.50 -9.60 18.14
C LEU A 113 -17.62 -8.58 18.82
N PRO A 114 -18.17 -7.45 19.25
CA PRO A 114 -17.34 -6.46 19.96
C PRO A 114 -16.85 -7.02 21.29
N SER A 115 -15.68 -6.55 21.68
CA SER A 115 -15.09 -7.08 22.92
C SER A 115 -15.94 -6.72 24.13
N TRP A 116 -16.77 -5.69 24.03
CA TRP A 116 -17.54 -5.28 25.20
C TRP A 116 -18.82 -6.11 25.36
N LEU A 117 -18.98 -7.15 24.54
CA LEU A 117 -20.07 -8.11 24.71
C LEU A 117 -19.55 -9.54 24.93
N VAL A 118 -18.23 -9.76 25.06
CA VAL A 118 -17.69 -11.11 25.22
C VAL A 118 -16.78 -11.23 26.43
N THR A 119 -16.48 -12.51 26.77
CA THR A 119 -15.62 -12.96 27.87
C THR A 119 -15.89 -12.18 29.15
N TRP A 120 -14.93 -11.38 29.61
CA TRP A 120 -15.14 -10.65 30.84
C TRP A 120 -16.31 -9.67 30.79
N HIS A 121 -16.74 -9.30 29.59
CA HIS A 121 -17.80 -8.35 29.33
C HIS A 121 -19.01 -9.03 28.73
N ALA A 122 -19.07 -10.36 28.85
CA ALA A 122 -20.13 -11.12 28.16
C ALA A 122 -21.48 -10.51 28.50
N GLY A 123 -22.27 -10.24 27.47
CA GLY A 123 -23.55 -9.59 27.66
C GLY A 123 -24.55 -10.14 26.69
N ASN A 124 -25.78 -9.63 26.78
CA ASN A 124 -26.85 -10.12 25.93
C ASN A 124 -27.28 -8.97 25.02
N MET A 125 -26.99 -9.08 23.71
CA MET A 125 -27.27 -7.94 22.83
C MET A 125 -28.77 -7.69 22.67
N PHE A 126 -29.62 -8.64 23.09
CA PHE A 126 -31.05 -8.45 22.95
C PHE A 126 -31.72 -7.91 24.19
N THR A 127 -31.18 -8.22 25.38
CA THR A 127 -31.90 -7.86 26.60
C THR A 127 -31.15 -6.91 27.52
N ASP A 128 -29.88 -6.65 27.28
CA ASP A 128 -29.13 -5.72 28.12
C ASP A 128 -29.46 -4.31 27.69
N ALA A 129 -30.04 -3.52 28.59
CA ALA A 129 -30.44 -2.15 28.21
C ALA A 129 -29.26 -1.34 27.64
N ASP A 130 -28.06 -1.47 28.24
CA ASP A 130 -26.92 -0.64 27.77
C ASP A 130 -26.49 -1.04 26.37
N ALA A 131 -26.53 -2.35 26.09
CA ALA A 131 -26.21 -2.82 24.74
C ALA A 131 -27.26 -2.33 23.74
N VAL A 132 -28.54 -2.42 24.10
CA VAL A 132 -29.58 -2.00 23.17
C VAL A 132 -29.45 -0.52 22.88
N ALA A 133 -29.14 0.29 23.92
CA ALA A 133 -28.92 1.72 23.68
C ALA A 133 -27.74 1.97 22.72
N ALA A 134 -26.64 1.21 22.88
CA ALA A 134 -25.49 1.36 21.99
C ALA A 134 -25.84 0.94 20.56
N GLU A 135 -26.58 -0.16 20.44
CA GLU A 135 -27.03 -0.62 19.12
C GLU A 135 -27.87 0.44 18.45
N ARG A 136 -28.84 1.00 19.21
CA ARG A 136 -29.68 2.05 18.63
C ARG A 136 -28.84 3.23 18.19
N GLU A 137 -27.87 3.61 19.01
CA GLU A 137 -26.99 4.73 18.63
C GLU A 137 -26.24 4.43 17.35
N LEU A 138 -25.75 3.19 17.20
CA LEU A 138 -25.01 2.87 15.98
C LEU A 138 -25.95 2.90 14.77
N VAL A 139 -27.16 2.33 14.90
CA VAL A 139 -28.08 2.33 13.76
C VAL A 139 -28.48 3.74 13.41
N LYS A 140 -28.68 4.57 14.42
CA LYS A 140 -29.05 5.96 14.13
C LYS A 140 -27.91 6.70 13.41
N THR A 141 -26.67 6.56 13.91
CA THR A 141 -25.50 7.15 13.27
C THR A 141 -25.37 6.72 11.80
N MET A 142 -25.50 5.43 11.58
CA MET A 142 -25.36 4.91 10.23
C MET A 142 -26.50 5.41 9.34
N THR A 143 -27.75 5.32 9.82
CA THR A 143 -28.87 5.73 8.97
C THR A 143 -28.79 7.22 8.65
N ASP A 144 -28.43 8.03 9.63
CA ASP A 144 -28.34 9.46 9.39
C ASP A 144 -27.31 9.76 8.32
N GLU A 145 -26.15 9.11 8.38
CA GLU A 145 -25.10 9.40 7.43
C GLU A 145 -25.37 8.77 6.05
N LEU A 146 -25.91 7.53 5.98
CA LEU A 146 -26.19 6.90 4.69
C LEU A 146 -27.38 7.52 3.97
N SER A 147 -28.34 8.11 4.72
CA SER A 147 -29.49 8.74 4.07
C SER A 147 -29.08 9.95 3.22
N LYS A 148 -27.85 10.42 3.39
CA LYS A 148 -27.33 11.45 2.52
C LYS A 148 -27.07 10.94 1.11
N GLU A 149 -27.03 9.63 0.92
CA GLU A 149 -26.70 9.09 -0.40
C GLU A 149 -27.96 8.70 -1.12
N PRO A 150 -28.21 9.17 -2.32
CA PRO A 150 -29.41 8.74 -3.05
C PRO A 150 -29.48 7.25 -3.30
N ALA A 151 -28.33 6.56 -3.32
CA ALA A 151 -28.36 5.12 -3.60
C ALA A 151 -28.76 4.28 -2.39
N PHE A 152 -28.72 4.85 -1.18
CA PHE A 152 -29.08 4.09 0.00
C PHE A 152 -30.60 3.84 0.06
N LYS A 153 -30.99 2.59 -0.04
CA LYS A 153 -32.39 2.30 -0.12
C LYS A 153 -32.88 1.40 1.01
N GLY A 154 -32.00 0.93 1.91
CA GLY A 154 -32.58 0.17 3.03
C GLY A 154 -31.52 -0.19 4.04
N LEU A 155 -31.93 -0.35 5.29
CA LEU A 155 -31.07 -0.72 6.40
C LEU A 155 -31.64 -1.99 6.98
N THR A 156 -30.85 -3.07 6.98
CA THR A 156 -31.24 -4.34 7.63
C THR A 156 -30.49 -4.40 8.95
N LEU A 157 -31.19 -4.71 10.05
CA LEU A 157 -30.51 -4.56 11.34
C LEU A 157 -29.21 -5.36 11.36
N GLY A 158 -29.23 -6.56 10.80
CA GLY A 158 -28.02 -7.35 10.69
C GLY A 158 -28.36 -8.65 10.00
N ASN A 159 -27.30 -9.37 9.63
CA ASN A 159 -27.46 -10.62 8.88
C ASN A 159 -27.80 -11.76 9.84
N GLU A 160 -29.03 -12.32 9.74
CA GLU A 160 -29.37 -13.54 10.49
C GLU A 160 -29.13 -13.30 11.97
N VAL A 161 -29.68 -12.17 12.47
CA VAL A 161 -29.38 -11.81 13.85
C VAL A 161 -29.95 -12.83 14.84
N ASN A 162 -30.90 -13.68 14.42
CA ASN A 162 -31.46 -14.66 15.38
C ASN A 162 -30.48 -15.77 15.72
N GLN A 163 -29.42 -15.90 14.97
CA GLN A 163 -28.62 -17.09 15.16
C GLN A 163 -27.90 -17.04 16.48
N LEU A 164 -27.79 -15.86 17.09
CA LEU A 164 -27.18 -15.72 18.44
C LEU A 164 -28.18 -15.94 19.58
N SER A 165 -29.47 -16.14 19.29
CA SER A 165 -30.50 -16.04 20.33
C SER A 165 -30.89 -17.38 20.92
N ASP A 166 -30.28 -18.49 20.50
CA ASP A 166 -30.89 -19.77 20.84
C ASP A 166 -29.86 -20.85 20.58
N ARG A 167 -30.12 -22.08 21.11
CA ARG A 167 -29.37 -23.25 20.66
C ARG A 167 -29.44 -23.38 19.15
N PRO A 168 -28.41 -23.94 18.49
CA PRO A 168 -27.18 -24.44 19.14
C PRO A 168 -26.02 -23.42 19.21
N HIS A 169 -26.28 -22.11 19.21
CA HIS A 169 -25.16 -21.18 19.27
C HIS A 169 -24.34 -21.47 20.52
N PRO A 170 -23.01 -21.66 20.41
CA PRO A 170 -22.20 -22.07 21.59
C PRO A 170 -22.03 -20.99 22.66
N THR A 171 -22.36 -19.72 22.40
CA THR A 171 -22.39 -18.64 23.41
C THR A 171 -23.69 -17.85 23.26
N LYS A 172 -24.82 -18.57 23.37
CA LYS A 172 -26.10 -17.94 23.03
C LYS A 172 -26.46 -16.80 24.01
N MET A 173 -27.12 -15.80 23.44
CA MET A 173 -27.73 -14.68 24.16
C MET A 173 -29.23 -14.96 24.17
N SER A 174 -29.66 -15.70 25.18
CA SER A 174 -31.03 -16.17 25.05
C SER A 174 -32.02 -15.06 25.40
N ALA A 175 -33.23 -15.25 24.91
CA ALA A 175 -34.28 -14.24 24.97
C ALA A 175 -35.58 -14.97 24.77
N THR A 176 -36.67 -14.41 25.31
CA THR A 176 -38.03 -14.86 25.00
C THR A 176 -38.54 -14.17 23.74
N ASP A 177 -39.60 -14.75 23.17
CA ASP A 177 -40.16 -14.07 22.00
C ASP A 177 -40.63 -12.65 22.36
N ARG A 178 -41.16 -12.42 23.59
CA ARG A 178 -41.55 -11.06 23.98
C ARG A 178 -40.35 -10.13 24.07
N GLN A 179 -39.24 -10.62 24.62
CA GLN A 179 -38.03 -9.78 24.61
C GLN A 179 -37.55 -9.50 23.21
N ILE A 180 -37.73 -10.44 22.26
CA ILE A 180 -37.31 -10.15 20.87
C ILE A 180 -38.28 -9.15 20.23
N ASP A 181 -39.59 -9.25 20.55
CA ASP A 181 -40.52 -8.21 20.11
C ASP A 181 -40.01 -6.85 20.54
N ALA A 182 -39.62 -6.74 21.83
CA ALA A 182 -39.15 -5.49 22.41
C ALA A 182 -37.88 -5.00 21.74
N TRP A 183 -36.97 -5.92 21.46
CA TRP A 183 -35.72 -5.54 20.78
C TRP A 183 -35.98 -4.99 19.38
N LEU A 184 -36.79 -5.71 18.59
CA LEU A 184 -37.12 -5.23 17.25
C LEU A 184 -37.79 -3.85 17.32
N ASP A 185 -38.72 -3.70 18.28
CA ASP A 185 -39.44 -2.42 18.42
C ASP A 185 -38.52 -1.32 18.92
N ALA A 186 -37.44 -1.67 19.64
CA ALA A 186 -36.48 -0.66 20.08
C ALA A 186 -35.57 -0.21 18.94
N LEU A 187 -35.28 -1.10 18.01
CA LEU A 187 -34.27 -0.79 17.02
C LEU A 187 -34.85 -0.35 15.68
N LEU A 188 -35.90 -0.99 15.21
CA LEU A 188 -36.36 -0.68 13.85
C LEU A 188 -36.75 0.79 13.66
N PRO A 189 -37.36 1.49 14.61
CA PRO A 189 -37.64 2.92 14.37
C PRO A 189 -36.38 3.75 14.12
N THR A 190 -35.26 3.38 14.69
N THR A 190 -35.24 3.38 14.74
CA THR A 190 -34.06 4.14 14.45
CA THR A 190 -33.97 4.07 14.50
C THR A 190 -33.45 3.83 13.08
C THR A 190 -33.40 3.80 13.11
N ALA A 191 -33.84 2.72 12.47
CA ALA A 191 -33.42 2.43 11.12
C ALA A 191 -34.31 3.11 10.09
N ALA A 192 -35.48 3.57 10.50
CA ALA A 192 -36.46 4.06 9.54
C ALA A 192 -36.17 5.49 9.15
N GLY A 193 -36.70 5.89 7.99
CA GLY A 193 -36.68 7.28 7.60
C GLY A 193 -37.02 7.42 6.12
N GLU A 194 -37.33 8.62 5.68
CA GLU A 194 -37.82 8.80 4.33
C GLU A 194 -36.76 8.43 3.31
N GLY A 195 -37.15 7.63 2.33
CA GLY A 195 -36.26 7.29 1.25
C GLY A 195 -35.62 5.91 1.32
N HIS A 196 -35.78 5.16 2.43
CA HIS A 196 -35.20 3.83 2.53
C HIS A 196 -36.08 2.99 3.43
N ASN A 197 -35.95 1.66 3.30
CA ASN A 197 -36.66 0.64 4.08
C ASN A 197 -35.90 0.35 5.38
N ALA A 198 -36.64 -0.15 6.37
CA ALA A 198 -36.08 -0.68 7.61
C ALA A 198 -36.50 -2.13 7.71
N LEU A 199 -35.51 -3.01 7.90
CA LEU A 199 -35.70 -4.45 7.83
C LEU A 199 -34.84 -5.10 8.91
N TYR A 200 -35.00 -6.42 9.05
CA TYR A 200 -34.00 -7.27 9.71
C TYR A 200 -34.03 -8.61 9.00
N SER A 201 -33.08 -9.49 9.35
CA SER A 201 -33.07 -10.76 8.64
C SER A 201 -32.75 -11.88 9.61
N VAL A 202 -33.15 -13.10 9.24
CA VAL A 202 -33.06 -14.27 10.13
C VAL A 202 -32.69 -15.51 9.33
N ASN A 203 -32.10 -16.50 10.01
CA ASN A 203 -31.98 -17.80 9.34
C ASN A 203 -33.31 -18.55 9.53
N ASP A 204 -33.41 -19.73 8.90
CA ASP A 204 -34.73 -20.38 8.77
C ASP A 204 -35.18 -21.09 10.04
N GLY A 205 -34.37 -21.07 11.10
CA GLY A 205 -34.88 -21.56 12.37
C GLY A 205 -36.12 -20.81 12.82
N THR A 206 -36.29 -19.55 12.36
CA THR A 206 -37.51 -18.79 12.66
C THR A 206 -38.77 -19.57 12.32
N TRP A 207 -38.76 -20.27 11.16
CA TRP A 207 -39.98 -20.99 10.76
C TRP A 207 -39.92 -22.44 11.19
N PHE A 208 -38.73 -22.97 11.48
CA PHE A 208 -38.59 -24.42 11.53
C PHE A 208 -38.28 -24.98 12.91
N ILE A 209 -38.00 -24.13 13.89
CA ILE A 209 -37.58 -24.57 15.22
C ILE A 209 -38.60 -24.15 16.25
N ASP A 210 -39.23 -25.12 16.92
CA ASP A 210 -40.16 -24.78 17.98
C ASP A 210 -39.46 -24.09 19.14
N GLY A 211 -40.13 -23.08 19.71
CA GLY A 211 -39.67 -22.32 20.84
C GLY A 211 -38.63 -21.29 20.47
N HIS A 212 -38.25 -21.19 19.21
CA HIS A 212 -37.24 -20.20 18.83
C HIS A 212 -37.80 -18.79 19.03
N PRO A 213 -37.08 -17.86 19.64
CA PRO A 213 -37.73 -16.59 20.04
C PRO A 213 -37.88 -15.58 18.90
N PHE A 214 -37.21 -15.77 17.77
CA PHE A 214 -37.57 -15.04 16.54
C PHE A 214 -38.65 -15.85 15.84
N THR A 215 -39.80 -15.21 15.56
CA THR A 215 -41.00 -15.92 15.15
C THR A 215 -41.47 -15.54 13.73
N PRO A 216 -42.28 -16.40 13.11
CA PRO A 216 -42.89 -16.05 11.81
C PRO A 216 -43.73 -14.77 11.88
N VAL A 217 -44.48 -14.55 12.96
CA VAL A 217 -45.28 -13.34 13.04
C VAL A 217 -44.38 -12.10 13.06
N GLN A 218 -43.27 -12.12 13.80
CA GLN A 218 -42.36 -10.98 13.74
C GLN A 218 -41.88 -10.74 12.32
N SER A 219 -41.39 -11.80 11.68
CA SER A 219 -40.82 -11.62 10.34
C SER A 219 -41.83 -11.04 9.36
N ALA A 220 -43.13 -11.39 9.49
CA ALA A 220 -44.12 -10.89 8.53
C ALA A 220 -44.88 -9.70 9.06
N THR A 221 -44.41 -9.08 10.13
CA THR A 221 -45.05 -7.86 10.62
C THR A 221 -44.09 -6.74 11.00
N LYS A 222 -42.86 -7.02 11.40
CA LYS A 222 -41.94 -5.97 11.87
C LYS A 222 -40.98 -5.63 10.73
N GLY A 223 -40.67 -4.34 10.61
CA GLY A 223 -39.92 -3.84 9.46
C GLY A 223 -40.88 -3.84 8.27
N ASP A 224 -40.34 -3.49 7.08
CA ASP A 224 -41.16 -3.12 5.94
C ASP A 224 -41.46 -4.27 5.00
N MET A 225 -40.68 -5.35 5.02
CA MET A 225 -40.90 -6.49 4.13
C MET A 225 -40.57 -7.74 4.90
N THR A 226 -41.17 -8.84 4.47
CA THR A 226 -40.87 -10.18 5.02
C THR A 226 -39.57 -10.67 4.39
N VAL A 227 -38.51 -10.83 5.19
CA VAL A 227 -37.18 -11.10 4.64
C VAL A 227 -36.84 -12.58 4.86
N ILE A 228 -36.45 -13.27 3.79
CA ILE A 228 -36.09 -14.68 3.90
C ILE A 228 -34.73 -14.94 3.26
N HIS A 229 -34.05 -15.99 3.78
CA HIS A 229 -32.81 -16.51 3.18
C HIS A 229 -33.04 -17.98 2.85
N SER A 230 -32.83 -18.38 1.60
CA SER A 230 -33.23 -19.72 1.16
C SER A 230 -31.98 -20.56 0.85
N TRP A 231 -31.74 -21.60 1.63
CA TRP A 231 -30.48 -22.38 1.59
C TRP A 231 -30.82 -23.87 1.59
N VAL A 232 -30.62 -24.55 0.45
CA VAL A 232 -31.11 -25.93 0.39
C VAL A 232 -30.16 -26.94 1.04
N PHE A 233 -29.03 -26.48 1.64
CA PHE A 233 -28.24 -27.40 2.44
C PHE A 233 -28.84 -27.62 3.78
N ASN A 234 -30.06 -27.07 4.04
CA ASN A 234 -30.71 -27.27 5.31
C ASN A 234 -31.47 -28.61 5.39
N GLY A 235 -31.22 -29.59 4.51
CA GLY A 235 -32.01 -30.81 4.47
C GLY A 235 -32.87 -30.94 3.21
N ILE A 236 -33.22 -29.81 2.58
CA ILE A 236 -34.04 -29.87 1.36
C ILE A 236 -33.33 -30.71 0.30
N ALA A 237 -32.07 -30.34 -0.05
CA ALA A 237 -31.39 -31.08 -1.11
C ALA A 237 -31.08 -32.51 -0.68
N GLN A 238 -30.60 -32.68 0.57
CA GLN A 238 -30.29 -34.02 1.05
C GLN A 238 -31.51 -34.92 1.05
N GLY A 239 -32.62 -34.41 1.55
CA GLY A 239 -33.79 -35.27 1.75
C GLY A 239 -34.58 -35.52 0.46
N TYR A 240 -34.98 -34.44 -0.21
CA TYR A 240 -35.76 -34.57 -1.44
C TYR A 240 -34.91 -34.94 -2.64
N GLY A 241 -33.61 -34.67 -2.56
CA GLY A 241 -32.70 -34.95 -3.69
C GLY A 241 -32.24 -33.66 -4.36
N ALA A 242 -30.93 -33.57 -4.67
CA ALA A 242 -30.36 -32.32 -5.15
C ALA A 242 -31.07 -31.81 -6.40
N THR A 243 -31.36 -32.71 -7.34
CA THR A 243 -31.89 -32.28 -8.63
C THR A 243 -33.42 -32.32 -8.67
N SER A 244 -34.05 -32.57 -7.53
CA SER A 244 -35.48 -32.83 -7.48
C SER A 244 -36.25 -31.53 -7.70
N GLU A 245 -37.48 -31.69 -8.17
CA GLU A 245 -38.36 -30.54 -8.32
C GLU A 245 -38.63 -29.90 -6.96
N GLU A 246 -38.78 -30.71 -5.91
CA GLU A 246 -38.95 -30.15 -4.57
C GLU A 246 -37.81 -29.22 -4.23
N CYS A 247 -36.58 -29.68 -4.47
CA CYS A 247 -35.44 -28.86 -4.11
C CYS A 247 -35.41 -27.55 -4.89
N SER A 248 -35.79 -27.60 -6.19
CA SER A 248 -35.77 -26.32 -6.85
C SER A 248 -37.03 -25.49 -6.59
N SER A 249 -38.02 -26.02 -5.87
CA SER A 249 -39.22 -25.26 -5.49
C SER A 249 -39.11 -24.68 -4.09
N TYR A 250 -37.98 -24.89 -3.42
CA TYR A 250 -37.90 -24.54 -1.99
C TYR A 250 -37.91 -23.02 -1.79
N ALA A 251 -37.22 -22.22 -2.64
CA ALA A 251 -37.32 -20.79 -2.40
C ALA A 251 -38.79 -20.33 -2.48
N LEU A 252 -39.56 -20.90 -3.42
CA LEU A 252 -40.98 -20.58 -3.50
C LEU A 252 -41.73 -21.01 -2.24
N TYR A 253 -41.47 -22.23 -1.76
CA TYR A 253 -42.09 -22.68 -0.53
C TYR A 253 -41.83 -21.69 0.61
N LEU A 254 -40.56 -21.27 0.75
CA LEU A 254 -40.22 -20.41 1.88
C LEU A 254 -40.88 -19.04 1.73
N ALA A 255 -41.04 -18.55 0.50
CA ALA A 255 -41.74 -17.27 0.29
C ALA A 255 -43.22 -17.43 0.62
N GLU A 256 -43.88 -18.47 0.11
CA GLU A 256 -45.30 -18.68 0.45
C GLU A 256 -45.47 -18.88 1.95
N LEU A 257 -44.52 -19.62 2.55
CA LEU A 257 -44.64 -19.93 3.97
C LEU A 257 -44.51 -18.65 4.79
N ALA A 258 -43.44 -17.89 4.56
CA ALA A 258 -43.17 -16.74 5.42
C ALA A 258 -44.27 -15.70 5.33
N LYS A 259 -44.81 -15.44 4.12
CA LYS A 259 -45.85 -14.42 4.06
C LYS A 259 -47.16 -14.88 4.66
N ALA A 260 -47.36 -16.19 4.89
CA ALA A 260 -48.64 -16.68 5.41
C ALA A 260 -48.94 -16.12 6.79
N PHE A 261 -47.91 -15.72 7.55
CA PHE A 261 -48.11 -15.35 8.94
C PHE A 261 -48.31 -13.87 9.14
N GLY A 262 -48.31 -13.09 8.06
CA GLY A 262 -48.57 -11.67 8.19
C GLY A 262 -50.07 -11.36 8.15
N LYS A 263 -50.44 -10.30 8.87
CA LYS A 263 -51.82 -9.83 8.79
C LYS A 263 -52.10 -9.19 7.42
N ASP A 264 -51.09 -8.59 6.81
CA ASP A 264 -51.26 -7.97 5.50
C ASP A 264 -50.97 -9.00 4.44
N SER A 265 -52.01 -9.43 3.71
CA SER A 265 -51.76 -10.45 2.67
C SER A 265 -50.97 -9.90 1.50
N GLU A 266 -50.83 -8.57 1.38
CA GLU A 266 -50.11 -7.97 0.25
C GLU A 266 -48.69 -7.58 0.62
N ARG A 267 -48.28 -7.84 1.86
CA ARG A 267 -46.94 -7.41 2.28
C ARG A 267 -45.85 -8.09 1.44
N PRO A 268 -44.87 -7.34 0.94
CA PRO A 268 -43.86 -7.95 0.07
C PRO A 268 -42.94 -8.89 0.82
N VAL A 269 -42.39 -9.84 0.05
CA VAL A 269 -41.37 -10.77 0.51
C VAL A 269 -40.07 -10.43 -0.23
N TRP A 270 -38.97 -10.36 0.50
CA TRP A 270 -37.68 -10.19 -0.16
C TRP A 270 -36.88 -11.47 0.01
N LEU A 271 -36.60 -12.15 -1.11
CA LEU A 271 -35.66 -13.29 -1.11
C LEU A 271 -34.25 -12.69 -1.09
N GLN A 272 -33.83 -12.29 0.10
CA GLN A 272 -32.63 -11.45 0.30
C GLN A 272 -31.35 -12.30 0.21
N GLU A 273 -31.46 -13.64 0.37
CA GLU A 273 -30.36 -14.51 -0.06
C GLU A 273 -30.93 -15.73 -0.72
N VAL A 274 -30.23 -16.22 -1.76
CA VAL A 274 -30.46 -17.54 -2.31
C VAL A 274 -29.15 -17.86 -3.03
N GLY A 275 -28.60 -19.06 -2.76
CA GLY A 275 -27.31 -19.44 -3.34
C GLY A 275 -27.43 -20.89 -3.81
N ALA A 276 -26.40 -21.34 -4.56
CA ALA A 276 -26.38 -22.69 -5.11
C ALA A 276 -25.26 -23.51 -4.44
N PRO A 277 -25.47 -24.03 -3.23
CA PRO A 277 -24.31 -24.49 -2.43
C PRO A 277 -23.77 -25.84 -2.96
N GLU A 278 -22.46 -25.89 -3.23
CA GLU A 278 -21.82 -27.06 -3.83
C GLU A 278 -21.44 -28.14 -2.80
N ASN A 279 -21.83 -27.99 -1.52
CA ASN A 279 -21.78 -29.16 -0.65
C ASN A 279 -22.96 -30.10 -0.87
N VAL A 280 -24.08 -29.63 -1.46
CA VAL A 280 -25.22 -30.51 -1.74
C VAL A 280 -25.61 -30.55 -3.21
N LEU A 281 -25.20 -29.55 -4.02
CA LEU A 281 -25.43 -29.56 -5.46
C LEU A 281 -24.12 -29.87 -6.17
N GLU A 282 -24.18 -30.61 -7.30
CA GLU A 282 -22.95 -30.75 -8.08
C GLU A 282 -22.68 -29.46 -8.84
N THR A 283 -21.38 -29.14 -9.01
CA THR A 283 -21.00 -27.91 -9.67
C THR A 283 -21.72 -27.67 -10.99
N ASP A 284 -21.75 -28.68 -11.86
CA ASP A 284 -22.28 -28.39 -13.20
C ASP A 284 -23.78 -28.18 -13.22
N TYR A 285 -24.47 -28.48 -12.14
CA TYR A 285 -25.89 -28.27 -12.01
C TYR A 285 -26.24 -26.88 -11.54
N THR A 286 -25.29 -26.10 -11.01
CA THR A 286 -25.71 -24.88 -10.33
C THR A 286 -26.40 -23.89 -11.27
N PRO A 287 -26.03 -23.73 -12.54
CA PRO A 287 -26.83 -22.81 -13.37
C PRO A 287 -28.27 -23.27 -13.53
N GLU A 288 -28.49 -24.56 -13.77
CA GLU A 288 -29.88 -25.00 -13.90
C GLU A 288 -30.63 -24.85 -12.58
N PHE A 289 -29.96 -25.16 -11.45
CA PHE A 289 -30.59 -24.92 -10.16
C PHE A 289 -30.98 -23.45 -10.03
N CYS A 290 -30.06 -22.54 -10.40
CA CYS A 290 -30.38 -21.10 -10.32
C CYS A 290 -31.60 -20.74 -11.16
N ARG A 291 -31.62 -21.20 -12.40
CA ARG A 291 -32.72 -20.87 -13.29
C ARG A 291 -34.06 -21.37 -12.72
N LYS A 292 -34.11 -22.64 -12.32
CA LYS A 292 -35.38 -23.22 -11.87
C LYS A 292 -35.81 -22.65 -10.53
N THR A 293 -34.85 -22.40 -9.65
CA THR A 293 -35.22 -21.86 -8.35
C THR A 293 -35.79 -20.45 -8.49
N VAL A 294 -35.16 -19.62 -9.33
CA VAL A 294 -35.65 -18.26 -9.49
C VAL A 294 -36.96 -18.26 -10.24
N GLU A 295 -37.09 -19.06 -11.29
CA GLU A 295 -38.37 -19.09 -12.01
C GLU A 295 -39.50 -19.51 -11.09
N ARG A 296 -39.25 -20.43 -10.18
CA ARG A 296 -40.33 -20.85 -9.31
C ARG A 296 -40.61 -19.81 -8.24
N ALA A 297 -39.57 -19.17 -7.69
CA ALA A 297 -39.82 -18.17 -6.66
C ALA A 297 -40.67 -17.03 -7.24
N MET A 298 -40.46 -16.70 -8.50
CA MET A 298 -41.26 -15.64 -9.13
C MET A 298 -42.75 -15.96 -9.24
N ASP A 299 -43.15 -17.18 -8.96
CA ASP A 299 -44.56 -17.53 -8.97
C ASP A 299 -45.22 -17.15 -7.65
N CYS A 300 -44.50 -16.52 -6.74
CA CYS A 300 -45.10 -15.90 -5.56
C CYS A 300 -45.36 -14.43 -5.86
N ARG A 301 -46.65 -14.03 -5.94
CA ARG A 301 -46.96 -12.67 -6.35
C ARG A 301 -46.46 -11.59 -5.38
N ASN A 302 -46.16 -11.95 -4.13
CA ASN A 302 -45.65 -10.99 -3.14
C ASN A 302 -44.14 -10.77 -3.28
N LEU A 303 -43.48 -11.53 -4.14
CA LEU A 303 -42.01 -11.46 -4.20
C LEU A 303 -41.58 -10.11 -4.78
N TRP A 304 -40.75 -9.39 -4.02
CA TRP A 304 -40.31 -8.05 -4.38
C TRP A 304 -38.95 -8.05 -5.08
N GLY A 305 -38.13 -9.05 -4.81
CA GLY A 305 -36.76 -9.04 -5.32
C GLY A 305 -36.06 -10.35 -4.99
N VAL A 306 -34.99 -10.61 -5.74
CA VAL A 306 -34.16 -11.80 -5.55
C VAL A 306 -32.72 -11.31 -5.47
N THR A 307 -32.00 -11.67 -4.38
CA THR A 307 -30.64 -11.20 -4.17
C THR A 307 -29.78 -12.44 -4.02
N TRP A 308 -28.94 -12.68 -5.02
CA TRP A 308 -28.18 -13.92 -5.06
C TRP A 308 -27.03 -13.85 -4.03
N TRP A 309 -26.74 -14.97 -3.38
CA TRP A 309 -25.56 -15.10 -2.53
C TRP A 309 -24.57 -15.96 -3.33
N CYS A 310 -23.44 -15.39 -3.81
CA CYS A 310 -22.99 -14.00 -3.59
C CYS A 310 -22.29 -13.51 -4.84
N SER A 311 -21.82 -12.27 -4.79
CA SER A 311 -21.25 -11.72 -6.03
C SER A 311 -19.93 -12.40 -6.40
N HIS A 312 -19.00 -12.54 -5.42
CA HIS A 312 -17.66 -12.96 -5.75
C HIS A 312 -17.22 -14.11 -4.86
N ASP A 313 -16.46 -15.01 -5.44
CA ASP A 313 -15.97 -16.14 -4.67
C ASP A 313 -15.14 -15.61 -3.49
N VAL A 314 -15.12 -16.38 -2.40
CA VAL A 314 -14.28 -16.09 -1.23
C VAL A 314 -12.85 -16.48 -1.56
N PRO A 315 -11.87 -15.59 -1.36
CA PRO A 315 -10.48 -15.90 -1.73
C PRO A 315 -10.02 -17.23 -1.19
N ALA A 316 -9.34 -17.98 -2.06
CA ALA A 316 -8.91 -19.33 -1.70
C ALA A 316 -7.85 -19.32 -0.59
N SER A 317 -7.15 -18.23 -0.43
CA SER A 317 -6.11 -18.13 0.62
C SER A 317 -6.72 -18.08 2.03
N MET A 318 -8.00 -17.87 2.15
CA MET A 318 -8.64 -17.65 3.45
C MET A 318 -9.23 -18.95 3.92
N GLU A 319 -8.80 -19.42 5.09
CA GLU A 319 -9.19 -20.77 5.51
C GLU A 319 -10.23 -20.76 6.62
N ASP A 320 -10.65 -21.99 7.01
CA ASP A 320 -11.66 -22.31 8.02
C ASP A 320 -13.08 -22.01 7.57
N PHE A 321 -13.29 -21.59 6.30
CA PHE A 321 -14.64 -21.58 5.75
C PHE A 321 -15.05 -23.01 5.43
N PRO A 322 -16.31 -23.38 5.67
CA PRO A 322 -16.87 -24.55 4.99
C PRO A 322 -16.49 -24.46 3.50
N PHE A 323 -15.97 -25.58 2.93
CA PHE A 323 -15.28 -25.43 1.63
C PHE A 323 -16.18 -24.78 0.58
N PHE A 324 -17.48 -25.11 0.57
CA PHE A 324 -18.35 -24.66 -0.52
C PHE A 324 -18.58 -23.15 -0.53
N GLU A 325 -18.33 -22.49 0.61
CA GLU A 325 -18.47 -21.03 0.67
C GLU A 325 -17.59 -20.34 -0.34
N HIS A 326 -16.47 -20.99 -0.71
CA HIS A 326 -15.53 -20.30 -1.57
C HIS A 326 -16.09 -20.12 -2.95
N SER A 327 -16.95 -21.04 -3.41
CA SER A 327 -17.41 -21.01 -4.79
C SER A 327 -18.84 -20.52 -4.94
N LEU A 328 -19.39 -19.84 -3.95
CA LEU A 328 -20.77 -19.35 -4.05
C LEU A 328 -20.90 -18.13 -4.95
N GLY A 329 -19.76 -17.59 -5.45
CA GLY A 329 -19.82 -16.38 -6.26
C GLY A 329 -20.50 -16.61 -7.61
N LEU A 330 -21.05 -15.49 -8.13
CA LEU A 330 -21.37 -15.41 -9.55
C LEU A 330 -20.13 -15.08 -10.39
N PHE A 331 -19.11 -14.49 -9.75
CA PHE A 331 -17.81 -14.22 -10.37
C PHE A 331 -16.76 -15.07 -9.67
N ASP A 332 -15.77 -15.54 -10.43
CA ASP A 332 -14.81 -16.46 -9.79
C ASP A 332 -13.69 -15.72 -9.09
N GLU A 333 -12.66 -16.49 -8.75
CA GLU A 333 -11.58 -15.94 -7.95
C GLU A 333 -10.73 -14.95 -8.76
N GLN A 334 -10.78 -15.01 -10.10
CA GLN A 334 -10.06 -14.02 -10.93
C GLN A 334 -10.99 -12.87 -11.33
N GLY A 335 -12.23 -12.86 -10.83
CA GLY A 335 -13.19 -11.78 -11.12
C GLY A 335 -13.94 -11.99 -12.42
N GLN A 336 -13.84 -13.17 -13.00
CA GLN A 336 -14.47 -13.48 -14.30
C GLN A 336 -15.87 -14.00 -14.04
N LEU A 337 -16.83 -13.58 -14.88
CA LEU A 337 -18.20 -14.10 -14.75
C LEU A 337 -18.23 -15.62 -14.95
N LYS A 338 -18.98 -16.33 -14.07
CA LYS A 338 -19.13 -17.79 -14.14
C LYS A 338 -20.43 -18.12 -14.85
N PRO A 339 -20.61 -19.37 -15.30
CA PRO A 339 -21.90 -19.74 -15.93
C PRO A 339 -23.10 -19.36 -15.07
N ILE A 340 -23.05 -19.58 -13.75
CA ILE A 340 -24.25 -19.23 -12.97
C ILE A 340 -24.49 -17.73 -12.98
N GLY A 341 -23.41 -16.93 -13.03
CA GLY A 341 -23.55 -15.49 -13.15
C GLY A 341 -24.21 -15.09 -14.46
N ARG A 342 -23.82 -15.71 -15.57
CA ARG A 342 -24.51 -15.48 -16.84
C ARG A 342 -26.00 -15.83 -16.72
N THR A 343 -26.30 -16.96 -16.08
CA THR A 343 -27.69 -17.37 -15.91
C THR A 343 -28.46 -16.31 -15.12
N PHE A 344 -27.89 -15.85 -14.02
CA PHE A 344 -28.64 -14.88 -13.20
C PHE A 344 -28.79 -13.55 -13.93
N GLY A 345 -27.77 -13.12 -14.69
CA GLY A 345 -27.98 -11.93 -15.55
C GLY A 345 -29.09 -12.12 -16.58
N GLU A 346 -29.16 -13.31 -17.18
CA GLU A 346 -30.21 -13.57 -18.16
C GLU A 346 -31.57 -13.55 -17.50
N LEU A 347 -31.66 -14.13 -16.29
CA LEU A 347 -32.93 -14.13 -15.57
C LEU A 347 -33.37 -12.70 -15.27
N ALA A 348 -32.43 -11.87 -14.79
CA ALA A 348 -32.78 -10.46 -14.56
C ALA A 348 -33.28 -9.80 -15.84
N ALA A 349 -32.60 -10.03 -16.97
CA ALA A 349 -33.08 -9.39 -18.20
C ALA A 349 -34.44 -9.92 -18.60
N GLN A 350 -34.72 -11.18 -18.32
CA GLN A 350 -35.98 -11.79 -18.75
C GLN A 350 -37.14 -11.37 -17.88
N TYR A 351 -36.91 -11.15 -16.60
CA TYR A 351 -37.99 -11.05 -15.64
C TYR A 351 -38.09 -9.73 -14.89
N ARG A 352 -37.11 -8.83 -15.01
CA ARG A 352 -37.19 -7.64 -14.17
C ARG A 352 -38.45 -6.83 -14.48
N SER A 353 -38.94 -6.89 -15.71
CA SER A 353 -40.19 -6.22 -16.08
C SER A 353 -41.42 -7.14 -16.16
N ALA A 354 -41.35 -8.37 -15.69
CA ALA A 354 -42.53 -9.24 -15.85
C ALA A 354 -43.67 -8.81 -14.91
N LEU A 355 -44.90 -9.10 -15.35
CA LEU A 355 -46.05 -8.85 -14.49
C LEU A 355 -46.04 -9.79 -13.30
N PRO A 356 -46.65 -9.40 -12.17
CA PRO A 356 -46.69 -10.30 -11.02
C PRO A 356 -47.45 -11.58 -11.33
N ALA A 357 -47.07 -12.63 -10.61
CA ALA A 357 -47.66 -13.93 -10.79
C ALA A 357 -49.17 -13.91 -10.50
N GLN A 358 -49.91 -14.82 -11.13
CA GLN A 358 -51.33 -14.96 -10.86
C GLN A 358 -51.59 -15.38 -9.41
N PRO A 359 -52.74 -14.98 -8.86
CA PRO A 359 -53.12 -15.47 -7.53
C PRO A 359 -53.32 -16.99 -7.53
N LYS A 360 -53.38 -17.52 -6.31
CA LYS A 360 -53.51 -18.96 -6.07
C LYS A 360 -54.84 -19.21 -5.37
N THR A 361 -55.51 -20.30 -5.74
CA THR A 361 -56.80 -20.65 -5.15
C THR A 361 -56.76 -21.88 -4.26
N VAL A 362 -55.64 -22.61 -4.23
CA VAL A 362 -55.48 -23.80 -3.39
C VAL A 362 -54.56 -23.40 -2.26
N ALA A 363 -54.94 -23.72 -1.00
CA ALA A 363 -54.08 -23.36 0.14
C ALA A 363 -53.89 -24.53 1.11
N VAL A 364 -52.65 -24.67 1.57
CA VAL A 364 -52.29 -25.44 2.76
C VAL A 364 -52.58 -24.58 3.98
N VAL A 365 -53.18 -25.17 5.00
CA VAL A 365 -53.54 -24.46 6.24
C VAL A 365 -52.58 -24.89 7.33
N ILE A 366 -52.05 -23.93 8.10
CA ILE A 366 -51.18 -24.18 9.24
C ILE A 366 -51.90 -23.72 10.51
N ASP A 367 -52.08 -24.61 11.49
CA ASP A 367 -52.69 -24.20 12.76
C ASP A 367 -51.75 -23.24 13.53
N VAL A 368 -52.31 -22.13 13.99
CA VAL A 368 -51.56 -21.14 14.73
C VAL A 368 -52.21 -20.87 16.09
N ASP A 369 -51.40 -20.29 16.98
CA ASP A 369 -51.88 -19.92 18.32
C ASP A 369 -52.55 -18.57 18.23
N GLU A 370 -53.00 -18.05 19.38
CA GLU A 370 -53.75 -16.81 19.35
C GLU A 370 -52.94 -15.68 18.73
N ALA A 371 -51.62 -15.67 18.93
CA ALA A 371 -50.78 -14.63 18.40
C ALA A 371 -50.53 -14.78 16.90
N GLY A 372 -50.83 -15.94 16.34
CA GLY A 372 -50.69 -16.19 14.90
C GLY A 372 -49.43 -16.94 14.53
N ASN A 373 -48.70 -17.50 15.53
CA ASN A 373 -47.52 -18.30 15.23
C ASN A 373 -47.91 -19.77 15.15
N PRO A 374 -47.17 -20.56 14.36
CA PRO A 374 -47.52 -21.98 14.23
C PRO A 374 -47.49 -22.69 15.57
N VAL A 375 -48.51 -23.53 15.79
CA VAL A 375 -48.50 -24.39 16.97
C VAL A 375 -47.31 -25.35 16.89
N ASN A 376 -46.97 -25.82 15.69
CA ASN A 376 -45.95 -26.85 15.46
C ASN A 376 -44.99 -26.38 14.35
N ARG A 377 -43.94 -25.61 14.71
CA ARG A 377 -42.96 -25.23 13.71
C ARG A 377 -42.17 -26.41 13.18
N SER A 378 -41.98 -27.48 13.95
CA SER A 378 -41.15 -28.59 13.48
CA SER A 378 -41.11 -28.51 13.42
C SER A 378 -41.71 -29.15 12.18
N ALA A 379 -43.05 -29.14 12.05
CA ALA A 379 -43.70 -29.69 10.86
C ALA A 379 -43.46 -28.84 9.61
N LEU A 380 -42.93 -27.62 9.74
CA LEU A 380 -42.79 -26.76 8.57
C LEU A 380 -41.47 -26.97 7.84
N GLY A 381 -40.48 -27.56 8.50
CA GLY A 381 -39.15 -27.67 7.91
C GLY A 381 -39.08 -28.81 6.91
N PRO A 382 -37.87 -28.95 6.25
CA PRO A 382 -37.62 -29.97 5.20
C PRO A 382 -38.03 -31.37 5.66
N GLY A 383 -38.96 -32.01 4.94
CA GLY A 383 -39.43 -33.36 5.28
C GLY A 383 -40.41 -33.39 6.44
N GLY A 384 -40.86 -32.22 6.91
CA GLY A 384 -41.97 -32.19 7.84
C GLY A 384 -43.28 -32.37 7.09
N SER A 385 -44.36 -32.54 7.86
CA SER A 385 -45.63 -32.87 7.22
C SER A 385 -46.17 -31.70 6.40
N VAL A 386 -46.00 -30.46 6.89
CA VAL A 386 -46.49 -29.30 6.12
C VAL A 386 -45.63 -29.11 4.86
N CYS A 387 -44.30 -29.15 5.00
CA CYS A 387 -43.43 -29.04 3.85
C CYS A 387 -43.77 -30.14 2.83
N ASP A 388 -43.91 -31.38 3.31
CA ASP A 388 -44.23 -32.49 2.40
C ASP A 388 -45.57 -32.26 1.70
N LEU A 389 -46.58 -31.80 2.45
CA LEU A 389 -47.91 -31.58 1.87
C LEU A 389 -47.85 -30.47 0.82
N TRP A 390 -47.22 -29.35 1.14
CA TRP A 390 -47.11 -28.29 0.11
C TRP A 390 -46.32 -28.78 -1.10
N MET A 391 -45.19 -29.46 -0.86
CA MET A 391 -44.41 -30.00 -1.98
C MET A 391 -45.23 -30.92 -2.86
N LYS A 392 -46.01 -31.82 -2.26
CA LYS A 392 -46.79 -32.76 -3.08
C LYS A 392 -47.77 -32.01 -3.97
N LEU A 393 -48.49 -31.03 -3.39
CA LEU A 393 -49.43 -30.25 -4.18
C LEU A 393 -48.71 -29.43 -5.27
N GLN A 394 -47.56 -28.86 -4.95
CA GLN A 394 -46.79 -28.07 -5.92
C GLN A 394 -46.29 -28.93 -7.07
N VAL A 395 -45.77 -30.14 -6.76
CA VAL A 395 -45.28 -31.07 -7.78
C VAL A 395 -46.45 -31.53 -8.64
N ALA A 396 -47.63 -31.64 -8.04
CA ALA A 396 -48.78 -32.08 -8.77
C ALA A 396 -49.39 -30.99 -9.64
N GLY A 397 -48.85 -29.77 -9.66
CA GLY A 397 -49.39 -28.72 -10.51
C GLY A 397 -50.46 -27.87 -9.85
N GLN A 398 -50.68 -27.98 -8.55
CA GLN A 398 -51.84 -27.29 -7.96
C GLN A 398 -51.52 -25.87 -7.48
N ARG A 399 -50.28 -25.41 -7.61
CA ARG A 399 -49.89 -24.05 -7.27
C ARG A 399 -50.38 -23.67 -5.87
N PRO A 400 -50.05 -24.43 -4.84
CA PRO A 400 -50.57 -24.10 -3.50
C PRO A 400 -49.95 -22.84 -2.91
N THR A 401 -50.81 -22.05 -2.22
CA THR A 401 -50.36 -21.03 -1.29
C THR A 401 -50.51 -21.57 0.14
N ILE A 402 -50.27 -20.72 1.13
CA ILE A 402 -50.29 -21.15 2.52
C ILE A 402 -51.05 -20.12 3.32
N ILE A 403 -51.93 -20.59 4.22
CA ILE A 403 -52.64 -19.65 5.07
C ILE A 403 -52.64 -20.18 6.49
N THR A 404 -52.96 -19.31 7.45
CA THR A 404 -53.11 -19.83 8.79
C THR A 404 -54.53 -20.31 9.05
N SER A 405 -54.67 -21.03 10.17
CA SER A 405 -55.99 -21.45 10.62
C SER A 405 -56.91 -20.27 10.93
N GLN A 406 -56.33 -19.13 11.32
CA GLN A 406 -57.16 -17.94 11.57
C GLN A 406 -57.84 -17.45 10.31
N VAL A 407 -57.13 -17.41 9.19
CA VAL A 407 -57.76 -17.10 7.91
C VAL A 407 -58.73 -18.21 7.52
N ALA A 408 -58.34 -19.47 7.70
CA ALA A 408 -59.16 -20.59 7.23
C ALA A 408 -60.48 -20.65 7.96
N ALA A 409 -60.53 -20.13 9.17
CA ALA A 409 -61.76 -20.12 9.95
C ALA A 409 -62.67 -18.98 9.56
N ASN A 410 -62.28 -18.12 8.62
CA ASN A 410 -63.00 -16.88 8.34
C ASN A 410 -63.42 -16.91 6.87
N GLN A 411 -64.72 -17.13 6.61
CA GLN A 411 -65.19 -17.26 5.23
C GLN A 411 -64.92 -15.99 4.42
N GLU A 412 -65.11 -14.83 5.04
CA GLU A 412 -64.90 -13.57 4.34
C GLU A 412 -63.44 -13.39 3.97
N ALA A 413 -62.53 -13.76 4.87
CA ALA A 413 -61.09 -13.64 4.61
C ALA A 413 -60.66 -14.57 3.48
N LEU A 414 -61.25 -15.77 3.41
CA LEU A 414 -60.98 -16.67 2.28
C LEU A 414 -61.52 -16.08 0.98
N ALA A 415 -62.73 -15.54 1.04
CA ALA A 415 -63.31 -14.93 -0.16
C ALA A 415 -62.48 -13.74 -0.62
N GLN A 416 -61.99 -12.93 0.30
CA GLN A 416 -61.16 -11.79 -0.10
C GLN A 416 -59.89 -12.25 -0.79
N ARG A 417 -59.36 -13.42 -0.42
CA ARG A 417 -58.14 -13.96 -1.00
C ARG A 417 -58.36 -14.83 -2.23
N GLY A 418 -59.61 -15.15 -2.56
CA GLY A 418 -59.88 -16.01 -3.71
C GLY A 418 -59.65 -17.47 -3.46
N ILE A 419 -59.54 -17.89 -2.19
CA ILE A 419 -59.14 -19.26 -1.91
C ILE A 419 -60.36 -20.15 -1.98
N LEU A 420 -60.26 -21.23 -2.77
CA LEU A 420 -61.39 -22.10 -3.06
C LEU A 420 -61.23 -23.50 -2.48
N GLU A 421 -60.05 -23.88 -2.06
CA GLU A 421 -59.82 -25.28 -1.73
C GLU A 421 -58.78 -25.35 -0.62
N LEU A 422 -59.05 -26.05 0.48
CA LEU A 422 -58.13 -26.05 1.63
C LEU A 422 -57.56 -27.44 1.86
N HIS A 423 -56.30 -27.50 2.28
CA HIS A 423 -55.65 -28.76 2.63
C HIS A 423 -55.03 -28.60 4.00
N ALA A 424 -55.58 -29.33 4.97
CA ALA A 424 -55.05 -29.29 6.33
C ALA A 424 -54.01 -30.38 6.54
N ASP A 425 -53.20 -30.23 7.57
CA ASP A 425 -52.17 -31.21 7.90
C ASP A 425 -52.84 -32.25 8.78
N GLU A 426 -53.34 -33.34 8.19
CA GLU A 426 -54.20 -34.26 8.95
C GLU A 426 -53.42 -35.10 9.96
N HIS A 427 -52.15 -35.37 9.70
CA HIS A 427 -51.37 -36.22 10.60
C HIS A 427 -49.97 -35.64 10.67
N PRO A 428 -49.73 -34.72 11.59
CA PRO A 428 -48.50 -33.93 11.51
C PRO A 428 -47.32 -34.78 11.90
N TYR A 429 -46.17 -34.39 11.38
CA TYR A 429 -44.93 -34.98 11.87
C TYR A 429 -43.80 -33.99 11.69
N ALA A 430 -42.79 -34.16 12.54
CA ALA A 430 -41.61 -33.27 12.55
C ALA A 430 -40.78 -33.39 11.28
N ALA A 431 -39.99 -32.36 11.03
CA ALA A 431 -39.11 -32.31 9.85
C ALA A 431 -38.03 -33.38 9.82
N ARG A 432 -38.24 -34.44 9.03
CA ARG A 432 -37.31 -35.57 9.01
C ARG A 432 -35.93 -35.17 8.45
N TYR A 433 -35.87 -34.20 7.55
CA TYR A 433 -34.61 -33.91 6.88
C TYR A 433 -33.86 -32.71 7.44
N TYR A 434 -34.49 -31.91 8.27
CA TYR A 434 -33.92 -30.62 8.65
C TYR A 434 -32.59 -30.81 9.36
N THR A 435 -31.59 -30.05 8.94
CA THR A 435 -30.24 -30.29 9.43
C THR A 435 -29.90 -29.51 10.69
N ALA A 436 -30.89 -28.86 11.31
CA ALA A 436 -30.71 -28.25 12.62
C ALA A 436 -31.47 -29.08 13.67
N SER B 19 10.36 38.14 12.13
CA SER B 19 10.50 37.36 10.91
C SER B 19 11.29 38.13 9.82
N HIS B 20 12.20 39.02 10.26
CA HIS B 20 13.05 39.78 9.35
C HIS B 20 13.98 38.89 8.52
N MET B 21 14.43 37.77 9.06
CA MET B 21 15.24 36.82 8.29
C MET B 21 14.47 35.51 8.22
N LYS B 22 14.33 34.91 7.02
CA LYS B 22 13.62 33.65 6.89
C LYS B 22 14.58 32.47 7.03
N PHE B 23 14.11 31.44 7.72
CA PHE B 23 14.89 30.20 7.87
C PHE B 23 14.02 29.03 7.40
N GLY B 24 14.59 28.19 6.53
CA GLY B 24 13.79 27.11 6.01
C GLY B 24 14.68 26.01 5.51
N VAL B 25 14.06 24.99 4.88
CA VAL B 25 14.83 23.83 4.40
C VAL B 25 14.35 23.46 3.01
N ASN B 26 15.27 22.91 2.25
CA ASN B 26 14.94 22.22 1.01
C ASN B 26 14.43 20.86 1.42
N TYR B 27 13.16 20.56 1.08
CA TYR B 27 12.49 19.39 1.67
C TYR B 27 12.78 18.15 0.81
N THR B 28 13.47 17.18 1.39
CA THR B 28 13.72 15.88 0.76
C THR B 28 12.82 14.90 1.53
N PRO B 29 11.82 14.31 0.88
CA PRO B 29 10.89 13.42 1.60
C PRO B 29 11.68 12.28 2.22
N SER B 30 11.41 12.02 3.49
CA SER B 30 12.27 11.04 4.18
C SER B 30 12.04 9.64 3.67
N HIS B 31 10.80 9.32 3.32
CA HIS B 31 10.47 8.06 2.71
C HIS B 31 10.41 8.28 1.20
N GLY B 32 11.38 7.72 0.46
CA GLY B 32 11.32 7.78 -0.99
C GLY B 32 12.12 8.89 -1.65
N TRP B 33 12.60 9.89 -0.92
CA TRP B 33 13.32 11.03 -1.57
C TRP B 33 12.35 11.61 -2.62
N PHE B 34 12.85 12.08 -3.77
CA PHE B 34 11.94 12.59 -4.79
C PHE B 34 11.33 11.47 -5.62
N HIS B 35 11.65 10.21 -5.35
CA HIS B 35 10.84 9.11 -5.91
C HIS B 35 9.53 8.98 -5.15
N ALA B 36 9.37 9.76 -4.05
CA ALA B 36 8.10 9.75 -3.34
C ALA B 36 6.94 10.12 -4.26
N TRP B 37 7.20 10.95 -5.26
CA TRP B 37 6.10 11.37 -6.10
C TRP B 37 5.47 10.21 -6.83
N LEU B 38 6.17 9.10 -7.04
CA LEU B 38 5.52 7.97 -7.70
C LEU B 38 4.46 7.29 -6.81
N ASP B 39 4.54 7.44 -5.51
CA ASP B 39 3.50 6.90 -4.65
C ASP B 39 3.58 7.56 -3.28
N PRO B 40 3.04 8.76 -3.14
CA PRO B 40 3.34 9.56 -1.95
C PRO B 40 2.84 8.91 -0.66
N ASP B 41 3.70 8.82 0.34
CA ASP B 41 3.31 8.38 1.68
C ASP B 41 2.83 9.65 2.38
N TRP B 42 1.52 9.93 2.29
CA TRP B 42 1.06 11.22 2.77
C TRP B 42 1.19 11.33 4.29
N ASP B 43 0.95 10.24 5.04
CA ASP B 43 1.16 10.40 6.49
C ASP B 43 2.65 10.66 6.82
N GLY B 44 3.58 10.06 6.07
CA GLY B 44 4.99 10.32 6.30
C GLY B 44 5.39 11.73 5.88
N ILE B 45 4.83 12.21 4.77
CA ILE B 45 5.08 13.58 4.30
C ILE B 45 4.54 14.58 5.33
N ASP B 46 3.36 14.31 5.85
CA ASP B 46 2.82 15.15 6.90
C ASP B 46 3.75 15.13 8.11
N ASN B 47 4.19 13.95 8.52
CA ASN B 47 5.06 13.89 9.68
C ASN B 47 6.38 14.64 9.41
N ASP B 48 6.98 14.44 8.23
CA ASP B 48 8.19 15.19 7.87
C ASP B 48 8.00 16.70 8.07
N LEU B 49 6.95 17.27 7.46
CA LEU B 49 6.70 18.70 7.52
C LEU B 49 6.34 19.14 8.94
N LYS B 50 5.69 18.29 9.74
CA LYS B 50 5.49 18.59 11.15
C LYS B 50 6.83 18.73 11.86
N GLN B 51 7.77 17.80 11.61
CA GLN B 51 9.08 17.90 12.30
C GLN B 51 9.82 19.16 11.90
N ILE B 52 9.76 19.50 10.62
CA ILE B 52 10.42 20.70 10.09
C ILE B 52 9.83 21.94 10.73
N SER B 53 8.51 21.99 10.85
CA SER B 53 7.89 23.14 11.51
C SER B 53 8.33 23.23 12.98
N GLU B 54 8.36 22.09 13.66
CA GLU B 54 8.66 22.12 15.09
C GLU B 54 10.12 22.49 15.36
N LEU B 55 10.98 22.36 14.37
CA LEU B 55 12.37 22.83 14.47
C LEU B 55 12.44 24.35 14.43
N GLY B 56 11.37 25.02 14.05
CA GLY B 56 11.36 26.46 13.99
C GLY B 56 11.56 27.00 12.58
N MET B 57 11.44 26.15 11.54
CA MET B 57 11.53 26.65 10.17
C MET B 57 10.25 27.36 9.84
N ASP B 58 10.35 28.33 8.91
CA ASP B 58 9.17 29.00 8.47
C ASP B 58 8.83 28.71 7.01
N HIS B 59 9.69 28.01 6.29
CA HIS B 59 9.34 27.69 4.92
C HIS B 59 10.05 26.41 4.48
N VAL B 60 9.51 25.85 3.41
CA VAL B 60 10.12 24.74 2.71
C VAL B 60 10.19 25.07 1.24
N ARG B 61 11.19 24.46 0.56
CA ARG B 61 11.28 24.49 -0.90
C ARG B 61 11.08 23.05 -1.38
N ILE B 62 10.19 22.87 -2.38
CA ILE B 62 9.78 21.51 -2.77
C ILE B 62 10.01 21.27 -4.26
N PHE B 63 10.20 20.00 -4.62
CA PHE B 63 10.81 19.63 -5.92
C PHE B 63 10.00 18.53 -6.60
N PRO B 64 8.99 18.89 -7.37
CA PRO B 64 8.35 17.92 -8.27
C PRO B 64 9.31 17.53 -9.40
N ILE B 65 8.86 16.55 -10.18
CA ILE B 65 9.71 15.96 -11.20
C ILE B 65 9.05 16.24 -12.56
N TRP B 66 9.77 16.94 -13.43
CA TRP B 66 9.21 17.44 -14.69
C TRP B 66 8.64 16.34 -15.55
N PRO B 67 9.35 15.22 -15.80
CA PRO B 67 8.74 14.20 -16.66
C PRO B 67 7.55 13.53 -16.04
N TYR B 68 7.31 13.66 -14.73
CA TYR B 68 6.04 13.10 -14.20
C TYR B 68 4.93 14.11 -14.39
N LEU B 69 5.25 15.39 -14.38
CA LEU B 69 4.20 16.40 -14.59
C LEU B 69 3.83 16.55 -16.05
N GLN B 70 4.79 16.38 -16.95
CA GLN B 70 4.60 16.72 -18.36
C GLN B 70 5.28 15.66 -19.23
N PRO B 71 4.71 14.45 -19.27
CA PRO B 71 5.39 13.32 -19.92
C PRO B 71 5.34 13.42 -21.43
N ASN B 72 4.42 14.20 -21.98
CA ASN B 72 4.28 14.48 -23.41
C ASN B 72 4.22 16.01 -23.50
N ARG B 73 4.76 16.56 -24.60
CA ARG B 73 4.87 18.03 -24.70
C ARG B 73 3.51 18.70 -24.50
N THR B 74 2.44 18.03 -24.91
CA THR B 74 1.11 18.62 -24.84
C THR B 74 0.15 17.83 -23.96
N TRP B 75 0.68 17.15 -22.93
CA TRP B 75 -0.16 16.38 -22.00
C TRP B 75 0.41 16.57 -20.60
N ILE B 76 -0.34 17.24 -19.74
CA ILE B 76 0.09 17.50 -18.38
C ILE B 76 -0.71 16.58 -17.46
N ASN B 77 -0.01 15.97 -16.53
CA ASN B 77 -0.52 14.96 -15.60
C ASN B 77 -1.22 15.71 -14.47
N LYS B 78 -2.54 15.76 -14.53
CA LYS B 78 -3.32 16.52 -13.55
C LYS B 78 -3.21 15.94 -12.15
N LYS B 79 -3.06 14.63 -12.05
CA LYS B 79 -2.89 14.07 -10.69
C LYS B 79 -1.52 14.47 -10.10
N GLY B 80 -0.47 14.47 -10.93
CA GLY B 80 0.83 14.99 -10.45
C GLY B 80 0.74 16.44 -9.97
N VAL B 81 0.04 17.30 -10.73
CA VAL B 81 -0.17 18.68 -10.26
C VAL B 81 -0.91 18.69 -8.92
N ALA B 82 -1.94 17.85 -8.77
CA ALA B 82 -2.72 17.81 -7.53
C ALA B 82 -1.85 17.37 -6.36
N ASP B 83 -0.91 16.46 -6.60
CA ASP B 83 -0.03 16.02 -5.52
C ASP B 83 0.90 17.13 -5.09
N VAL B 84 1.38 17.96 -6.02
CA VAL B 84 2.21 19.10 -5.61
C VAL B 84 1.36 20.04 -4.76
N ARG B 85 0.12 20.30 -5.21
CA ARG B 85 -0.77 21.19 -4.44
C ARG B 85 -1.02 20.60 -3.07
N ARG B 86 -1.16 19.27 -2.97
CA ARG B 86 -1.40 18.67 -1.65
C ARG B 86 -0.18 18.83 -0.74
N MET B 87 1.04 18.64 -1.29
CA MET B 87 2.20 18.83 -0.44
C MET B 87 2.27 20.27 0.06
N VAL B 88 1.96 21.24 -0.80
CA VAL B 88 1.94 22.64 -0.38
C VAL B 88 0.90 22.84 0.72
N HIS B 89 -0.26 22.21 0.53
CA HIS B 89 -1.37 22.35 1.48
C HIS B 89 -0.99 21.81 2.86
N ILE B 90 -0.29 20.69 2.86
CA ILE B 90 0.15 20.09 4.13
C ILE B 90 1.23 20.96 4.78
N ALA B 91 2.18 21.50 3.99
CA ALA B 91 3.13 22.47 4.56
C ALA B 91 2.39 23.58 5.28
N GLY B 92 1.36 24.10 4.62
CA GLY B 92 0.62 25.18 5.24
C GLY B 92 -0.13 24.77 6.49
N GLU B 93 -0.61 23.50 6.55
CA GLU B 93 -1.24 23.03 7.78
C GLU B 93 -0.25 22.98 8.94
N HIS B 94 1.05 22.95 8.66
CA HIS B 94 2.06 23.02 9.72
C HIS B 94 2.70 24.40 9.84
N GLY B 95 2.05 25.42 9.29
CA GLY B 95 2.55 26.77 9.49
C GLY B 95 3.80 27.06 8.67
N LEU B 96 4.03 26.34 7.58
CA LEU B 96 5.15 26.60 6.67
C LEU B 96 4.70 27.26 5.37
N ASP B 97 5.43 28.29 4.94
CA ASP B 97 5.29 28.75 3.56
C ASP B 97 6.00 27.81 2.63
N ALA B 98 5.51 27.72 1.37
CA ALA B 98 6.03 26.74 0.41
C ALA B 98 6.48 27.44 -0.85
N TYR B 99 7.71 27.07 -1.30
CA TYR B 99 8.27 27.55 -2.55
C TYR B 99 8.43 26.31 -3.42
N VAL B 100 8.00 26.38 -4.68
CA VAL B 100 7.96 25.21 -5.55
C VAL B 100 8.85 25.46 -6.77
N ASP B 101 9.74 24.51 -7.05
CA ASP B 101 10.54 24.52 -8.27
C ASP B 101 9.84 23.67 -9.31
N VAL B 102 9.87 24.07 -10.58
CA VAL B 102 9.16 23.21 -11.58
C VAL B 102 10.08 22.29 -12.38
N PHE B 103 11.06 22.84 -13.09
CA PHE B 103 11.78 22.02 -14.09
C PHE B 103 12.96 21.27 -13.47
N GLN B 104 12.65 20.20 -12.74
CA GLN B 104 13.65 19.17 -12.36
C GLN B 104 13.42 18.00 -13.32
N GLY B 105 14.31 17.83 -14.30
CA GLY B 105 15.57 18.59 -14.39
C GLY B 105 16.56 17.99 -13.43
N HIS B 106 17.39 18.83 -12.84
CA HIS B 106 18.57 18.38 -12.10
C HIS B 106 18.34 18.29 -10.59
N LEU B 107 18.64 17.10 -10.02
CA LEU B 107 18.59 16.90 -8.55
C LEU B 107 19.73 15.96 -8.18
N SER B 108 20.69 16.48 -7.40
CA SER B 108 21.71 15.68 -6.75
C SER B 108 22.35 14.66 -7.69
N SER B 109 22.89 15.17 -8.81
CA SER B 109 23.67 14.47 -9.82
C SER B 109 22.81 13.77 -10.85
N PHE B 110 21.49 13.72 -10.68
CA PHE B 110 20.57 13.06 -11.64
C PHE B 110 19.80 14.08 -12.46
N ASP B 111 19.58 13.78 -13.74
CA ASP B 111 18.72 14.61 -14.58
C ASP B 111 17.47 13.81 -14.94
N PHE B 112 16.32 14.41 -14.73
CA PHE B 112 15.00 13.82 -15.01
C PHE B 112 14.45 14.59 -16.19
N LEU B 113 14.60 14.04 -17.38
CA LEU B 113 14.21 14.81 -18.58
C LEU B 113 13.06 14.14 -19.28
N PRO B 114 12.13 14.89 -19.85
CA PRO B 114 10.98 14.26 -20.52
C PRO B 114 11.45 13.55 -21.79
N SER B 115 10.75 12.46 -22.14
CA SER B 115 11.18 11.72 -23.30
C SER B 115 11.04 12.55 -24.57
N TRP B 116 10.23 13.62 -24.55
CA TRP B 116 10.08 14.39 -25.78
C TRP B 116 11.18 15.42 -25.96
N LEU B 117 12.26 15.33 -25.16
CA LEU B 117 13.41 16.20 -25.33
C LEU B 117 14.71 15.43 -25.45
N VAL B 118 14.67 14.09 -25.54
CA VAL B 118 15.89 13.29 -25.53
C VAL B 118 15.85 12.30 -26.69
N THR B 119 17.03 11.71 -26.94
CA THR B 119 17.31 10.73 -27.98
C THR B 119 16.65 11.09 -29.32
N TRP B 120 15.75 10.21 -29.82
CA TRP B 120 15.06 10.51 -31.09
C TRP B 120 14.36 11.86 -31.10
N HIS B 121 14.02 12.39 -29.92
CA HIS B 121 13.34 13.68 -29.77
C HIS B 121 14.25 14.75 -29.16
N ALA B 122 15.57 14.57 -29.24
CA ALA B 122 16.49 15.53 -28.62
C ALA B 122 16.16 16.96 -29.05
N GLY B 123 15.95 17.83 -28.08
CA GLY B 123 15.63 19.21 -28.38
C GLY B 123 16.34 20.11 -27.38
N ASN B 124 16.12 21.39 -27.54
CA ASN B 124 16.83 22.38 -26.74
C ASN B 124 15.76 23.08 -25.92
N MET B 125 15.78 22.87 -24.58
CA MET B 125 14.66 23.42 -23.81
C MET B 125 14.72 24.94 -23.67
N PHE B 126 15.84 25.56 -24.07
CA PHE B 126 15.98 27.01 -24.01
C PHE B 126 15.63 27.73 -25.31
N THR B 127 15.82 27.07 -26.44
CA THR B 127 15.74 27.77 -27.72
C THR B 127 14.73 27.15 -28.68
N ASP B 128 14.22 25.96 -28.41
CA ASP B 128 13.19 25.39 -29.26
C ASP B 128 11.85 26.03 -28.93
N ALA B 129 11.21 26.65 -29.91
CA ALA B 129 9.99 27.40 -29.58
C ALA B 129 8.89 26.50 -29.04
N ASP B 130 8.70 25.31 -29.64
CA ASP B 130 7.69 24.35 -29.13
C ASP B 130 7.96 23.96 -27.67
N ALA B 131 9.23 23.79 -27.31
CA ALA B 131 9.52 23.42 -25.92
C ALA B 131 9.23 24.60 -24.99
N VAL B 132 9.60 25.81 -25.40
CA VAL B 132 9.39 26.92 -24.52
C VAL B 132 7.89 27.16 -24.31
N ALA B 133 7.08 26.96 -25.35
CA ALA B 133 5.65 27.13 -25.17
C ALA B 133 5.10 26.08 -24.20
N ALA B 134 5.60 24.83 -24.30
CA ALA B 134 5.15 23.79 -23.38
C ALA B 134 5.60 24.11 -21.96
N GLU B 135 6.83 24.60 -21.81
CA GLU B 135 7.31 25.02 -20.48
C GLU B 135 6.44 26.13 -19.93
N ARG B 136 6.08 27.11 -20.77
CA ARG B 136 5.21 28.18 -20.28
C ARG B 136 3.85 27.61 -19.86
N GLU B 137 3.30 26.66 -20.62
CA GLU B 137 2.02 26.09 -20.24
C GLU B 137 2.09 25.38 -18.88
N LEU B 138 3.18 24.66 -18.63
CA LEU B 138 3.31 23.99 -17.32
C LEU B 138 3.47 25.01 -16.19
N VAL B 139 4.31 26.04 -16.39
CA VAL B 139 4.41 27.09 -15.36
C VAL B 139 3.02 27.71 -15.11
N LYS B 140 2.29 27.99 -16.20
CA LYS B 140 0.99 28.63 -15.99
C LYS B 140 0.07 27.71 -15.22
N THR B 141 0.05 26.42 -15.62
CA THR B 141 -0.82 25.45 -14.95
C THR B 141 -0.46 25.35 -13.46
N MET B 142 0.82 25.21 -13.16
CA MET B 142 1.27 25.08 -11.76
C MET B 142 0.95 26.35 -10.98
N THR B 143 1.25 27.52 -11.56
CA THR B 143 0.98 28.77 -10.86
C THR B 143 -0.52 28.94 -10.59
N ASP B 144 -1.37 28.65 -11.58
CA ASP B 144 -2.80 28.86 -11.36
C ASP B 144 -3.33 27.95 -10.27
N GLU B 145 -2.89 26.71 -10.25
CA GLU B 145 -3.41 25.77 -9.26
C GLU B 145 -2.79 26.01 -7.89
N LEU B 146 -1.49 26.25 -7.80
CA LEU B 146 -0.89 26.47 -6.49
C LEU B 146 -1.30 27.79 -5.88
N SER B 147 -1.69 28.77 -6.71
CA SER B 147 -2.12 30.03 -6.11
C SER B 147 -3.41 29.88 -5.34
N LYS B 148 -4.11 28.76 -5.47
CA LYS B 148 -5.26 28.47 -4.63
C LYS B 148 -4.89 28.16 -3.19
N GLU B 149 -3.62 27.91 -2.93
CA GLU B 149 -3.12 27.59 -1.57
C GLU B 149 -2.56 28.83 -0.92
N PRO B 150 -3.07 29.29 0.23
CA PRO B 150 -2.46 30.44 0.90
C PRO B 150 -0.97 30.23 1.20
N ALA B 151 -0.54 29.01 1.41
CA ALA B 151 0.86 28.76 1.78
C ALA B 151 1.81 28.88 0.60
N PHE B 152 1.30 28.86 -0.63
CA PHE B 152 2.16 29.01 -1.81
C PHE B 152 2.69 30.42 -1.89
N LYS B 153 4.02 30.58 -1.71
CA LYS B 153 4.65 31.88 -1.71
C LYS B 153 5.65 32.11 -2.84
N GLY B 154 5.98 31.14 -3.69
CA GLY B 154 6.91 31.45 -4.73
C GLY B 154 7.11 30.28 -5.66
N LEU B 155 7.33 30.58 -6.93
CA LEU B 155 7.60 29.58 -7.95
C LEU B 155 9.03 29.84 -8.46
N THR B 156 9.90 28.84 -8.39
CA THR B 156 11.24 28.94 -8.97
C THR B 156 11.19 28.13 -10.28
N LEU B 157 11.66 28.69 -11.39
CA LEU B 157 11.46 27.96 -12.65
C LEU B 157 11.99 26.53 -12.53
N GLY B 158 13.18 26.37 -11.97
CA GLY B 158 13.66 25.01 -11.71
C GLY B 158 14.97 25.11 -10.94
N ASN B 159 15.47 23.95 -10.53
CA ASN B 159 16.68 23.87 -9.72
C ASN B 159 17.91 23.89 -10.64
N GLU B 160 18.73 24.94 -10.54
CA GLU B 160 20.04 25.00 -11.23
C GLU B 160 19.86 24.75 -12.72
N VAL B 161 18.93 25.50 -13.30
CA VAL B 161 18.53 25.21 -14.68
C VAL B 161 19.66 25.51 -15.63
N ASN B 162 20.66 26.29 -15.18
CA ASN B 162 21.74 26.57 -16.11
C ASN B 162 22.63 25.36 -16.35
N GLN B 163 22.53 24.32 -15.52
CA GLN B 163 23.49 23.23 -15.66
C GLN B 163 23.33 22.53 -16.99
N LEU B 164 22.20 22.65 -17.61
CA LEU B 164 22.00 22.04 -18.93
C LEU B 164 22.49 22.89 -20.09
N SER B 165 22.92 24.12 -19.87
CA SER B 165 23.11 25.05 -20.98
C SER B 165 24.54 25.12 -21.48
N ASP B 166 25.48 24.38 -20.88
CA ASP B 166 26.89 24.65 -21.19
C ASP B 166 27.69 23.39 -20.86
N ARG B 167 28.94 23.33 -21.37
CA ARG B 167 29.95 22.39 -20.84
C ARG B 167 30.04 22.51 -19.32
N PRO B 168 30.36 21.42 -18.56
CA PRO B 168 30.62 20.07 -19.09
C PRO B 168 29.38 19.17 -19.19
N HIS B 169 28.17 19.71 -19.28
CA HIS B 169 27.05 18.80 -19.37
C HIS B 169 27.19 17.86 -20.58
N PRO B 170 26.94 16.56 -20.42
CA PRO B 170 27.23 15.63 -21.53
C PRO B 170 26.20 15.65 -22.65
N THR B 171 25.03 16.24 -22.44
CA THR B 171 24.04 16.40 -23.50
C THR B 171 23.56 17.84 -23.50
N LYS B 172 24.51 18.75 -23.64
CA LYS B 172 24.18 20.14 -23.38
C LYS B 172 23.18 20.68 -24.40
N MET B 173 22.36 21.61 -23.93
CA MET B 173 21.40 22.38 -24.72
C MET B 173 21.97 23.80 -24.79
N SER B 174 22.84 24.02 -25.78
CA SER B 174 23.59 25.26 -25.85
C SER B 174 22.71 26.45 -26.11
N ALA B 175 23.17 27.63 -25.64
CA ALA B 175 22.41 28.85 -25.82
C ALA B 175 23.36 30.01 -25.64
N THR B 176 23.09 31.12 -26.34
CA THR B 176 23.79 32.36 -26.04
C THR B 176 23.14 33.06 -24.86
N ASP B 177 23.84 34.08 -24.34
CA ASP B 177 23.23 34.81 -23.25
C ASP B 177 21.97 35.55 -23.68
N ARG B 178 21.91 36.04 -24.93
CA ARG B 178 20.70 36.72 -25.42
C ARG B 178 19.54 35.72 -25.50
N GLN B 179 19.83 34.45 -25.87
CA GLN B 179 18.78 33.42 -25.90
C GLN B 179 18.32 33.11 -24.48
N ILE B 180 19.25 33.12 -23.52
CA ILE B 180 18.82 32.89 -22.14
C ILE B 180 18.01 34.06 -21.61
N ASP B 181 18.41 35.30 -21.95
CA ASP B 181 17.51 36.43 -21.62
C ASP B 181 16.11 36.17 -22.15
N ALA B 182 16.01 35.78 -23.43
CA ALA B 182 14.69 35.59 -24.02
C ALA B 182 13.93 34.46 -23.31
N TRP B 183 14.64 33.39 -22.94
CA TRP B 183 14.01 32.27 -22.24
C TRP B 183 13.47 32.69 -20.88
N LEU B 184 14.28 33.40 -20.08
CA LEU B 184 13.80 33.91 -18.80
C LEU B 184 12.61 34.84 -19.00
N ASP B 185 12.69 35.72 -20.00
CA ASP B 185 11.60 36.66 -20.25
C ASP B 185 10.34 35.96 -20.75
N ALA B 186 10.48 34.83 -21.43
CA ALA B 186 9.32 34.07 -21.88
C ALA B 186 8.63 33.34 -20.72
N LEU B 187 9.36 32.98 -19.67
CA LEU B 187 8.77 32.12 -18.66
C LEU B 187 8.42 32.89 -17.40
N LEU B 188 9.28 33.80 -16.97
CA LEU B 188 9.05 34.40 -15.66
C LEU B 188 7.71 35.14 -15.57
N PRO B 189 7.24 35.86 -16.59
CA PRO B 189 5.95 36.56 -16.42
C PRO B 189 4.79 35.60 -16.17
N THR B 190 4.91 34.40 -16.67
CA THR B 190 3.83 33.44 -16.47
C THR B 190 3.82 32.87 -15.06
N ALA B 191 4.98 32.87 -14.39
CA ALA B 191 5.00 32.47 -13.00
C ALA B 191 4.50 33.59 -12.08
N ALA B 192 4.27 34.80 -12.58
CA ALA B 192 3.95 35.89 -11.64
C ALA B 192 2.47 35.86 -11.25
N GLY B 193 2.17 36.44 -10.09
CA GLY B 193 0.78 36.67 -9.72
C GLY B 193 0.74 37.10 -8.28
N GLU B 194 -0.42 37.62 -7.86
CA GLU B 194 -0.51 38.21 -6.53
C GLU B 194 -0.38 37.13 -5.47
N GLY B 195 0.40 37.41 -4.45
CA GLY B 195 0.56 36.49 -3.33
C GLY B 195 1.80 35.60 -3.38
N HIS B 196 2.60 35.66 -4.45
CA HIS B 196 3.78 34.80 -4.53
C HIS B 196 4.82 35.46 -5.43
N ASN B 197 6.06 34.99 -5.32
CA ASN B 197 7.25 35.47 -6.03
C ASN B 197 7.46 34.63 -7.28
N ALA B 198 8.25 35.16 -8.22
CA ALA B 198 8.71 34.42 -9.38
C ALA B 198 10.22 34.50 -9.40
N LEU B 199 10.89 33.37 -9.51
CA LEU B 199 12.33 33.24 -9.32
C LEU B 199 12.85 32.23 -10.33
N TYR B 200 14.18 32.12 -10.43
CA TYR B 200 14.78 30.91 -11.01
C TYR B 200 16.06 30.67 -10.23
N SER B 201 16.74 29.56 -10.49
CA SER B 201 17.97 29.29 -9.72
C SER B 201 19.02 28.69 -10.65
N VAL B 202 20.29 28.86 -10.25
CA VAL B 202 21.46 28.49 -11.03
C VAL B 202 22.54 27.93 -10.11
N ASN B 203 23.44 27.12 -10.70
CA ASN B 203 24.66 26.82 -9.95
C ASN B 203 25.70 27.92 -10.18
N ASP B 204 26.83 27.84 -9.43
CA ASP B 204 27.74 28.99 -9.39
C ASP B 204 28.57 29.19 -10.64
N GLY B 205 28.43 28.34 -11.66
CA GLY B 205 29.03 28.67 -12.95
C GLY B 205 28.58 30.02 -13.50
N THR B 206 27.40 30.49 -13.06
CA THR B 206 26.90 31.80 -13.49
C THR B 206 27.89 32.92 -13.17
N TRP B 207 28.52 32.83 -11.98
CA TRP B 207 29.46 33.88 -11.59
C TRP B 207 30.88 33.51 -11.92
N PHE B 208 31.19 32.22 -12.11
CA PHE B 208 32.60 31.82 -12.10
C PHE B 208 33.13 31.33 -13.44
N ILE B 209 32.27 31.17 -14.44
CA ILE B 209 32.69 30.61 -15.73
C ILE B 209 32.55 31.65 -16.83
N ASP B 210 33.66 32.04 -17.44
CA ASP B 210 33.55 32.99 -18.53
C ASP B 210 32.78 32.41 -19.71
N GLY B 211 31.98 33.25 -20.33
CA GLY B 211 31.22 32.84 -21.46
C GLY B 211 29.99 32.01 -21.13
N HIS B 212 29.74 31.72 -19.88
CA HIS B 212 28.56 30.91 -19.55
C HIS B 212 27.31 31.74 -19.82
N PRO B 213 26.28 31.15 -20.43
CA PRO B 213 25.22 32.04 -20.94
C PRO B 213 24.20 32.47 -19.89
N PHE B 214 24.16 31.82 -18.73
CA PHE B 214 23.50 32.41 -17.56
C PHE B 214 24.47 33.35 -16.90
N THR B 215 24.02 34.59 -16.63
CA THR B 215 24.95 35.65 -16.25
C THR B 215 24.62 36.28 -14.91
N PRO B 216 25.59 36.96 -14.32
CA PRO B 216 25.32 37.65 -13.07
C PRO B 216 24.26 38.74 -13.20
N VAL B 217 24.25 39.46 -14.31
CA VAL B 217 23.23 40.47 -14.44
C VAL B 217 21.86 39.84 -14.49
N GLN B 218 21.70 38.73 -15.23
CA GLN B 218 20.40 38.08 -15.23
C GLN B 218 19.97 37.72 -13.81
N SER B 219 20.89 37.12 -13.04
CA SER B 219 20.52 36.64 -11.69
C SER B 219 20.09 37.77 -10.81
N ALA B 220 20.66 38.96 -11.00
CA ALA B 220 20.38 40.10 -10.13
C ALA B 220 19.32 41.04 -10.72
N THR B 221 18.65 40.69 -11.82
CA THR B 221 17.67 41.58 -12.40
C THR B 221 16.39 40.82 -12.78
N LYS B 222 16.47 39.53 -13.07
CA LYS B 222 15.30 38.79 -13.52
C LYS B 222 14.68 38.00 -12.38
N GLY B 223 13.34 37.94 -12.37
CA GLY B 223 12.65 37.36 -11.23
C GLY B 223 12.77 38.33 -10.04
N ASP B 224 12.21 37.95 -8.89
CA ASP B 224 12.00 38.92 -7.80
C ASP B 224 13.16 39.02 -6.81
N MET B 225 14.04 38.02 -6.75
CA MET B 225 15.15 38.06 -5.81
C MET B 225 16.36 37.44 -6.48
N THR B 226 17.55 37.82 -6.02
CA THR B 226 18.82 37.22 -6.48
C THR B 226 19.05 35.89 -5.76
N VAL B 227 18.97 34.78 -6.49
CA VAL B 227 18.98 33.45 -5.88
C VAL B 227 20.36 32.83 -6.02
N ILE B 228 20.94 32.36 -4.90
CA ILE B 228 22.25 31.74 -4.93
C ILE B 228 22.20 30.42 -4.17
N HIS B 229 23.08 29.48 -4.58
CA HIS B 229 23.25 28.18 -3.90
C HIS B 229 24.73 28.09 -3.53
N SER B 230 25.03 27.92 -2.25
CA SER B 230 26.40 28.03 -1.75
C SER B 230 26.94 26.66 -1.36
N TRP B 231 27.91 26.14 -2.14
CA TRP B 231 28.43 24.79 -1.94
C TRP B 231 29.95 24.83 -1.86
N VAL B 232 30.53 24.56 -0.69
CA VAL B 232 31.99 24.73 -0.60
C VAL B 232 32.79 23.56 -1.16
N PHE B 233 32.13 22.51 -1.70
CA PHE B 233 32.93 21.53 -2.43
C PHE B 233 33.34 22.03 -3.81
N ASN B 234 33.00 23.28 -4.16
CA ASN B 234 33.42 23.86 -5.45
C ASN B 234 34.87 24.31 -5.47
N GLY B 235 35.70 23.92 -4.49
CA GLY B 235 37.09 24.38 -4.41
C GLY B 235 37.34 25.30 -3.23
N ILE B 236 36.29 25.89 -2.66
CA ILE B 236 36.46 26.73 -1.47
C ILE B 236 37.08 25.92 -0.33
N ALA B 237 36.45 24.80 0.02
CA ALA B 237 36.99 24.03 1.15
C ALA B 237 38.35 23.44 0.77
N GLN B 238 38.49 22.87 -0.46
CA GLN B 238 39.76 22.21 -0.81
C GLN B 238 40.90 23.21 -0.81
N GLY B 239 40.62 24.40 -1.33
CA GLY B 239 41.70 25.33 -1.55
C GLY B 239 42.05 26.14 -0.32
N TYR B 240 41.04 26.77 0.31
CA TYR B 240 41.30 27.59 1.51
C TYR B 240 41.40 26.75 2.76
N GLY B 241 40.85 25.50 2.71
CA GLY B 241 40.91 24.59 3.85
C GLY B 241 39.53 24.47 4.51
N ALA B 242 39.15 23.25 4.82
CA ALA B 242 37.81 22.97 5.30
C ALA B 242 37.44 23.84 6.50
N THR B 243 38.36 23.97 7.47
CA THR B 243 38.01 24.69 8.71
C THR B 243 38.39 26.16 8.65
N SER B 244 38.84 26.64 7.50
CA SER B 244 39.37 27.99 7.44
C SER B 244 38.25 29.04 7.59
N GLU B 245 38.66 30.25 7.96
CA GLU B 245 37.72 31.36 8.03
C GLU B 245 37.19 31.69 6.64
N GLU B 246 38.04 31.51 5.60
CA GLU B 246 37.56 31.75 4.25
C GLU B 246 36.42 30.82 3.91
N CYS B 247 36.60 29.52 4.23
CA CYS B 247 35.57 28.57 3.89
C CYS B 247 34.26 28.95 4.58
N SER B 248 34.32 29.35 5.87
CA SER B 248 32.99 29.60 6.44
C SER B 248 32.47 31.01 6.13
N SER B 249 33.24 31.82 5.41
CA SER B 249 32.81 33.12 4.94
C SER B 249 32.28 33.06 3.50
N TYR B 250 32.26 31.86 2.89
CA TYR B 250 31.98 31.79 1.45
C TYR B 250 30.51 32.15 1.15
N ALA B 251 29.56 31.68 1.98
CA ALA B 251 28.16 32.05 1.68
C ALA B 251 27.98 33.56 1.67
N LEU B 252 28.64 34.25 2.60
CA LEU B 252 28.62 35.71 2.61
C LEU B 252 29.27 36.29 1.36
N TYR B 253 30.44 35.73 0.95
CA TYR B 253 31.07 36.21 -0.29
C TYR B 253 30.10 36.08 -1.46
N LEU B 254 29.46 34.90 -1.60
CA LEU B 254 28.57 34.70 -2.73
C LEU B 254 27.39 35.67 -2.68
N ALA B 255 26.85 35.92 -1.49
CA ALA B 255 25.76 36.91 -1.42
C ALA B 255 26.22 38.30 -1.80
N GLU B 256 27.34 38.76 -1.23
CA GLU B 256 27.85 40.08 -1.60
C GLU B 256 28.14 40.15 -3.08
N LEU B 257 28.69 39.07 -3.64
CA LEU B 257 29.09 39.08 -5.06
C LEU B 257 27.86 39.15 -5.95
N ALA B 258 26.87 38.30 -5.67
CA ALA B 258 25.73 38.20 -6.57
C ALA B 258 24.94 39.48 -6.56
N LYS B 259 24.78 40.11 -5.40
CA LYS B 259 23.98 41.34 -5.42
C LYS B 259 24.72 42.53 -6.07
N ALA B 260 26.05 42.44 -6.27
CA ALA B 260 26.81 43.54 -6.85
C ALA B 260 26.33 43.83 -8.26
N PHE B 261 25.73 42.86 -8.93
CA PHE B 261 25.44 43.07 -10.36
C PHE B 261 24.03 43.56 -10.65
N GLY B 262 23.24 43.81 -9.64
CA GLY B 262 21.90 44.34 -9.87
C GLY B 262 21.97 45.85 -9.99
N LYS B 263 21.06 46.44 -10.76
CA LYS B 263 20.94 47.89 -10.67
C LYS B 263 19.97 48.31 -9.58
N ASP B 264 19.34 47.38 -8.89
CA ASP B 264 18.70 47.79 -7.65
C ASP B 264 19.56 47.29 -6.49
N SER B 265 20.25 48.23 -5.83
CA SER B 265 21.18 47.89 -4.75
C SER B 265 20.45 47.40 -3.49
N GLU B 266 19.13 47.61 -3.41
CA GLU B 266 18.31 47.07 -2.32
C GLU B 266 17.69 45.69 -2.64
N ARG B 267 17.95 45.13 -3.78
CA ARG B 267 17.23 43.89 -4.17
C ARG B 267 17.63 42.74 -3.24
N PRO B 268 16.67 41.95 -2.77
CA PRO B 268 17.00 40.87 -1.81
C PRO B 268 17.80 39.76 -2.46
N VAL B 269 18.59 39.08 -1.63
CA VAL B 269 19.35 37.89 -2.00
C VAL B 269 18.75 36.75 -1.20
N TRP B 270 18.53 35.60 -1.85
CA TRP B 270 18.00 34.43 -1.14
C TRP B 270 19.09 33.38 -1.22
N LEU B 271 19.68 33.06 -0.05
CA LEU B 271 20.56 31.91 0.06
C LEU B 271 19.65 30.68 0.04
N GLN B 272 19.32 30.23 -1.19
CA GLN B 272 18.25 29.25 -1.34
C GLN B 272 18.76 27.82 -1.13
N GLU B 273 20.07 27.62 -1.17
CA GLU B 273 20.69 26.39 -0.71
C GLU B 273 21.99 26.72 -0.03
N VAL B 274 22.21 26.10 1.10
CA VAL B 274 23.55 26.02 1.71
C VAL B 274 23.57 24.72 2.49
N GLY B 275 24.63 23.93 2.29
CA GLY B 275 24.71 22.63 2.94
C GLY B 275 26.12 22.46 3.50
N ALA B 276 26.32 21.34 4.25
CA ALA B 276 27.61 21.05 4.89
C ALA B 276 28.18 19.73 4.36
N PRO B 277 28.81 19.76 3.19
CA PRO B 277 29.04 18.52 2.45
C PRO B 277 30.23 17.77 3.04
N GLU B 278 29.99 16.50 3.36
CA GLU B 278 30.99 15.68 4.07
C GLU B 278 31.98 15.02 3.11
N ASN B 279 31.97 15.39 1.83
CA ASN B 279 33.13 14.99 1.04
C ASN B 279 34.30 15.94 1.25
N VAL B 280 34.05 17.14 1.78
CA VAL B 280 35.14 18.12 2.02
C VAL B 280 35.20 18.57 3.45
N LEU B 281 34.15 18.39 4.23
CA LEU B 281 34.15 18.73 5.66
C LEU B 281 34.13 17.41 6.44
N GLU B 282 34.77 17.38 7.60
CA GLU B 282 34.63 16.19 8.44
C GLU B 282 33.28 16.22 9.17
N THR B 283 32.66 15.05 9.33
CA THR B 283 31.36 14.92 9.94
C THR B 283 31.21 15.72 11.24
N ASP B 284 32.19 15.61 12.16
N ASP B 284 32.19 15.61 12.13
CA ASP B 284 32.00 16.24 13.46
CA ASP B 284 31.99 16.23 13.45
C ASP B 284 32.05 17.76 13.40
C ASP B 284 32.10 17.74 13.42
N TYR B 285 32.55 18.33 12.31
CA TYR B 285 32.67 19.78 12.15
C TYR B 285 31.41 20.39 11.52
N THR B 286 30.46 19.58 11.04
CA THR B 286 29.38 20.20 10.27
C THR B 286 28.52 21.15 11.13
N PRO B 287 28.27 20.92 12.42
CA PRO B 287 27.47 21.92 13.16
C PRO B 287 28.19 23.23 13.28
N GLU B 288 29.52 23.19 13.56
CA GLU B 288 30.25 24.44 13.67
C GLU B 288 30.33 25.13 12.32
N PHE B 289 30.49 24.35 11.23
CA PHE B 289 30.45 24.96 9.91
C PHE B 289 29.11 25.64 9.68
N CYS B 290 28.04 24.99 10.11
CA CYS B 290 26.71 25.59 9.89
C CYS B 290 26.59 26.90 10.65
N ARG B 291 26.98 26.88 11.91
N ARG B 291 27.00 26.90 11.91
CA ARG B 291 26.90 28.06 12.75
CA ARG B 291 26.85 28.11 12.74
C ARG B 291 27.67 29.22 12.13
C ARG B 291 27.71 29.26 12.20
N LYS B 292 28.94 28.98 11.81
CA LYS B 292 29.80 30.06 11.36
C LYS B 292 29.35 30.57 9.99
N THR B 293 28.93 29.64 9.11
CA THR B 293 28.52 30.07 7.76
C THR B 293 27.28 30.96 7.83
N VAL B 294 26.33 30.60 8.67
CA VAL B 294 25.09 31.33 8.77
C VAL B 294 25.33 32.64 9.51
N GLU B 295 26.09 32.61 10.61
CA GLU B 295 26.40 33.87 11.27
C GLU B 295 27.07 34.86 10.33
N ARG B 296 27.99 34.40 9.49
CA ARG B 296 28.65 35.33 8.57
C ARG B 296 27.71 35.77 7.44
N ALA B 297 26.85 34.88 6.94
CA ALA B 297 25.92 35.26 5.87
C ALA B 297 24.95 36.32 6.35
N MET B 298 24.63 36.34 7.65
CA MET B 298 23.74 37.38 8.15
C MET B 298 24.35 38.75 8.13
N ASP B 299 25.65 38.86 7.90
CA ASP B 299 26.26 40.16 7.77
C ASP B 299 26.06 40.76 6.38
N CYS B 300 25.22 40.16 5.54
CA CYS B 300 24.83 40.76 4.27
C CYS B 300 23.48 41.44 4.42
N ARG B 301 23.46 42.77 4.29
CA ARG B 301 22.22 43.54 4.50
C ARG B 301 21.05 43.10 3.58
N ASN B 302 21.34 42.65 2.38
CA ASN B 302 20.26 42.29 1.48
C ASN B 302 19.74 40.88 1.69
N LEU B 303 20.28 40.11 2.63
CA LEU B 303 19.94 38.68 2.70
C LEU B 303 18.52 38.54 3.23
N TRP B 304 17.70 37.81 2.48
CA TRP B 304 16.28 37.67 2.79
C TRP B 304 15.99 36.38 3.55
N GLY B 305 16.78 35.35 3.33
CA GLY B 305 16.49 34.07 3.97
C GLY B 305 17.62 33.11 3.74
N VAL B 306 17.68 32.09 4.61
CA VAL B 306 18.64 31.00 4.48
C VAL B 306 17.87 29.69 4.45
N THR B 307 18.09 28.88 3.43
CA THR B 307 17.35 27.63 3.25
C THR B 307 18.36 26.50 3.20
N TRP B 308 18.35 25.63 4.21
CA TRP B 308 19.44 24.64 4.36
C TRP B 308 19.17 23.48 3.42
N TRP B 309 20.25 22.95 2.81
CA TRP B 309 20.15 21.72 2.02
C TRP B 309 20.74 20.62 2.90
N CYS B 310 19.92 19.69 3.43
CA CYS B 310 18.49 19.53 3.11
C CYS B 310 17.78 19.00 4.37
N SER B 311 16.45 18.83 4.31
CA SER B 311 15.73 18.46 5.53
C SER B 311 16.15 17.05 5.98
N HIS B 312 16.16 16.09 5.07
CA HIS B 312 16.26 14.68 5.49
C HIS B 312 17.31 13.93 4.69
N ASP B 313 18.04 13.04 5.37
CA ASP B 313 19.03 12.25 4.64
C ASP B 313 18.37 11.49 3.50
N VAL B 314 19.17 11.24 2.46
CA VAL B 314 18.71 10.43 1.32
C VAL B 314 18.78 8.95 1.72
N PRO B 315 17.73 8.17 1.52
CA PRO B 315 17.73 6.77 1.98
C PRO B 315 18.96 6.00 1.55
N ALA B 316 19.49 5.24 2.50
CA ALA B 316 20.72 4.51 2.24
C ALA B 316 20.56 3.42 1.19
N SER B 317 19.35 2.98 0.96
CA SER B 317 19.09 1.91 -0.01
C SER B 317 19.20 2.42 -1.45
N MET B 318 19.18 3.74 -1.68
CA MET B 318 19.25 4.35 -3.01
C MET B 318 20.71 4.59 -3.40
N GLU B 319 21.11 4.04 -4.52
CA GLU B 319 22.52 4.10 -4.91
C GLU B 319 22.81 5.01 -6.09
N ASP B 320 24.12 5.12 -6.42
CA ASP B 320 24.69 6.00 -7.46
C ASP B 320 24.67 7.49 -7.06
N PHE B 321 24.24 7.85 -5.84
CA PHE B 321 24.52 9.20 -5.34
C PHE B 321 25.99 9.30 -4.96
N PRO B 322 26.62 10.45 -5.19
CA PRO B 322 27.91 10.73 -4.52
C PRO B 322 27.68 10.56 -3.04
N PHE B 323 28.60 9.87 -2.37
CA PHE B 323 28.25 9.28 -1.08
C PHE B 323 27.73 10.35 -0.11
N PHE B 324 28.31 11.56 -0.14
CA PHE B 324 28.00 12.57 0.88
C PHE B 324 26.59 13.10 0.76
N GLU B 325 25.94 12.88 -0.40
CA GLU B 325 24.57 13.35 -0.55
C GLU B 325 23.68 12.71 0.48
N HIS B 326 24.02 11.50 0.92
CA HIS B 326 23.12 10.81 1.80
C HIS B 326 23.02 11.49 3.16
N SER B 327 24.08 12.14 3.63
CA SER B 327 24.12 12.68 4.97
C SER B 327 23.91 14.20 5.04
N LEU B 328 23.43 14.84 3.93
CA LEU B 328 23.20 16.28 3.97
C LEU B 328 21.96 16.67 4.77
N GLY B 329 21.23 15.73 5.34
CA GLY B 329 20.03 16.09 6.07
C GLY B 329 20.32 16.76 7.41
N LEU B 330 19.33 17.55 7.84
CA LEU B 330 19.25 17.98 9.24
C LEU B 330 18.62 16.89 10.10
N PHE B 331 17.83 16.00 9.48
CA PHE B 331 17.26 14.84 10.15
C PHE B 331 17.86 13.59 9.53
N ASP B 332 18.05 12.53 10.33
CA ASP B 332 18.77 11.35 9.82
C ASP B 332 17.81 10.38 9.14
N GLU B 333 18.35 9.21 8.79
N GLU B 333 18.31 9.21 8.79
CA GLU B 333 17.59 8.22 8.03
CA GLU B 333 17.52 8.23 8.04
C GLU B 333 16.42 7.62 8.85
C GLU B 333 16.37 7.65 8.86
N GLN B 334 16.43 7.73 10.19
CA GLN B 334 15.30 7.34 11.05
C GLN B 334 14.38 8.51 11.39
N GLY B 335 14.58 9.68 10.76
CA GLY B 335 13.75 10.85 11.00
C GLY B 335 14.11 11.61 12.27
N GLN B 336 15.25 11.28 12.88
CA GLN B 336 15.63 11.91 14.14
C GLN B 336 16.47 13.15 13.89
N LEU B 337 16.26 14.21 14.68
CA LEU B 337 17.08 15.42 14.48
C LEU B 337 18.57 15.13 14.75
N LYS B 338 19.41 15.65 13.87
CA LYS B 338 20.87 15.54 14.01
C LYS B 338 21.42 16.78 14.69
N PRO B 339 22.71 16.72 15.11
CA PRO B 339 23.33 17.89 15.73
C PRO B 339 23.29 19.13 14.83
N ILE B 340 23.51 18.97 13.52
CA ILE B 340 23.48 20.18 12.66
C ILE B 340 22.06 20.72 12.60
N GLY B 341 21.06 19.83 12.68
CA GLY B 341 19.68 20.30 12.68
C GLY B 341 19.38 21.08 13.94
N ARG B 342 19.89 20.61 15.07
CA ARG B 342 19.71 21.36 16.31
C ARG B 342 20.36 22.74 16.18
N THR B 343 21.56 22.78 15.60
CA THR B 343 22.26 24.04 15.39
C THR B 343 21.42 24.98 14.52
N PHE B 344 20.90 24.46 13.42
CA PHE B 344 20.17 25.33 12.51
C PHE B 344 18.90 25.85 13.18
N GLY B 345 18.21 25.01 13.94
CA GLY B 345 17.04 25.53 14.65
C GLY B 345 17.43 26.57 15.68
N GLU B 346 18.60 26.40 16.28
CA GLU B 346 19.03 27.41 17.24
C GLU B 346 19.35 28.73 16.53
N LEU B 347 19.98 28.65 15.35
CA LEU B 347 20.25 29.87 14.57
C LEU B 347 18.96 30.60 14.20
N ALA B 348 17.93 29.83 13.78
CA ALA B 348 16.66 30.45 13.42
C ALA B 348 16.07 31.16 14.64
N ALA B 349 16.12 30.51 15.81
CA ALA B 349 15.57 31.17 16.99
C ALA B 349 16.39 32.40 17.34
N GLN B 350 17.70 32.37 17.10
CA GLN B 350 18.53 33.51 17.48
C GLN B 350 18.42 34.66 16.50
N TYR B 351 18.20 34.38 15.22
CA TYR B 351 18.35 35.38 14.18
C TYR B 351 17.08 35.76 13.44
N ARG B 352 15.96 35.03 13.57
CA ARG B 352 14.84 35.33 12.67
C ARG B 352 14.28 36.72 12.95
N SER B 353 14.42 37.22 14.18
CA SER B 353 13.97 38.56 14.49
C SER B 353 15.09 39.57 14.65
N ALA B 354 16.31 39.23 14.28
CA ALA B 354 17.43 40.17 14.40
C ALA B 354 17.23 41.40 13.50
N LEU B 355 17.75 42.53 13.96
CA LEU B 355 17.86 43.70 13.09
C LEU B 355 18.84 43.46 11.95
N PRO B 356 18.67 44.15 10.80
CA PRO B 356 19.51 43.89 9.64
C PRO B 356 20.94 44.37 9.84
N ALA B 357 21.84 43.81 9.03
CA ALA B 357 23.27 44.06 9.22
C ALA B 357 23.63 45.53 8.99
N GLN B 358 24.69 45.98 9.64
CA GLN B 358 25.17 47.33 9.42
C GLN B 358 25.66 47.52 7.97
N PRO B 359 25.61 48.74 7.47
CA PRO B 359 26.19 49.04 6.16
C PRO B 359 27.68 48.80 6.16
N LYS B 360 28.22 48.66 4.96
CA LYS B 360 29.64 48.43 4.72
C LYS B 360 30.25 49.61 3.99
N THR B 361 31.51 49.97 4.34
CA THR B 361 32.15 51.19 3.84
C THR B 361 33.39 50.87 3.01
N VAL B 362 33.81 49.63 2.99
CA VAL B 362 34.96 49.18 2.21
C VAL B 362 34.40 48.34 1.07
N ALA B 363 34.84 48.58 -0.17
CA ALA B 363 34.30 47.80 -1.27
C ALA B 363 35.38 47.26 -2.16
N VAL B 364 35.22 46.01 -2.61
CA VAL B 364 36.01 45.45 -3.71
C VAL B 364 35.34 45.82 -5.03
N VAL B 365 36.10 46.23 -6.04
CA VAL B 365 35.53 46.71 -7.30
C VAL B 365 35.77 45.64 -8.36
N ILE B 366 34.71 45.29 -9.11
CA ILE B 366 34.82 44.35 -10.21
C ILE B 366 34.59 45.09 -11.54
N ASP B 367 35.55 44.99 -12.48
CA ASP B 367 35.34 45.63 -13.79
C ASP B 367 34.25 44.90 -14.57
N VAL B 368 33.34 45.67 -15.16
CA VAL B 368 32.23 45.09 -15.90
C VAL B 368 32.19 45.69 -17.30
N ASP B 369 31.52 44.96 -18.20
CA ASP B 369 31.31 45.41 -19.56
C ASP B 369 30.11 46.34 -19.62
N GLU B 370 29.72 46.76 -20.85
CA GLU B 370 28.67 47.76 -20.93
C GLU B 370 27.34 47.21 -20.41
N ALA B 371 27.10 45.90 -20.57
CA ALA B 371 25.88 45.29 -20.04
C ALA B 371 25.92 45.08 -18.53
N GLY B 372 27.07 45.28 -17.88
CA GLY B 372 27.16 45.18 -16.43
C GLY B 372 27.66 43.84 -15.95
N ASN B 373 28.11 42.92 -16.89
CA ASN B 373 28.59 41.63 -16.45
C ASN B 373 30.09 41.71 -16.26
N PRO B 374 30.64 40.85 -15.42
CA PRO B 374 32.10 40.94 -15.19
C PRO B 374 32.85 40.71 -16.49
N VAL B 375 33.91 41.49 -16.67
CA VAL B 375 34.80 41.25 -17.80
C VAL B 375 35.51 39.90 -17.65
N ASN B 376 35.86 39.55 -16.41
CA ASN B 376 36.65 38.36 -16.10
C ASN B 376 35.92 37.57 -15.01
N ARG B 377 35.02 36.67 -15.42
CA ARG B 377 34.36 35.87 -14.37
C ARG B 377 35.31 34.87 -13.73
N SER B 378 36.33 34.37 -14.43
N SER B 378 36.33 34.42 -14.48
CA SER B 378 37.13 33.34 -13.76
CA SER B 378 37.25 33.40 -13.92
C SER B 378 37.80 33.89 -12.51
C SER B 378 37.85 33.88 -12.61
N ALA B 379 38.11 35.18 -12.49
CA ALA B 379 38.74 35.73 -11.31
C ALA B 379 37.82 35.75 -10.11
N LEU B 380 36.50 35.56 -10.30
CA LEU B 380 35.56 35.62 -9.19
C LEU B 380 35.51 34.31 -8.40
N GLY B 381 35.92 33.19 -8.99
CA GLY B 381 35.73 31.89 -8.35
C GLY B 381 36.78 31.62 -7.31
N PRO B 382 36.64 30.45 -6.63
CA PRO B 382 37.53 30.08 -5.50
C PRO B 382 39.00 30.13 -5.90
N GLY B 383 39.80 30.89 -5.13
CA GLY B 383 41.22 31.03 -5.44
C GLY B 383 41.50 31.93 -6.62
N GLY B 384 40.47 32.61 -7.17
CA GLY B 384 40.71 33.65 -8.18
C GLY B 384 41.08 34.98 -7.52
N SER B 385 41.58 35.94 -8.31
CA SER B 385 42.12 37.14 -7.69
C SER B 385 41.07 37.92 -6.94
N VAL B 386 39.82 37.95 -7.42
CA VAL B 386 38.80 38.76 -6.76
C VAL B 386 38.35 38.07 -5.47
N CYS B 387 38.10 36.76 -5.56
CA CYS B 387 37.77 35.99 -4.35
C CYS B 387 38.86 36.14 -3.31
N ASP B 388 40.16 36.00 -3.72
CA ASP B 388 41.24 36.10 -2.74
C ASP B 388 41.28 37.47 -2.10
N LEU B 389 41.06 38.51 -2.93
CA LEU B 389 41.10 39.89 -2.42
C LEU B 389 39.98 40.13 -1.41
N TRP B 390 38.75 39.72 -1.76
CA TRP B 390 37.64 39.88 -0.83
C TRP B 390 37.91 39.07 0.45
N MET B 391 38.41 37.84 0.32
CA MET B 391 38.66 37.00 1.48
C MET B 391 39.71 37.61 2.39
N LYS B 392 40.76 38.17 1.78
CA LYS B 392 41.82 38.81 2.57
C LYS B 392 41.26 39.96 3.39
N LEU B 393 40.43 40.80 2.76
CA LEU B 393 39.85 41.92 3.51
C LEU B 393 38.90 41.42 4.58
N GLN B 394 38.10 40.39 4.25
CA GLN B 394 37.12 39.85 5.19
C GLN B 394 37.80 39.25 6.41
N VAL B 395 38.88 38.49 6.17
CA VAL B 395 39.66 37.90 7.27
C VAL B 395 40.31 38.97 8.12
N ALA B 396 40.68 40.08 7.51
CA ALA B 396 41.33 41.17 8.22
C ALA B 396 40.36 42.06 8.99
N GLY B 397 39.07 41.72 9.00
CA GLY B 397 38.03 42.44 9.71
C GLY B 397 37.50 43.67 9.02
N GLN B 398 37.74 43.83 7.71
CA GLN B 398 37.33 45.05 7.01
C GLN B 398 35.92 44.98 6.45
N ARG B 399 35.22 43.85 6.61
CA ARG B 399 33.81 43.74 6.21
C ARG B 399 33.59 44.29 4.81
N PRO B 400 34.27 43.76 3.79
CA PRO B 400 34.09 44.31 2.44
C PRO B 400 32.73 43.97 1.81
N THR B 401 32.18 44.95 1.11
CA THR B 401 31.11 44.69 0.15
C THR B 401 31.74 44.68 -1.24
N ILE B 402 30.91 44.52 -2.27
CA ILE B 402 31.42 44.37 -3.64
C ILE B 402 30.60 45.29 -4.52
N ILE B 403 31.26 46.03 -5.41
CA ILE B 403 30.53 46.88 -6.37
C ILE B 403 31.15 46.71 -7.75
N THR B 404 30.42 47.15 -8.77
CA THR B 404 31.02 47.12 -10.09
C THR B 404 31.82 48.41 -10.37
N SER B 405 32.59 48.37 -11.45
CA SER B 405 33.29 49.56 -11.94
C SER B 405 32.32 50.69 -12.30
N GLN B 406 31.08 50.37 -12.69
CA GLN B 406 30.15 51.45 -13.01
C GLN B 406 29.80 52.27 -11.76
N VAL B 407 29.55 51.60 -10.64
CA VAL B 407 29.28 52.33 -9.40
C VAL B 407 30.55 53.07 -8.94
N ALA B 408 31.71 52.41 -9.02
CA ALA B 408 32.97 52.99 -8.58
C ALA B 408 33.35 54.25 -9.34
N ALA B 409 32.86 54.42 -10.56
CA ALA B 409 33.15 55.61 -11.36
C ALA B 409 32.33 56.82 -10.95
N ASN B 410 31.33 56.65 -10.12
CA ASN B 410 30.42 57.74 -9.82
C ASN B 410 30.61 58.12 -8.36
N GLN B 411 31.31 59.25 -8.15
CA GLN B 411 31.70 59.65 -6.80
C GLN B 411 30.48 59.92 -5.93
N GLU B 412 29.41 60.44 -6.53
CA GLU B 412 28.19 60.73 -5.75
C GLU B 412 27.47 59.45 -5.35
N ALA B 413 27.39 58.45 -6.24
CA ALA B 413 26.84 57.16 -5.85
C ALA B 413 27.63 56.54 -4.69
N LEU B 414 28.96 56.67 -4.72
CA LEU B 414 29.73 56.14 -3.59
C LEU B 414 29.33 56.87 -2.30
N ALA B 415 29.25 58.19 -2.35
CA ALA B 415 28.89 58.96 -1.16
C ALA B 415 27.49 58.57 -0.66
N GLN B 416 26.54 58.40 -1.58
CA GLN B 416 25.20 58.02 -1.17
C GLN B 416 25.23 56.67 -0.44
N ARG B 417 26.05 55.72 -0.90
CA ARG B 417 26.11 54.41 -0.27
C ARG B 417 27.05 54.36 0.92
N GLY B 418 27.72 55.47 1.22
CA GLY B 418 28.67 55.54 2.32
C GLY B 418 29.93 54.75 2.11
N ILE B 419 30.29 54.46 0.85
CA ILE B 419 31.51 53.70 0.58
C ILE B 419 32.68 54.68 0.61
N LEU B 420 33.66 54.39 1.45
CA LEU B 420 34.77 55.28 1.74
C LEU B 420 36.10 54.77 1.20
N GLU B 421 36.20 53.50 0.84
CA GLU B 421 37.47 52.91 0.49
C GLU B 421 37.26 51.85 -0.57
N LEU B 422 37.99 51.93 -1.67
CA LEU B 422 37.85 51.01 -2.79
C LEU B 422 39.08 50.15 -2.93
N HIS B 423 38.89 48.88 -3.32
CA HIS B 423 39.99 47.99 -3.62
C HIS B 423 39.77 47.37 -4.99
N ALA B 424 40.64 47.69 -5.93
CA ALA B 424 40.51 47.10 -7.26
C ALA B 424 41.40 45.87 -7.38
N ASP B 425 41.13 45.07 -8.39
CA ASP B 425 41.89 43.86 -8.64
C ASP B 425 43.04 44.26 -9.54
N GLU B 426 44.19 44.61 -8.94
N GLU B 426 44.18 44.64 -8.93
CA GLU B 426 45.24 45.22 -9.75
CA GLU B 426 45.25 45.22 -9.72
C GLU B 426 45.96 44.20 -10.63
C GLU B 426 45.91 44.20 -10.65
N HIS B 427 45.95 42.93 -10.28
CA HIS B 427 46.66 41.90 -11.04
C HIS B 427 45.82 40.64 -11.12
N PRO B 428 44.85 40.58 -12.04
CA PRO B 428 43.86 39.50 -12.00
C PRO B 428 44.47 38.16 -12.38
N TYR B 429 43.85 37.12 -11.85
CA TYR B 429 44.20 35.76 -12.23
C TYR B 429 43.01 34.84 -12.01
N ALA B 430 43.00 33.74 -12.75
CA ALA B 430 41.87 32.84 -12.78
C ALA B 430 41.77 32.05 -11.49
N ALA B 431 40.57 31.49 -11.24
CA ALA B 431 40.29 30.79 -9.99
C ALA B 431 41.14 29.52 -9.89
N ARG B 432 42.14 29.52 -9.03
CA ARG B 432 43.04 28.37 -8.93
C ARG B 432 42.36 27.13 -8.36
N TYR B 433 41.36 27.30 -7.52
CA TYR B 433 40.78 26.17 -6.77
C TYR B 433 39.52 25.65 -7.39
N TYR B 434 38.91 26.39 -8.34
CA TYR B 434 37.51 26.11 -8.69
C TYR B 434 37.42 24.75 -9.33
N THR B 435 36.43 23.95 -8.91
CA THR B 435 36.41 22.55 -9.30
C THR B 435 35.66 22.29 -10.59
N ALA B 436 35.09 23.32 -11.23
CA ALA B 436 34.46 23.15 -12.56
C ALA B 436 35.34 23.71 -13.70
N SER C 19 20.49 4.53 30.80
CA SER C 19 21.70 3.84 30.35
C SER C 19 21.85 2.50 31.10
N HIS C 20 22.29 2.56 32.36
CA HIS C 20 22.32 1.36 33.19
C HIS C 20 20.92 0.87 33.57
N MET C 21 19.92 1.75 33.65
CA MET C 21 18.55 1.34 34.01
C MET C 21 17.62 1.97 32.99
N LYS C 22 16.75 1.18 32.39
CA LYS C 22 15.85 1.72 31.37
C LYS C 22 14.57 2.24 32.01
N PHE C 23 14.08 3.39 31.54
CA PHE C 23 12.82 3.95 32.00
C PHE C 23 11.95 4.19 30.79
N GLY C 24 10.69 3.72 30.84
CA GLY C 24 9.83 3.93 29.69
C GLY C 24 8.38 3.82 30.11
N VAL C 25 7.49 3.83 29.10
CA VAL C 25 6.07 3.78 29.40
C VAL C 25 5.38 2.81 28.49
N ASN C 26 4.31 2.24 29.03
CA ASN C 26 3.35 1.53 28.20
C ASN C 26 2.53 2.60 27.48
N TYR C 27 2.55 2.59 26.14
CA TYR C 27 2.00 3.73 25.39
C TYR C 27 0.50 3.49 25.13
N THR C 28 -0.35 4.32 25.73
CA THR C 28 -1.78 4.27 25.46
C THR C 28 -2.13 5.48 24.58
N PRO C 29 -2.49 5.32 23.30
CA PRO C 29 -2.76 6.50 22.45
C PRO C 29 -3.78 7.43 23.10
N SER C 30 -3.45 8.73 23.12
CA SER C 30 -4.29 9.66 23.87
C SER C 30 -5.63 9.87 23.17
N HIS C 31 -5.66 9.84 21.84
CA HIS C 31 -6.88 9.97 21.09
C HIS C 31 -7.19 8.54 20.69
N GLY C 32 -8.22 7.98 21.18
CA GLY C 32 -8.56 6.69 20.63
C GLY C 32 -8.13 5.49 21.44
N TRP C 33 -7.17 5.61 22.36
CA TRP C 33 -6.73 4.39 23.09
C TRP C 33 -6.33 3.36 22.03
N PHE C 34 -6.51 2.06 22.31
CA PHE C 34 -6.14 1.09 21.30
C PHE C 34 -7.21 0.95 20.22
N HIS C 35 -8.31 1.72 20.31
CA HIS C 35 -9.15 1.87 19.13
C HIS C 35 -8.53 2.80 18.07
N ALA C 36 -7.42 3.48 18.41
CA ALA C 36 -6.68 4.31 17.46
C ALA C 36 -6.29 3.49 16.23
N TRP C 37 -6.10 2.18 16.39
CA TRP C 37 -5.62 1.42 15.23
C TRP C 37 -6.67 1.37 14.12
N LEU C 38 -7.95 1.59 14.44
CA LEU C 38 -8.99 1.61 13.41
C LEU C 38 -9.07 2.94 12.67
N ASP C 39 -8.65 4.04 13.29
CA ASP C 39 -8.79 5.41 12.73
C ASP C 39 -7.68 6.27 13.37
N PRO C 40 -6.43 6.05 13.02
CA PRO C 40 -5.33 6.64 13.81
C PRO C 40 -5.19 8.11 13.49
N ASP C 41 -4.95 8.87 14.52
CA ASP C 41 -4.63 10.28 14.34
C ASP C 41 -3.10 10.33 14.39
N TRP C 42 -2.43 10.28 13.25
CA TRP C 42 -0.96 10.14 13.30
C TRP C 42 -0.29 11.41 13.83
N ASP C 43 -0.90 12.58 13.61
N ASP C 43 -0.89 12.58 13.56
CA ASP C 43 -0.31 13.77 14.23
CA ASP C 43 -0.43 13.81 14.20
C ASP C 43 -0.44 13.71 15.73
C ASP C 43 -0.44 13.65 15.71
N GLY C 44 -1.54 13.16 16.26
CA GLY C 44 -1.68 13.05 17.70
C GLY C 44 -0.77 11.97 18.26
N ILE C 45 -0.57 10.90 17.51
CA ILE C 45 0.37 9.88 17.95
C ILE C 45 1.79 10.44 18.00
N ASP C 46 2.18 11.23 17.00
CA ASP C 46 3.48 11.87 17.05
C ASP C 46 3.58 12.81 18.26
N ASN C 47 2.52 13.58 18.54
CA ASN C 47 2.56 14.43 19.74
C ASN C 47 2.71 13.60 21.02
N ASP C 48 1.98 12.49 21.12
CA ASP C 48 2.07 11.63 22.29
C ASP C 48 3.51 11.19 22.48
N LEU C 49 4.10 10.69 21.40
CA LEU C 49 5.45 10.13 21.55
C LEU C 49 6.49 11.21 21.80
N LYS C 50 6.30 12.40 21.22
CA LYS C 50 7.25 13.47 21.51
C LYS C 50 7.19 13.88 22.98
N GLN C 51 5.98 13.95 23.54
CA GLN C 51 6.01 14.37 24.94
C GLN C 51 6.51 13.25 25.84
N ILE C 52 6.34 11.98 25.45
CA ILE C 52 6.96 10.88 26.21
C ILE C 52 8.48 11.02 26.18
N SER C 53 9.02 11.30 24.99
CA SER C 53 10.46 11.51 24.88
C SER C 53 10.91 12.74 25.68
N GLU C 54 10.12 13.81 25.67
CA GLU C 54 10.54 15.02 26.38
C GLU C 54 10.55 14.81 27.90
N LEU C 55 9.78 13.84 28.38
CA LEU C 55 9.80 13.52 29.80
C LEU C 55 11.05 12.78 30.19
N GLY C 56 11.89 12.40 29.24
CA GLY C 56 13.11 11.66 29.60
C GLY C 56 12.95 10.15 29.56
N MET C 57 11.86 9.63 28.97
CA MET C 57 11.72 8.19 28.77
C MET C 57 12.65 7.74 27.65
N ASP C 58 13.16 6.50 27.74
CA ASP C 58 14.00 5.96 26.67
C ASP C 58 13.34 4.85 25.87
N HIS C 59 12.16 4.41 26.26
CA HIS C 59 11.48 3.39 25.43
C HIS C 59 9.97 3.48 25.62
N VAL C 60 9.22 2.90 24.68
CA VAL C 60 7.80 2.66 24.83
C VAL C 60 7.51 1.19 24.54
N ARG C 61 6.42 0.71 25.13
CA ARG C 61 5.82 -0.60 24.79
C ARG C 61 4.50 -0.33 24.07
N ILE C 62 4.30 -0.98 22.92
CA ILE C 62 3.22 -0.70 21.97
C ILE C 62 2.34 -1.93 21.84
N PHE C 63 1.03 -1.72 21.62
CA PHE C 63 0.03 -2.81 21.65
C PHE C 63 -0.89 -2.81 20.43
N PRO C 64 -0.53 -3.51 19.38
CA PRO C 64 -1.51 -3.74 18.31
C PRO C 64 -2.58 -4.69 18.77
N ILE C 65 -3.56 -4.87 17.90
CA ILE C 65 -4.73 -5.70 18.18
C ILE C 65 -4.73 -6.90 17.23
N TRP C 66 -4.72 -8.10 17.81
CA TRP C 66 -4.57 -9.34 17.04
C TRP C 66 -5.65 -9.54 15.99
N PRO C 67 -6.95 -9.39 16.28
CA PRO C 67 -7.93 -9.62 15.20
C PRO C 67 -7.85 -8.57 14.09
N TYR C 68 -7.20 -7.42 14.32
CA TYR C 68 -7.03 -6.52 13.16
C TYR C 68 -5.81 -6.95 12.33
N LEU C 69 -4.78 -7.55 12.97
CA LEU C 69 -3.60 -8.01 12.25
C LEU C 69 -3.87 -9.32 11.48
N GLN C 70 -4.67 -10.21 12.07
CA GLN C 70 -4.86 -11.57 11.53
C GLN C 70 -6.33 -11.92 11.59
N PRO C 71 -7.14 -11.32 10.72
CA PRO C 71 -8.60 -11.48 10.88
C PRO C 71 -9.09 -12.82 10.42
N ASN C 72 -8.26 -13.55 9.65
CA ASN C 72 -8.53 -14.94 9.24
C ASN C 72 -7.23 -15.68 9.57
N ARG C 73 -7.34 -16.99 9.90
CA ARG C 73 -6.18 -17.75 10.34
C ARG C 73 -5.02 -17.69 9.36
N THR C 74 -5.33 -17.63 8.05
CA THR C 74 -4.32 -17.67 7.01
C THR C 74 -4.32 -16.38 6.20
N TRP C 75 -4.73 -15.28 6.79
CA TRP C 75 -4.72 -14.04 5.99
C TRP C 75 -4.36 -12.87 6.91
N ILE C 76 -3.20 -12.30 6.68
CA ILE C 76 -2.69 -11.24 7.54
C ILE C 76 -2.97 -9.92 6.88
N ASN C 77 -3.38 -8.93 7.70
CA ASN C 77 -3.73 -7.60 7.20
C ASN C 77 -2.44 -6.81 7.06
N LYS C 78 -1.94 -6.64 5.81
CA LYS C 78 -0.62 -6.00 5.66
C LYS C 78 -0.64 -4.53 6.07
N LYS C 79 -1.76 -3.84 5.83
CA LYS C 79 -1.86 -2.45 6.27
C LYS C 79 -1.75 -2.34 7.78
N GLY C 80 -2.38 -3.27 8.52
CA GLY C 80 -2.26 -3.23 9.99
C GLY C 80 -0.84 -3.45 10.45
N VAL C 81 -0.10 -4.37 9.78
CA VAL C 81 1.33 -4.51 10.09
C VAL C 81 2.09 -3.23 9.79
N ALA C 82 1.82 -2.60 8.64
CA ALA C 82 2.48 -1.34 8.27
C ALA C 82 2.20 -0.23 9.30
N ASP C 83 0.96 -0.20 9.84
CA ASP C 83 0.64 0.83 10.85
C ASP C 83 1.44 0.60 12.13
N VAL C 84 1.65 -0.68 12.52
CA VAL C 84 2.51 -0.90 13.69
C VAL C 84 3.92 -0.42 13.37
N ARG C 85 4.40 -0.74 12.18
CA ARG C 85 5.75 -0.27 11.81
C ARG C 85 5.82 1.26 11.84
N ARG C 86 4.76 1.95 11.38
CA ARG C 86 4.78 3.42 11.43
C ARG C 86 4.86 3.93 12.87
N MET C 87 4.12 3.32 13.79
CA MET C 87 4.19 3.80 15.19
C MET C 87 5.56 3.57 15.78
N VAL C 88 6.19 2.43 15.44
CA VAL C 88 7.58 2.20 15.87
C VAL C 88 8.49 3.27 15.29
N HIS C 89 8.33 3.54 13.98
CA HIS C 89 9.15 4.54 13.32
C HIS C 89 9.00 5.90 13.99
N ILE C 90 7.77 6.30 14.28
CA ILE C 90 7.54 7.58 14.95
C ILE C 90 8.20 7.60 16.34
N ALA C 91 8.09 6.51 17.08
CA ALA C 91 8.81 6.48 18.36
C ALA C 91 10.31 6.72 18.16
N GLY C 92 10.91 6.07 17.16
CA GLY C 92 12.33 6.27 16.94
C GLY C 92 12.69 7.65 16.43
N GLU C 93 11.76 8.37 15.76
CA GLU C 93 12.09 9.75 15.38
C GLU C 93 12.35 10.60 16.61
N HIS C 94 11.68 10.26 17.71
CA HIS C 94 11.85 11.00 18.97
C HIS C 94 12.81 10.32 19.92
N GLY C 95 13.70 9.49 19.38
CA GLY C 95 14.75 8.85 20.13
C GLY C 95 14.27 7.82 21.15
N LEU C 96 13.12 7.20 20.93
CA LEU C 96 12.59 6.17 21.80
C LEU C 96 12.86 4.80 21.20
N ASP C 97 13.30 3.84 22.01
CA ASP C 97 13.23 2.45 21.59
C ASP C 97 11.82 1.92 21.73
N ALA C 98 11.47 0.95 20.87
CA ALA C 98 10.09 0.47 20.85
C ALA C 98 10.06 -1.02 21.05
N TYR C 99 9.22 -1.43 21.99
CA TYR C 99 8.96 -2.87 22.25
C TYR C 99 7.54 -3.15 21.86
N VAL C 100 7.29 -4.25 21.14
CA VAL C 100 5.96 -4.47 20.56
C VAL C 100 5.41 -5.79 21.05
N ASP C 101 4.16 -5.78 21.56
CA ASP C 101 3.47 -6.99 21.96
C ASP C 101 2.58 -7.44 20.80
N VAL C 102 2.42 -8.74 20.58
CA VAL C 102 1.61 -9.13 19.39
C VAL C 102 0.18 -9.56 19.73
N PHE C 103 0.03 -10.57 20.59
CA PHE C 103 -1.28 -11.21 20.75
C PHE C 103 -2.15 -10.51 21.82
N GLN C 104 -2.70 -9.35 21.47
CA GLN C 104 -3.79 -8.72 22.24
C GLN C 104 -5.06 -9.00 21.45
N GLY C 105 -5.88 -9.94 21.93
CA GLY C 105 -5.69 -10.62 23.23
C GLY C 105 -6.21 -9.65 24.30
N HIS C 106 -5.52 -9.58 25.44
CA HIS C 106 -6.07 -8.94 26.64
C HIS C 106 -5.53 -7.53 26.87
N LEU C 107 -6.43 -6.55 26.99
CA LEU C 107 -6.06 -5.16 27.32
C LEU C 107 -7.13 -4.59 28.25
N SER C 108 -6.73 -4.28 29.48
CA SER C 108 -7.53 -3.51 30.45
C SER C 108 -8.97 -4.02 30.53
N SER C 109 -9.10 -5.32 30.79
CA SER C 109 -10.33 -6.08 31.03
C SER C 109 -11.02 -6.55 29.76
N PHE C 110 -10.57 -6.15 28.57
CA PHE C 110 -11.20 -6.53 27.30
C PHE C 110 -10.38 -7.62 26.63
N ASP C 111 -11.04 -8.62 26.03
CA ASP C 111 -10.32 -9.55 25.18
C ASP C 111 -10.71 -9.29 23.70
N PHE C 112 -9.70 -9.16 22.85
CA PHE C 112 -9.85 -8.96 21.40
C PHE C 112 -9.41 -10.27 20.75
N LEU C 113 -10.38 -11.13 20.42
CA LEU C 113 -9.98 -12.43 19.89
C LEU C 113 -10.41 -12.55 18.45
N PRO C 114 -9.60 -13.18 17.61
CA PRO C 114 -10.01 -13.39 16.21
C PRO C 114 -11.28 -14.22 16.11
N SER C 115 -12.11 -13.94 15.09
CA SER C 115 -13.31 -14.73 14.94
C SER C 115 -13.02 -16.21 14.67
N TRP C 116 -11.80 -16.54 14.16
CA TRP C 116 -11.48 -17.93 13.87
C TRP C 116 -11.07 -18.71 15.12
N LEU C 117 -11.18 -18.14 16.32
CA LEU C 117 -10.92 -18.83 17.58
C LEU C 117 -12.10 -18.79 18.54
N VAL C 118 -13.26 -18.26 18.09
CA VAL C 118 -14.40 -18.08 18.99
C VAL C 118 -15.68 -18.65 18.37
N THR C 119 -16.71 -18.80 19.24
CA THR C 119 -18.05 -19.33 18.96
C THR C 119 -18.02 -20.54 18.06
N TRP C 120 -18.52 -20.44 16.83
CA TRP C 120 -18.53 -21.62 15.96
C TRP C 120 -17.14 -22.12 15.66
N HIS C 121 -16.13 -21.25 15.83
CA HIS C 121 -14.76 -21.62 15.57
C HIS C 121 -13.97 -21.72 16.87
N ALA C 122 -14.64 -21.95 18.00
CA ALA C 122 -13.95 -21.97 19.28
C ALA C 122 -12.75 -22.92 19.22
N GLY C 123 -11.56 -22.40 19.61
CA GLY C 123 -10.37 -23.21 19.55
C GLY C 123 -9.47 -22.84 20.72
N ASN C 124 -8.30 -23.47 20.75
CA ASN C 124 -7.40 -23.27 21.88
C ASN C 124 -6.10 -22.70 21.28
N MET C 125 -5.81 -21.43 21.59
CA MET C 125 -4.66 -20.77 20.98
C MET C 125 -3.35 -21.34 21.47
N PHE C 126 -3.38 -22.13 22.54
CA PHE C 126 -2.13 -22.72 23.07
C PHE C 126 -1.86 -24.12 22.52
N THR C 127 -2.90 -24.91 22.23
CA THR C 127 -2.66 -26.32 21.94
C THR C 127 -3.15 -26.76 20.57
N ASP C 128 -3.94 -25.95 19.87
CA ASP C 128 -4.39 -26.33 18.51
C ASP C 128 -3.24 -26.08 17.55
N ALA C 129 -2.84 -27.13 16.80
CA ALA C 129 -1.66 -26.99 15.95
C ALA C 129 -1.85 -25.90 14.89
N ASP C 130 -3.05 -25.83 14.32
N ASP C 130 -3.06 -25.79 14.35
CA ASP C 130 -3.30 -24.83 13.28
CA ASP C 130 -3.26 -24.82 13.30
C ASP C 130 -3.19 -23.44 13.87
C ASP C 130 -3.23 -23.41 13.87
N ALA C 131 -3.69 -23.23 15.10
CA ALA C 131 -3.62 -21.89 15.71
C ALA C 131 -2.16 -21.53 16.03
N VAL C 132 -1.39 -22.50 16.52
CA VAL C 132 0.01 -22.22 16.85
C VAL C 132 0.79 -21.92 15.56
N ALA C 133 0.51 -22.64 14.48
CA ALA C 133 1.19 -22.32 13.23
C ALA C 133 0.86 -20.92 12.75
N ALA C 134 -0.40 -20.52 12.88
CA ALA C 134 -0.78 -19.16 12.46
C ALA C 134 -0.15 -18.11 13.38
N GLU C 135 -0.11 -18.36 14.67
CA GLU C 135 0.57 -17.41 15.57
C GLU C 135 2.05 -17.29 15.19
N ARG C 136 2.70 -18.42 14.85
CA ARG C 136 4.11 -18.33 14.46
C ARG C 136 4.24 -17.51 13.19
N GLU C 137 3.35 -17.71 12.21
CA GLU C 137 3.41 -16.90 11.00
C GLU C 137 3.24 -15.41 11.30
N LEU C 138 2.37 -15.05 12.23
CA LEU C 138 2.19 -13.63 12.55
C LEU C 138 3.43 -13.07 13.27
N VAL C 139 3.98 -13.84 14.21
CA VAL C 139 5.21 -13.40 14.87
C VAL C 139 6.33 -13.21 13.85
N LYS C 140 6.50 -14.14 12.92
CA LYS C 140 7.54 -14.01 11.93
C LYS C 140 7.34 -12.78 11.06
N THR C 141 6.10 -12.58 10.58
CA THR C 141 5.75 -11.42 9.76
C THR C 141 6.05 -10.12 10.50
N MET C 142 5.62 -10.04 11.76
CA MET C 142 5.86 -8.85 12.56
C MET C 142 7.34 -8.63 12.76
N THR C 143 8.08 -9.69 13.11
N THR C 143 8.10 -9.68 13.10
CA THR C 143 9.49 -9.51 13.37
CA THR C 143 9.49 -9.39 13.39
C THR C 143 10.22 -9.06 12.11
C THR C 143 10.27 -9.07 12.12
N ASP C 144 9.93 -9.71 10.99
CA ASP C 144 10.64 -9.40 9.76
C ASP C 144 10.38 -7.96 9.35
N GLU C 145 9.16 -7.45 9.55
CA GLU C 145 8.85 -6.10 9.08
C GLU C 145 9.36 -5.04 10.05
N LEU C 146 9.16 -5.27 11.35
CA LEU C 146 9.58 -4.31 12.35
C LEU C 146 11.08 -4.24 12.49
N SER C 147 11.80 -5.33 12.20
CA SER C 147 13.26 -5.26 12.22
C SER C 147 13.82 -4.31 11.16
N LYS C 148 13.01 -3.86 10.22
CA LYS C 148 13.49 -2.83 9.29
C LYS C 148 13.63 -1.47 9.95
N GLU C 149 13.12 -1.30 11.17
CA GLU C 149 13.27 -0.03 11.91
C GLU C 149 14.34 -0.19 12.98
N PRO C 150 15.38 0.63 12.97
CA PRO C 150 16.38 0.54 14.05
C PRO C 150 15.76 0.72 15.41
N ALA C 151 14.64 1.44 15.54
CA ALA C 151 14.13 1.59 16.90
C ALA C 151 13.47 0.35 17.46
N PHE C 152 13.16 -0.67 16.65
CA PHE C 152 12.50 -1.86 17.15
C PHE C 152 13.50 -2.64 17.99
N LYS C 153 13.23 -2.78 19.29
CA LYS C 153 14.20 -3.42 20.17
C LYS C 153 13.66 -4.70 20.81
N GLY C 154 12.39 -5.06 20.61
CA GLY C 154 11.98 -6.30 21.21
C GLY C 154 10.54 -6.65 20.91
N LEU C 155 10.26 -7.95 20.87
CA LEU C 155 8.92 -8.46 20.62
C LEU C 155 8.50 -9.24 21.87
N THR C 156 7.34 -8.88 22.44
CA THR C 156 6.72 -9.66 23.52
C THR C 156 5.57 -10.43 22.91
N LEU C 157 5.50 -11.74 23.13
CA LEU C 157 4.49 -12.50 22.40
C LEU C 157 3.12 -11.87 22.56
N GLY C 158 2.78 -11.45 23.78
CA GLY C 158 1.53 -10.71 23.95
C GLY C 158 1.42 -10.27 25.41
N ASN C 159 0.36 -9.51 25.69
CA ASN C 159 0.15 -8.94 27.02
C ASN C 159 -0.58 -9.94 27.91
N GLU C 160 0.09 -10.44 28.98
CA GLU C 160 -0.57 -11.29 29.99
C GLU C 160 -1.28 -12.45 29.32
N VAL C 161 -0.52 -13.17 28.49
CA VAL C 161 -1.11 -14.20 27.65
C VAL C 161 -1.62 -15.36 28.50
N ASN C 162 -1.16 -15.49 29.74
CA ASN C 162 -1.64 -16.57 30.59
C ASN C 162 -3.08 -16.39 31.02
N GLN C 163 -3.62 -15.17 30.94
CA GLN C 163 -4.91 -14.96 31.55
C GLN C 163 -5.99 -15.78 30.85
N LEU C 164 -5.74 -16.20 29.61
CA LEU C 164 -6.76 -17.00 28.90
C LEU C 164 -6.64 -18.47 29.22
N SER C 165 -5.61 -18.87 29.95
CA SER C 165 -5.30 -20.29 30.07
C SER C 165 -5.92 -20.96 31.28
N ASP C 166 -6.65 -20.23 32.14
CA ASP C 166 -7.04 -20.85 33.41
C ASP C 166 -8.22 -20.11 33.99
N ARG C 167 -8.85 -20.71 35.00
CA ARG C 167 -9.73 -19.95 35.89
C ARG C 167 -9.00 -18.71 36.38
N PRO C 168 -9.67 -17.56 36.59
CA PRO C 168 -11.11 -17.31 36.50
C PRO C 168 -11.61 -16.93 35.07
N HIS C 169 -10.79 -17.10 34.03
CA HIS C 169 -11.27 -16.69 32.70
C HIS C 169 -12.59 -17.36 32.30
N PRO C 170 -13.57 -16.58 31.84
CA PRO C 170 -14.91 -17.18 31.58
C PRO C 170 -14.98 -18.08 30.36
N THR C 171 -14.02 -18.00 29.42
CA THR C 171 -13.97 -18.89 28.24
C THR C 171 -12.53 -19.43 28.08
N LYS C 172 -12.05 -20.12 29.12
CA LYS C 172 -10.63 -20.40 29.18
C LYS C 172 -10.24 -21.42 28.09
N MET C 173 -8.98 -21.33 27.66
CA MET C 173 -8.33 -22.26 26.72
C MET C 173 -7.32 -23.04 27.57
N SER C 174 -7.80 -24.14 28.16
CA SER C 174 -7.02 -24.87 29.16
C SER C 174 -5.77 -25.49 28.57
N ALA C 175 -4.74 -25.63 29.40
CA ALA C 175 -3.52 -26.24 28.90
C ALA C 175 -2.78 -26.77 30.12
N THR C 176 -1.97 -27.77 29.92
CA THR C 176 -1.03 -28.20 30.97
C THR C 176 0.26 -27.39 30.91
N ASP C 177 1.07 -27.49 31.96
CA ASP C 177 2.30 -26.70 31.94
C ASP C 177 3.28 -27.24 30.87
N ARG C 178 3.22 -28.54 30.56
CA ARG C 178 4.00 -29.09 29.46
C ARG C 178 3.52 -28.56 28.11
N GLN C 179 2.20 -28.41 27.94
CA GLN C 179 1.73 -27.80 26.68
C GLN C 179 2.14 -26.34 26.58
N ILE C 180 2.16 -25.62 27.71
CA ILE C 180 2.62 -24.23 27.65
C ILE C 180 4.14 -24.17 27.38
N ASP C 181 4.93 -25.10 27.96
CA ASP C 181 6.34 -25.17 27.54
C ASP C 181 6.44 -25.24 26.02
N ALA C 182 5.62 -26.13 25.43
CA ALA C 182 5.74 -26.36 23.98
C ALA C 182 5.27 -25.15 23.20
N TRP C 183 4.23 -24.49 23.69
CA TRP C 183 3.75 -23.28 23.02
C TRP C 183 4.82 -22.19 23.04
N LEU C 184 5.44 -21.96 24.21
CA LEU C 184 6.51 -20.97 24.29
C LEU C 184 7.66 -21.34 23.37
N ASP C 185 8.03 -22.62 23.36
CA ASP C 185 9.13 -23.05 22.51
C ASP C 185 8.79 -22.99 21.04
N ALA C 186 7.50 -23.06 20.68
CA ALA C 186 7.10 -23.00 19.28
C ALA C 186 7.16 -21.57 18.76
N LEU C 187 6.99 -20.59 19.64
N LEU C 187 6.97 -20.59 19.63
CA LEU C 187 6.81 -19.20 19.21
CA LEU C 187 6.82 -19.20 19.20
C LEU C 187 8.05 -18.36 19.44
C LEU C 187 8.06 -18.37 19.44
N LEU C 188 8.72 -18.52 20.57
CA LEU C 188 9.80 -17.59 20.88
C LEU C 188 10.95 -17.61 19.88
N PRO C 189 11.37 -18.75 19.32
CA PRO C 189 12.46 -18.71 18.31
C PRO C 189 12.11 -17.88 17.12
N THR C 190 10.82 -17.84 16.76
CA THR C 190 10.45 -17.05 15.60
C THR C 190 10.55 -15.55 15.89
N ALA C 191 10.45 -15.19 17.15
CA ALA C 191 10.56 -13.80 17.51
C ALA C 191 12.01 -13.34 17.57
N ALA C 192 12.98 -14.27 17.58
CA ALA C 192 14.38 -13.88 17.74
C ALA C 192 14.93 -13.23 16.47
N GLY C 193 15.93 -12.37 16.65
CA GLY C 193 16.66 -11.85 15.50
C GLY C 193 17.67 -10.83 15.98
N GLU C 194 18.69 -10.59 15.13
CA GLU C 194 19.70 -9.62 15.50
C GLU C 194 19.08 -8.25 15.69
N GLY C 195 19.48 -7.59 16.78
CA GLY C 195 19.06 -6.24 17.15
C GLY C 195 17.83 -6.12 18.04
N HIS C 196 17.16 -7.21 18.41
CA HIS C 196 16.02 -7.11 19.31
C HIS C 196 15.89 -8.36 20.17
N ASN C 197 15.13 -8.23 21.28
CA ASN C 197 14.84 -9.26 22.26
C ASN C 197 13.61 -10.05 21.86
N ALA C 198 13.41 -11.18 22.54
CA ALA C 198 12.18 -11.94 22.44
C ALA C 198 11.73 -12.32 23.84
N LEU C 199 10.47 -12.06 24.13
CA LEU C 199 9.95 -12.10 25.49
C LEU C 199 8.50 -12.59 25.44
N TYR C 200 7.92 -12.88 26.61
CA TYR C 200 6.46 -12.91 26.71
C TYR C 200 6.11 -12.31 28.08
N SER C 201 4.82 -12.14 28.34
CA SER C 201 4.44 -11.56 29.63
C SER C 201 3.22 -12.28 30.20
N VAL C 202 3.06 -12.13 31.53
CA VAL C 202 2.03 -12.85 32.31
C VAL C 202 1.52 -11.95 33.44
N ASN C 203 0.30 -12.23 33.89
CA ASN C 203 -0.17 -11.61 35.12
C ASN C 203 0.33 -12.41 36.27
N ASP C 204 0.09 -11.92 37.48
CA ASP C 204 0.79 -12.54 38.62
C ASP C 204 0.19 -13.89 39.07
N GLY C 205 -0.85 -14.41 38.43
CA GLY C 205 -1.30 -15.76 38.73
C GLY C 205 -0.20 -16.78 38.48
N THR C 206 0.75 -16.46 37.58
CA THR C 206 1.94 -17.31 37.36
C THR C 206 2.66 -17.68 38.67
N TRP C 207 2.80 -16.72 39.60
CA TRP C 207 3.48 -17.02 40.86
C TRP C 207 2.49 -17.35 41.96
N PHE C 208 1.22 -16.89 41.87
CA PHE C 208 0.34 -16.93 43.05
C PHE C 208 -0.78 -17.96 42.99
N ILE C 209 -1.01 -18.62 41.85
CA ILE C 209 -2.12 -19.58 41.70
C ILE C 209 -1.59 -21.00 41.51
N ASP C 210 -1.91 -21.89 42.44
CA ASP C 210 -1.50 -23.29 42.31
C ASP C 210 -2.18 -23.90 41.09
N GLY C 211 -1.43 -24.76 40.37
CA GLY C 211 -1.99 -25.45 39.22
C GLY C 211 -1.98 -24.62 37.95
N HIS C 212 -1.55 -23.38 38.01
CA HIS C 212 -1.68 -22.53 36.84
C HIS C 212 -0.65 -22.99 35.81
N PRO C 213 -1.01 -23.08 34.52
CA PRO C 213 -0.06 -23.74 33.59
C PRO C 213 1.07 -22.84 33.13
N PHE C 214 0.98 -21.52 33.31
CA PHE C 214 2.15 -20.68 33.16
C PHE C 214 2.88 -20.66 34.49
N THR C 215 4.18 -20.92 34.47
CA THR C 215 4.87 -21.23 35.71
C THR C 215 6.03 -20.30 35.98
N PRO C 216 6.46 -20.21 37.22
CA PRO C 216 7.65 -19.37 37.52
C PRO C 216 8.91 -19.84 36.80
N VAL C 217 9.11 -21.15 36.63
CA VAL C 217 10.30 -21.62 35.94
C VAL C 217 10.25 -21.18 34.48
N GLN C 218 9.07 -21.23 33.83
CA GLN C 218 9.02 -20.72 32.46
C GLN C 218 9.40 -19.23 32.43
N SER C 219 8.79 -18.43 33.32
CA SER C 219 9.02 -16.99 33.28
C SER C 219 10.51 -16.64 33.43
N ALA C 220 11.25 -17.44 34.20
CA ALA C 220 12.66 -17.15 34.48
C ALA C 220 13.60 -17.97 33.59
N THR C 221 13.08 -18.67 32.55
CA THR C 221 13.98 -19.38 31.64
C THR C 221 13.65 -19.20 30.17
N LYS C 222 12.40 -18.92 29.80
CA LYS C 222 12.03 -18.80 28.39
C LYS C 222 11.97 -17.33 27.96
N GLY C 223 12.41 -17.06 26.73
CA GLY C 223 12.60 -15.68 26.27
C GLY C 223 13.84 -15.10 26.97
N ASP C 224 14.11 -13.81 26.76
CA ASP C 224 15.45 -13.29 27.06
C ASP C 224 15.55 -12.67 28.44
N MET C 225 14.41 -12.36 29.06
CA MET C 225 14.41 -11.69 30.36
C MET C 225 13.18 -12.13 31.12
N THR C 226 13.26 -12.04 32.44
CA THR C 226 12.12 -12.41 33.30
C THR C 226 11.18 -11.21 33.40
N VAL C 227 9.98 -11.33 32.85
CA VAL C 227 9.04 -10.20 32.73
C VAL C 227 7.96 -10.25 33.81
N ILE C 228 7.77 -9.13 34.55
CA ILE C 228 6.76 -9.08 35.59
C ILE C 228 5.90 -7.82 35.39
N HIS C 229 4.67 -7.89 35.86
CA HIS C 229 3.72 -6.76 35.90
C HIS C 229 3.27 -6.65 37.35
N SER C 230 3.51 -5.51 37.98
CA SER C 230 3.31 -5.32 39.43
C SER C 230 2.08 -4.43 39.67
N TRP C 231 1.02 -5.01 40.24
CA TRP C 231 -0.25 -4.31 40.46
C TRP C 231 -0.71 -4.46 41.91
N VAL C 232 -0.68 -3.39 42.70
CA VAL C 232 -0.99 -3.57 44.13
C VAL C 232 -2.49 -3.64 44.40
N PHE C 233 -3.34 -3.55 43.36
CA PHE C 233 -4.75 -3.81 43.65
C PHE C 233 -5.04 -5.30 43.81
N ASN C 234 -4.03 -6.15 43.67
CA ASN C 234 -4.19 -7.60 43.85
C ASN C 234 -4.32 -8.03 45.30
N GLY C 235 -4.58 -7.10 46.28
CA GLY C 235 -4.59 -7.46 47.68
C GLY C 235 -3.46 -6.86 48.48
N ILE C 236 -2.35 -6.47 47.82
CA ILE C 236 -1.22 -5.86 48.55
C ILE C 236 -1.68 -4.60 49.27
N ALA C 237 -2.26 -3.68 48.51
CA ALA C 237 -2.67 -2.41 49.11
C ALA C 237 -3.78 -2.60 50.13
N GLN C 238 -4.77 -3.42 49.79
CA GLN C 238 -5.92 -3.59 50.68
C GLN C 238 -5.49 -4.27 51.97
N GLY C 239 -4.59 -5.25 51.87
CA GLY C 239 -4.27 -6.07 53.03
C GLY C 239 -3.18 -5.45 53.91
N TYR C 240 -2.10 -4.96 53.28
CA TYR C 240 -1.01 -4.38 54.04
C TYR C 240 -1.23 -2.90 54.31
N GLY C 241 -2.05 -2.24 53.50
CA GLY C 241 -2.29 -0.80 53.66
C GLY C 241 -1.65 -0.04 52.49
N ALA C 242 -2.44 0.85 51.86
CA ALA C 242 -1.98 1.56 50.66
C ALA C 242 -0.66 2.28 50.89
N THR C 243 -0.51 2.93 52.04
CA THR C 243 0.71 3.69 52.28
C THR C 243 1.79 2.90 53.00
N SER C 244 1.58 1.60 53.22
CA SER C 244 2.50 0.83 54.05
C SER C 244 3.82 0.62 53.31
N GLU C 245 4.86 0.37 54.11
CA GLU C 245 6.15 -0.03 53.54
C GLU C 245 6.03 -1.30 52.71
N GLU C 246 5.18 -2.25 53.16
CA GLU C 246 5.01 -3.48 52.38
C GLU C 246 4.47 -3.16 51.00
N CYS C 247 3.46 -2.29 50.92
CA CYS C 247 2.89 -1.95 49.60
C CYS C 247 3.93 -1.27 48.70
N SER C 248 4.72 -0.32 49.26
CA SER C 248 5.80 0.34 48.53
C SER C 248 6.85 -0.66 48.04
N SER C 249 7.02 -1.76 48.75
CA SER C 249 8.08 -2.73 48.46
C SER C 249 7.62 -3.87 47.55
N TYR C 250 6.38 -3.84 47.09
CA TYR C 250 5.83 -5.02 46.41
C TYR C 250 6.47 -5.23 45.02
N ALA C 251 6.76 -4.15 44.26
CA ALA C 251 7.41 -4.38 42.97
C ALA C 251 8.77 -5.04 43.18
N LEU C 252 9.49 -4.62 44.24
CA LEU C 252 10.74 -5.29 44.58
C LEU C 252 10.51 -6.75 44.92
N TYR C 253 9.50 -7.02 45.78
CA TYR C 253 9.19 -8.40 46.11
C TYR C 253 8.96 -9.23 44.86
N LEU C 254 8.21 -8.68 43.90
CA LEU C 254 7.91 -9.51 42.73
C LEU C 254 9.15 -9.76 41.88
N ALA C 255 10.04 -8.76 41.78
CA ALA C 255 11.30 -8.97 41.05
C ALA C 255 12.16 -10.03 41.72
N GLU C 256 12.37 -9.88 43.03
CA GLU C 256 13.13 -10.88 43.76
C GLU C 256 12.47 -12.24 43.65
N LEU C 257 11.14 -12.30 43.80
CA LEU C 257 10.46 -13.58 43.67
C LEU C 257 10.65 -14.18 42.27
N ALA C 258 10.37 -13.41 41.23
CA ALA C 258 10.39 -14.06 39.90
C ALA C 258 11.78 -14.52 39.49
N LYS C 259 12.82 -13.76 39.84
CA LYS C 259 14.14 -14.21 39.42
C LYS C 259 14.61 -15.41 40.21
N ALA C 260 13.97 -15.70 41.36
CA ALA C 260 14.47 -16.81 42.16
C ALA C 260 14.34 -18.12 41.44
N PHE C 261 13.43 -18.23 40.45
CA PHE C 261 13.18 -19.54 39.89
C PHE C 261 14.00 -19.82 38.64
N GLY C 262 14.85 -18.89 38.22
CA GLY C 262 15.69 -19.19 37.06
C GLY C 262 16.96 -19.93 37.41
N LYS C 263 17.46 -20.67 36.44
CA LYS C 263 18.76 -21.29 36.61
C LYS C 263 19.87 -20.25 36.63
N ASP C 264 19.71 -19.16 35.88
CA ASP C 264 20.77 -18.18 35.72
C ASP C 264 20.54 -17.07 36.74
N SER C 265 21.40 -16.99 37.77
CA SER C 265 21.18 -16.00 38.83
C SER C 265 21.34 -14.56 38.33
N GLU C 266 21.97 -14.37 37.17
CA GLU C 266 22.22 -13.05 36.62
C GLU C 266 21.20 -12.67 35.56
N ARG C 267 20.18 -13.49 35.33
CA ARG C 267 19.21 -13.20 34.26
C ARG C 267 18.43 -11.93 34.60
N PRO C 268 18.29 -11.01 33.68
CA PRO C 268 17.65 -9.72 34.00
C PRO C 268 16.18 -9.86 34.22
N VAL C 269 15.66 -8.94 35.03
CA VAL C 269 14.22 -8.80 35.31
C VAL C 269 13.74 -7.51 34.68
N TRP C 270 12.64 -7.56 33.91
CA TRP C 270 12.02 -6.33 33.36
C TRP C 270 10.70 -6.09 34.09
N LEU C 271 10.65 -5.00 34.87
CA LEU C 271 9.40 -4.52 35.47
C LEU C 271 8.65 -3.83 34.35
N GLN C 272 7.95 -4.65 33.56
CA GLN C 272 7.37 -4.22 32.29
C GLN C 272 6.03 -3.49 32.46
N GLU C 273 5.38 -3.65 33.60
CA GLU C 273 4.25 -2.79 33.99
C GLU C 273 4.36 -2.52 35.47
N VAL C 274 4.10 -1.27 35.84
CA VAL C 274 3.85 -0.91 37.26
C VAL C 274 3.03 0.37 37.16
N GLY C 275 1.93 0.42 37.89
CA GLY C 275 1.08 1.60 37.86
C GLY C 275 0.62 1.92 39.27
N ALA C 276 -0.12 3.04 39.40
CA ALA C 276 -0.57 3.56 40.70
C ALA C 276 -2.10 3.56 40.76
N PRO C 277 -2.73 2.41 41.01
CA PRO C 277 -4.17 2.26 40.77
C PRO C 277 -5.02 2.97 41.83
N GLU C 278 -5.87 3.90 41.38
CA GLU C 278 -6.60 4.70 42.33
C GLU C 278 -7.86 4.00 42.85
N ASN C 279 -8.10 2.74 42.52
CA ASN C 279 -9.09 2.05 43.30
C ASN C 279 -8.57 1.69 44.70
N VAL C 280 -7.24 1.68 44.90
CA VAL C 280 -6.68 1.35 46.21
C VAL C 280 -5.71 2.40 46.73
N LEU C 281 -5.21 3.30 45.90
CA LEU C 281 -4.39 4.43 46.35
C LEU C 281 -5.14 5.76 46.27
N GLU C 282 -4.88 6.65 47.22
N GLU C 282 -4.88 6.64 47.25
CA GLU C 282 -5.47 7.97 47.11
CA GLU C 282 -5.39 8.00 47.15
C GLU C 282 -4.74 8.79 46.06
C GLU C 282 -4.74 8.71 45.96
N THR C 283 -5.52 9.56 45.30
CA THR C 283 -4.99 10.30 44.17
C THR C 283 -3.77 11.15 44.55
N ASP C 284 -3.82 11.83 45.69
CA ASP C 284 -2.70 12.73 46.02
C ASP C 284 -1.47 11.97 46.51
N TYR C 285 -1.59 10.65 46.64
CA TYR C 285 -0.49 9.79 47.06
C TYR C 285 0.23 9.12 45.89
N THR C 286 -0.36 9.13 44.70
CA THR C 286 0.28 8.37 43.62
C THR C 286 1.69 8.84 43.29
N PRO C 287 2.06 10.13 43.38
CA PRO C 287 3.47 10.46 43.11
C PRO C 287 4.41 9.87 44.15
N GLU C 288 4.06 9.94 45.44
CA GLU C 288 4.90 9.33 46.46
C GLU C 288 4.95 7.80 46.30
N PHE C 289 3.80 7.18 45.97
CA PHE C 289 3.80 5.74 45.71
C PHE C 289 4.78 5.40 44.60
N CYS C 290 4.74 6.20 43.53
CA CYS C 290 5.65 6.00 42.38
C CYS C 290 7.10 6.10 42.82
N ARG C 291 7.43 7.18 43.54
CA ARG C 291 8.81 7.35 43.97
C ARG C 291 9.26 6.17 44.85
N LYS C 292 8.48 5.85 45.90
CA LYS C 292 8.94 4.79 46.81
C LYS C 292 9.03 3.44 46.09
N THR C 293 8.04 3.14 45.23
CA THR C 293 8.03 1.84 44.54
C THR C 293 9.25 1.67 43.65
N VAL C 294 9.58 2.70 42.85
CA VAL C 294 10.75 2.64 41.95
C VAL C 294 12.05 2.57 42.76
N GLU C 295 12.16 3.39 43.81
CA GLU C 295 13.38 3.38 44.60
C GLU C 295 13.61 2.00 45.18
N ARG C 296 12.55 1.32 45.65
CA ARG C 296 12.77 -0.02 46.18
C ARG C 296 13.03 -1.02 45.06
N ALA C 297 12.31 -0.90 43.95
CA ALA C 297 12.57 -1.86 42.86
C ALA C 297 14.02 -1.79 42.42
N MET C 298 14.61 -0.60 42.50
CA MET C 298 15.99 -0.47 42.04
C MET C 298 16.97 -1.23 42.92
N ASP C 299 16.53 -1.63 44.11
CA ASP C 299 17.41 -2.39 44.98
C ASP C 299 17.49 -3.87 44.58
N CYS C 300 16.91 -4.26 43.45
CA CYS C 300 17.10 -5.58 42.87
C CYS C 300 18.18 -5.47 41.78
N ARG C 301 19.33 -6.13 41.99
CA ARG C 301 20.43 -5.89 41.06
C ARG C 301 20.18 -6.47 39.68
N ASN C 302 19.23 -7.38 39.54
CA ASN C 302 18.93 -7.89 38.20
C ASN C 302 17.98 -6.98 37.44
N LEU C 303 17.45 -5.91 38.05
CA LEU C 303 16.42 -5.13 37.36
C LEU C 303 17.03 -4.43 36.15
N TRP C 304 16.38 -4.61 34.99
CA TRP C 304 16.87 -4.07 33.71
C TRP C 304 16.15 -2.81 33.33
N GLY C 305 14.89 -2.65 33.77
CA GLY C 305 14.14 -1.45 33.39
C GLY C 305 12.80 -1.44 34.08
N VAL C 306 12.19 -0.25 34.07
CA VAL C 306 10.89 0.03 34.68
C VAL C 306 10.03 0.72 33.64
N THR C 307 8.87 0.14 33.31
CA THR C 307 8.01 0.72 32.29
C THR C 307 6.67 1.01 32.97
N TRP C 308 6.35 2.28 33.14
CA TRP C 308 5.16 2.64 33.90
C TRP C 308 3.91 2.39 33.08
N TRP C 309 2.84 1.95 33.75
CA TRP C 309 1.52 1.83 33.10
C TRP C 309 0.71 3.01 33.62
N CYS C 310 0.38 4.00 32.75
CA CYS C 310 0.59 4.04 31.34
C CYS C 310 0.87 5.48 30.94
N SER C 311 1.11 5.72 29.65
CA SER C 311 1.53 7.06 29.27
C SER C 311 0.37 8.04 29.44
N HIS C 312 -0.81 7.71 28.88
CA HIS C 312 -1.88 8.66 28.78
C HIS C 312 -3.18 8.08 29.33
N ASP C 313 -3.95 8.95 30.00
CA ASP C 313 -5.25 8.52 30.51
C ASP C 313 -6.12 7.94 29.38
N VAL C 314 -7.00 7.03 29.77
CA VAL C 314 -7.96 6.44 28.83
C VAL C 314 -9.11 7.41 28.65
N PRO C 315 -9.47 7.76 27.42
CA PRO C 315 -10.51 8.79 27.23
C PRO C 315 -11.76 8.51 28.05
N ALA C 316 -12.28 9.56 28.68
CA ALA C 316 -13.42 9.40 29.59
C ALA C 316 -14.68 8.97 28.85
N SER C 317 -14.81 9.29 27.56
CA SER C 317 -16.02 8.94 26.85
C SER C 317 -16.11 7.45 26.50
N MET C 318 -15.07 6.67 26.77
CA MET C 318 -15.08 5.22 26.48
C MET C 318 -15.55 4.46 27.72
N GLU C 319 -16.56 3.62 27.59
CA GLU C 319 -17.12 3.07 28.82
C GLU C 319 -16.80 1.61 29.04
N ASP C 320 -17.24 1.09 30.20
CA ASP C 320 -17.08 -0.32 30.64
C ASP C 320 -15.69 -0.67 31.11
N PHE C 321 -14.77 0.28 31.19
CA PHE C 321 -13.54 0.03 31.91
C PHE C 321 -13.82 0.02 33.43
N PRO C 322 -13.12 -0.80 34.20
CA PRO C 322 -12.98 -0.50 35.64
C PRO C 322 -12.54 0.95 35.80
N PHE C 323 -13.27 1.69 36.63
CA PHE C 323 -13.18 3.15 36.59
C PHE C 323 -11.75 3.66 36.74
N PHE C 324 -10.98 3.07 37.66
CA PHE C 324 -9.64 3.60 37.91
C PHE C 324 -8.73 3.48 36.71
N GLU C 325 -9.03 2.61 35.76
CA GLU C 325 -8.12 2.50 34.63
C GLU C 325 -7.98 3.79 33.87
N HIS C 326 -9.00 4.63 33.88
CA HIS C 326 -8.93 5.83 33.07
C HIS C 326 -7.81 6.73 33.54
N SER C 327 -7.52 6.73 34.83
CA SER C 327 -6.59 7.73 35.35
C SER C 327 -5.19 7.18 35.60
N LEU C 328 -4.84 6.02 35.00
CA LEU C 328 -3.50 5.49 35.23
C LEU C 328 -2.42 6.20 34.42
N GLY C 329 -2.78 7.21 33.63
CA GLY C 329 -1.77 7.91 32.82
C GLY C 329 -0.78 8.74 33.62
N LEU C 330 0.39 8.99 32.96
CA LEU C 330 1.30 10.06 33.38
C LEU C 330 0.91 11.41 32.83
N PHE C 331 0.17 11.43 31.73
CA PHE C 331 -0.45 12.60 31.13
C PHE C 331 -1.96 12.47 31.21
N ASP C 332 -2.65 13.58 31.49
CA ASP C 332 -4.10 13.52 31.67
C ASP C 332 -4.80 13.54 30.30
N GLU C 333 -6.14 13.63 30.27
CA GLU C 333 -6.75 13.54 28.95
C GLU C 333 -6.54 14.81 28.12
N GLN C 334 -6.24 15.94 28.74
CA GLN C 334 -5.88 17.11 27.94
C GLN C 334 -4.43 17.09 27.49
N GLY C 335 -3.72 15.98 27.73
CA GLY C 335 -2.30 15.88 27.38
C GLY C 335 -1.38 16.63 28.33
N GLN C 336 -1.88 17.03 29.50
CA GLN C 336 -1.07 17.79 30.45
C GLN C 336 -0.32 16.82 31.33
N LEU C 337 0.93 17.12 31.60
CA LEU C 337 1.71 16.22 32.45
C LEU C 337 1.15 16.24 33.88
N LYS C 338 0.96 15.06 34.49
CA LYS C 338 0.43 14.97 35.86
C LYS C 338 1.57 14.94 36.88
N PRO C 339 1.24 15.16 38.15
CA PRO C 339 2.31 15.10 39.19
C PRO C 339 3.04 13.77 39.19
N ILE C 340 2.34 12.66 38.91
CA ILE C 340 3.05 11.37 38.87
C ILE C 340 3.97 11.30 37.66
N GLY C 341 3.57 11.92 36.54
CA GLY C 341 4.46 11.96 35.38
C GLY C 341 5.74 12.75 35.67
N ARG C 342 5.60 13.91 36.33
CA ARG C 342 6.76 14.70 36.72
C ARG C 342 7.69 13.86 37.60
N THR C 343 7.10 13.16 38.58
CA THR C 343 7.88 12.24 39.45
C THR C 343 8.64 11.19 38.65
N PHE C 344 7.96 10.54 37.71
CA PHE C 344 8.59 9.43 37.00
C PHE C 344 9.69 9.95 36.09
N GLY C 345 9.49 11.12 35.46
CA GLY C 345 10.59 11.72 34.71
C GLY C 345 11.80 12.04 35.59
N GLU C 346 11.53 12.58 36.79
CA GLU C 346 12.63 12.86 37.72
C GLU C 346 13.36 11.60 38.15
N LEU C 347 12.62 10.50 38.38
CA LEU C 347 13.24 9.22 38.72
C LEU C 347 14.14 8.74 37.60
N ALA C 348 13.67 8.88 36.35
CA ALA C 348 14.54 8.48 35.25
C ALA C 348 15.81 9.31 35.25
N ALA C 349 15.71 10.63 35.43
CA ALA C 349 16.93 11.43 35.42
C ALA C 349 17.85 11.03 36.57
N GLN C 350 17.28 10.66 37.70
CA GLN C 350 18.09 10.36 38.88
C GLN C 350 18.75 8.98 38.79
N TYR C 351 18.07 8.01 38.15
CA TYR C 351 18.46 6.62 38.24
C TYR C 351 18.90 5.98 36.94
N ARG C 352 18.73 6.62 35.79
CA ARG C 352 19.04 5.87 34.60
C ARG C 352 20.53 5.53 34.54
N SER C 353 21.40 6.29 35.22
CA SER C 353 22.83 5.97 35.21
C SER C 353 23.36 5.46 36.56
N ALA C 354 22.52 4.96 37.44
CA ALA C 354 23.01 4.56 38.75
C ALA C 354 23.78 3.23 38.70
N LEU C 355 24.70 3.06 39.65
CA LEU C 355 25.37 1.76 39.82
C LEU C 355 24.37 0.72 40.34
N PRO C 356 24.55 -0.57 39.99
CA PRO C 356 23.56 -1.58 40.38
C PRO C 356 23.56 -1.73 41.87
N ALA C 357 22.49 -2.31 42.36
CA ALA C 357 22.34 -2.48 43.79
C ALA C 357 23.40 -3.42 44.34
N GLN C 358 23.64 -3.33 45.64
CA GLN C 358 24.53 -4.24 46.36
C GLN C 358 23.94 -5.66 46.42
N PRO C 359 24.78 -6.69 46.53
CA PRO C 359 24.24 -8.04 46.69
C PRO C 359 23.54 -8.18 48.05
N LYS C 360 22.88 -9.31 48.21
CA LYS C 360 22.04 -9.59 49.38
C LYS C 360 22.48 -10.90 50.00
N THR C 361 22.88 -10.87 51.28
CA THR C 361 23.32 -12.12 51.89
C THR C 361 22.23 -12.85 52.68
N VAL C 362 21.03 -12.27 52.83
CA VAL C 362 19.91 -12.85 53.56
C VAL C 362 18.91 -13.31 52.51
N ALA C 363 18.47 -14.58 52.61
CA ALA C 363 17.50 -15.08 51.62
C ALA C 363 16.35 -15.82 52.28
N VAL C 364 15.15 -15.63 51.71
CA VAL C 364 13.98 -16.47 51.98
C VAL C 364 14.07 -17.65 51.02
N VAL C 365 13.75 -18.86 51.52
CA VAL C 365 13.85 -20.12 50.78
C VAL C 365 12.43 -20.55 50.44
N ILE C 366 12.19 -20.87 49.17
CA ILE C 366 10.89 -21.41 48.74
C ILE C 366 11.08 -22.87 48.31
N ASP C 367 10.33 -23.78 48.94
CA ASP C 367 10.40 -25.18 48.55
C ASP C 367 9.85 -25.39 47.13
N VAL C 368 10.60 -26.11 46.30
CA VAL C 368 10.19 -26.34 44.92
C VAL C 368 10.22 -27.83 44.61
N ASP C 369 9.55 -28.20 43.53
CA ASP C 369 9.48 -29.58 43.08
C ASP C 369 10.70 -29.85 42.21
N GLU C 370 10.80 -31.06 41.64
CA GLU C 370 12.01 -31.40 40.87
C GLU C 370 12.23 -30.46 39.70
N ALA C 371 11.14 -29.99 39.07
CA ALA C 371 11.32 -29.12 37.92
C ALA C 371 11.69 -27.70 38.35
N GLY C 372 11.58 -27.37 39.63
CA GLY C 372 11.96 -26.04 40.06
C GLY C 372 10.79 -25.14 40.41
N ASN C 373 9.55 -25.59 40.27
CA ASN C 373 8.43 -24.72 40.55
C ASN C 373 8.00 -24.85 42.00
N PRO C 374 7.35 -23.81 42.57
CA PRO C 374 7.02 -23.87 44.00
C PRO C 374 6.06 -24.97 44.27
N VAL C 375 6.29 -25.67 45.38
CA VAL C 375 5.31 -26.66 45.81
C VAL C 375 3.99 -25.99 46.13
N ASN C 376 4.04 -24.81 46.75
CA ASN C 376 2.82 -24.14 47.22
C ASN C 376 2.84 -22.70 46.71
N ARG C 377 2.22 -22.47 45.55
CA ARG C 377 2.21 -21.13 45.02
C ARG C 377 1.29 -20.24 45.84
N SER C 378 0.23 -20.79 46.46
N SER C 378 0.29 -20.85 46.50
CA SER C 378 -0.69 -19.88 47.14
CA SER C 378 -0.70 -20.05 47.19
C SER C 378 0.06 -19.08 48.20
C SER C 378 -0.08 -19.22 48.29
N ALA C 379 1.02 -19.71 48.87
CA ALA C 379 1.77 -18.98 49.92
C ALA C 379 2.63 -17.81 49.41
N LEU C 380 2.85 -17.67 48.09
CA LEU C 380 3.64 -16.57 47.55
C LEU C 380 2.86 -15.26 47.38
N GLY C 381 1.52 -15.33 47.33
CA GLY C 381 0.73 -14.14 47.05
C GLY C 381 0.56 -13.24 48.26
N PRO C 382 -0.16 -12.13 48.05
CA PRO C 382 -0.38 -11.12 49.10
C PRO C 382 -1.01 -11.70 50.35
N GLY C 383 -0.32 -11.53 51.48
CA GLY C 383 -0.71 -12.12 52.75
C GLY C 383 -0.52 -13.61 52.88
N GLY C 384 0.20 -14.25 51.98
CA GLY C 384 0.56 -15.63 52.16
C GLY C 384 1.83 -15.69 53.05
N SER C 385 2.18 -16.89 53.49
CA SER C 385 3.26 -17.00 54.48
C SER C 385 4.60 -16.56 53.89
N VAL C 386 4.85 -16.84 52.60
CA VAL C 386 6.16 -16.47 52.05
C VAL C 386 6.22 -14.96 51.80
N CYS C 387 5.11 -14.39 51.29
CA CYS C 387 5.06 -12.95 51.14
C CYS C 387 5.23 -12.26 52.49
N ASP C 388 4.52 -12.74 53.52
CA ASP C 388 4.62 -12.14 54.85
C ASP C 388 6.05 -12.22 55.39
N LEU C 389 6.68 -13.39 55.24
CA LEU C 389 8.05 -13.57 55.72
C LEU C 389 9.02 -12.60 55.04
N TRP C 390 8.97 -12.55 53.70
CA TRP C 390 9.82 -11.63 52.96
C TRP C 390 9.53 -10.20 53.36
N MET C 391 8.25 -9.86 53.44
CA MET C 391 7.87 -8.51 53.82
C MET C 391 8.41 -8.18 55.20
N LYS C 392 8.30 -9.13 56.14
CA LYS C 392 8.78 -8.86 57.49
C LYS C 392 10.26 -8.50 57.49
N LEU C 393 11.07 -9.31 56.80
CA LEU C 393 12.50 -9.04 56.72
C LEU C 393 12.78 -7.73 56.01
N GLN C 394 12.05 -7.45 54.91
CA GLN C 394 12.28 -6.21 54.16
C GLN C 394 11.95 -4.99 55.00
N VAL C 395 10.82 -5.02 55.73
CA VAL C 395 10.45 -3.90 56.61
C VAL C 395 11.45 -3.71 57.73
N ALA C 396 12.08 -4.80 58.18
CA ALA C 396 13.09 -4.75 59.22
C ALA C 396 14.46 -4.36 58.70
N GLY C 397 14.56 -3.96 57.43
CA GLY C 397 15.79 -3.46 56.87
C GLY C 397 16.81 -4.52 56.54
N GLN C 398 16.37 -5.77 56.37
CA GLN C 398 17.28 -6.88 56.13
C GLN C 398 17.52 -7.14 54.66
N ARG C 399 16.89 -6.40 53.76
CA ARG C 399 17.12 -6.53 52.32
C ARG C 399 17.11 -8.00 51.87
N PRO C 400 16.05 -8.74 52.11
CA PRO C 400 16.12 -10.17 51.76
C PRO C 400 16.05 -10.41 50.24
N THR C 401 16.81 -11.41 49.77
CA THR C 401 16.58 -11.95 48.44
C THR C 401 15.81 -13.26 48.60
N ILE C 402 15.62 -14.00 47.49
CA ILE C 402 14.77 -15.19 47.49
C ILE C 402 15.49 -16.27 46.71
N ILE C 403 15.51 -17.49 47.26
CA ILE C 403 16.06 -18.62 46.52
C ILE C 403 15.11 -19.81 46.65
N THR C 404 15.35 -20.81 45.80
CA THR C 404 14.60 -22.04 45.94
C THR C 404 15.34 -23.02 46.85
N SER C 405 14.61 -24.06 47.23
CA SER C 405 15.19 -25.11 48.05
C SER C 405 16.31 -25.86 47.32
N GLN C 406 16.30 -25.86 45.98
CA GLN C 406 17.38 -26.55 45.28
C GLN C 406 18.70 -25.80 45.43
N VAL C 407 18.64 -24.46 45.46
CA VAL C 407 19.82 -23.67 45.75
C VAL C 407 20.19 -23.79 47.23
N ALA C 408 19.19 -23.77 48.12
CA ALA C 408 19.48 -23.84 49.56
C ALA C 408 20.14 -25.16 49.92
N ALA C 409 19.89 -26.21 49.16
CA ALA C 409 20.44 -27.50 49.53
C ALA C 409 21.87 -27.68 49.03
N ASN C 410 22.41 -26.70 48.31
CA ASN C 410 23.66 -26.89 47.61
C ASN C 410 24.64 -25.85 48.11
N GLN C 411 25.62 -26.28 48.90
CA GLN C 411 26.53 -25.31 49.51
C GLN C 411 27.27 -24.49 48.45
N GLU C 412 27.64 -25.11 47.34
CA GLU C 412 28.31 -24.38 46.27
C GLU C 412 27.38 -23.35 45.61
N ALA C 413 26.14 -23.71 45.31
CA ALA C 413 25.19 -22.72 44.78
C ALA C 413 25.03 -21.53 45.72
N LEU C 414 24.98 -21.77 47.04
CA LEU C 414 24.92 -20.67 48.01
C LEU C 414 26.17 -19.82 47.98
N ALA C 415 27.34 -20.47 47.92
CA ALA C 415 28.59 -19.72 47.84
C ALA C 415 28.67 -18.93 46.54
N GLN C 416 28.25 -19.52 45.43
CA GLN C 416 28.25 -18.75 44.18
C GLN C 416 27.45 -17.47 44.34
N ARG C 417 26.38 -17.49 45.15
CA ARG C 417 25.52 -16.32 45.30
C ARG C 417 25.91 -15.42 46.46
N GLY C 418 26.88 -15.83 47.28
CA GLY C 418 27.25 -15.00 48.41
C GLY C 418 26.17 -14.95 49.48
N ILE C 419 25.40 -16.01 49.64
CA ILE C 419 24.31 -16.00 50.61
C ILE C 419 24.77 -16.62 51.92
N LEU C 420 24.42 -15.94 53.04
CA LEU C 420 24.90 -16.36 54.35
C LEU C 420 23.82 -16.79 55.34
N GLU C 421 22.60 -16.30 55.22
CA GLU C 421 21.56 -16.51 56.21
C GLU C 421 20.28 -16.87 55.50
N LEU C 422 19.70 -18.02 55.84
CA LEU C 422 18.48 -18.51 55.18
C LEU C 422 17.30 -18.43 56.14
N HIS C 423 16.10 -18.12 55.59
CA HIS C 423 14.87 -18.09 56.36
C HIS C 423 13.87 -18.97 55.62
N ALA C 424 13.42 -20.05 56.28
CA ALA C 424 12.45 -20.92 55.60
C ALA C 424 11.05 -20.58 56.07
N ASP C 425 10.05 -21.03 55.32
CA ASP C 425 8.65 -20.84 55.69
C ASP C 425 8.26 -22.01 56.57
N GLU C 426 8.35 -21.84 57.89
CA GLU C 426 8.17 -22.99 58.78
C GLU C 426 6.70 -23.41 58.85
N HIS C 427 5.75 -22.46 58.75
CA HIS C 427 4.32 -22.79 58.92
C HIS C 427 3.51 -22.16 57.80
N PRO C 428 3.45 -22.81 56.64
CA PRO C 428 2.93 -22.13 55.45
C PRO C 428 1.42 -21.92 55.52
N TYR C 429 0.95 -20.87 54.85
CA TYR C 429 -0.47 -20.63 54.74
C TYR C 429 -0.73 -19.86 53.44
N ALA C 430 -1.97 -20.02 52.96
CA ALA C 430 -2.36 -19.43 51.68
C ALA C 430 -2.46 -17.90 51.77
N ALA C 431 -2.44 -17.26 50.60
CA ALA C 431 -2.45 -15.79 50.52
C ALA C 431 -3.80 -15.24 50.98
N ARG C 432 -3.85 -14.70 52.20
CA ARG C 432 -5.11 -14.27 52.79
C ARG C 432 -5.66 -13.02 52.12
N TYR C 433 -4.83 -12.24 51.39
CA TYR C 433 -5.31 -10.99 50.78
C TYR C 433 -5.53 -11.07 49.27
N TYR C 434 -5.03 -12.11 48.63
CA TYR C 434 -4.93 -12.10 47.17
C TYR C 434 -6.29 -12.04 46.52
N THR C 435 -6.45 -11.15 45.55
CA THR C 435 -7.60 -11.29 44.65
C THR C 435 -7.06 -11.32 43.22
N ALA C 436 -7.58 -12.24 42.41
CA ALA C 436 -7.01 -12.47 41.08
C ALA C 436 -7.60 -11.55 40.00
N VAL C 437 -8.57 -10.69 40.32
CA VAL C 437 -9.19 -9.86 39.30
C VAL C 437 -8.93 -8.39 39.64
N SER C 438 -9.15 -7.51 38.63
CA SER C 438 -8.89 -6.09 38.78
C SER C 438 -10.08 -5.30 39.31
N ASP C 439 -11.27 -5.91 39.36
CA ASP C 439 -12.46 -5.19 39.73
C ASP C 439 -13.41 -6.17 40.38
N PRO C 440 -14.11 -5.76 41.45
CA PRO C 440 -15.18 -6.62 42.03
C PRO C 440 -16.22 -7.04 41.02
N SER C 441 -16.42 -6.24 39.96
CA SER C 441 -17.22 -6.54 38.78
C SER C 441 -16.99 -7.96 38.25
N PHE C 442 -15.75 -8.41 38.29
CA PHE C 442 -15.36 -9.71 37.75
C PHE C 442 -15.25 -10.78 38.86
N SER D 19 -7.84 -23.08 -29.13
CA SER D 19 -7.13 -21.94 -29.72
C SER D 19 -5.74 -22.38 -30.26
N HIS D 20 -5.77 -23.19 -31.32
CA HIS D 20 -4.56 -23.49 -32.07
C HIS D 20 -3.77 -22.24 -32.47
N MET D 21 -4.46 -21.12 -32.69
CA MET D 21 -3.81 -19.88 -33.14
C MET D 21 -4.28 -18.77 -32.23
N LYS D 22 -3.34 -18.05 -31.58
CA LYS D 22 -3.76 -16.99 -30.68
C LYS D 22 -3.96 -15.70 -31.43
N PHE D 23 -4.98 -14.95 -31.03
CA PHE D 23 -5.23 -13.61 -31.61
C PHE D 23 -5.31 -12.65 -30.44
N GLY D 24 -4.56 -11.55 -30.51
CA GLY D 24 -4.65 -10.56 -29.43
C GLY D 24 -4.21 -9.19 -29.91
N VAL D 25 -4.03 -8.27 -28.95
CA VAL D 25 -3.66 -6.90 -29.33
C VAL D 25 -2.62 -6.37 -28.37
N ASN D 26 -1.78 -5.50 -28.90
CA ASN D 26 -0.90 -4.66 -28.09
C ASN D 26 -1.78 -3.58 -27.51
N TYR D 27 -1.89 -3.53 -26.16
CA TYR D 27 -2.89 -2.70 -25.50
C TYR D 27 -2.33 -1.30 -25.30
N THR D 28 -2.94 -0.32 -25.98
CA THR D 28 -2.62 1.11 -25.76
C THR D 28 -3.79 1.74 -25.04
N PRO D 29 -3.64 2.14 -23.77
CA PRO D 29 -4.79 2.64 -23.01
C PRO D 29 -5.42 3.82 -23.72
N SER D 30 -6.74 3.80 -23.80
CA SER D 30 -7.37 4.77 -24.69
C SER D 30 -7.32 6.15 -24.08
N HIS D 31 -7.34 6.25 -22.73
CA HIS D 31 -7.26 7.53 -22.04
C HIS D 31 -5.82 7.60 -21.54
N GLY D 32 -5.04 8.48 -22.06
CA GLY D 32 -3.69 8.56 -21.47
C GLY D 32 -2.56 7.80 -22.16
N TRP D 33 -2.85 6.83 -23.05
CA TRP D 33 -1.76 6.07 -23.68
C TRP D 33 -0.92 5.50 -22.56
N PHE D 34 0.40 5.39 -22.79
CA PHE D 34 1.25 4.89 -21.68
C PHE D 34 1.58 5.98 -20.65
N HIS D 35 1.03 7.17 -20.82
CA HIS D 35 1.03 8.12 -19.72
C HIS D 35 -0.05 7.79 -18.72
N ALA D 36 -0.95 6.82 -19.03
CA ALA D 36 -1.94 6.40 -18.04
C ALA D 36 -1.29 5.90 -16.77
N TRP D 37 -0.08 5.36 -16.84
CA TRP D 37 0.54 4.84 -15.63
C TRP D 37 0.73 5.94 -14.59
N LEU D 38 0.86 7.21 -15.03
CA LEU D 38 0.98 8.30 -14.07
C LEU D 38 -0.35 8.71 -13.47
N ASP D 39 -1.48 8.52 -14.18
CA ASP D 39 -2.78 9.02 -13.74
C ASP D 39 -3.84 8.10 -14.32
N PRO D 40 -3.91 6.85 -13.85
CA PRO D 40 -4.71 5.85 -14.56
C PRO D 40 -6.17 6.08 -14.34
N ASP D 41 -6.94 5.85 -15.39
CA ASP D 41 -8.38 5.88 -15.29
C ASP D 41 -8.78 4.40 -15.28
N TRP D 42 -8.86 3.80 -14.08
CA TRP D 42 -9.09 2.34 -14.01
C TRP D 42 -10.45 1.93 -14.57
N ASP D 43 -11.46 2.81 -14.47
N ASP D 43 -11.47 2.80 -14.51
CA ASP D 43 -12.74 2.53 -15.12
CA ASP D 43 -12.74 2.42 -15.12
C ASP D 43 -12.57 2.41 -16.62
C ASP D 43 -12.63 2.42 -16.65
N GLY D 44 -11.85 3.36 -17.19
CA GLY D 44 -11.57 3.36 -18.64
C GLY D 44 -10.70 2.19 -19.08
N ILE D 45 -9.74 1.78 -18.25
CA ILE D 45 -8.93 0.62 -18.59
C ILE D 45 -9.78 -0.64 -18.59
N ASP D 46 -10.70 -0.73 -17.63
CA ASP D 46 -11.61 -1.86 -17.65
C ASP D 46 -12.48 -1.84 -18.91
N ASN D 47 -13.00 -0.67 -19.26
CA ASN D 47 -13.77 -0.58 -20.53
C ASN D 47 -12.94 -1.00 -21.73
N ASP D 48 -11.71 -0.51 -21.82
CA ASP D 48 -10.78 -0.89 -22.91
C ASP D 48 -10.65 -2.40 -23.00
N LEU D 49 -10.35 -3.04 -21.89
CA LEU D 49 -10.08 -4.49 -21.92
C LEU D 49 -11.35 -5.27 -22.17
N LYS D 50 -12.50 -4.77 -21.66
CA LYS D 50 -13.77 -5.44 -21.95
C LYS D 50 -14.05 -5.41 -23.45
N GLN D 51 -13.81 -4.27 -24.11
CA GLN D 51 -14.17 -4.29 -25.52
C GLN D 51 -13.15 -5.09 -26.33
N ILE D 52 -11.91 -5.15 -25.88
CA ILE D 52 -10.95 -6.04 -26.53
C ILE D 52 -11.42 -7.50 -26.43
N SER D 53 -11.85 -7.92 -25.22
CA SER D 53 -12.41 -9.25 -25.03
C SER D 53 -13.65 -9.49 -25.89
N GLU D 54 -14.54 -8.50 -25.98
CA GLU D 54 -15.78 -8.70 -26.77
C GLU D 54 -15.49 -8.80 -28.27
N LEU D 55 -14.34 -8.31 -28.71
CA LEU D 55 -13.92 -8.47 -30.12
C LEU D 55 -13.42 -9.87 -30.41
N GLY D 56 -13.29 -10.69 -29.37
CA GLY D 56 -12.89 -12.08 -29.56
C GLY D 56 -11.38 -12.30 -29.43
N MET D 57 -10.64 -11.32 -28.92
CA MET D 57 -9.22 -11.49 -28.64
C MET D 57 -9.07 -12.43 -27.44
N ASP D 58 -7.95 -13.17 -27.41
CA ASP D 58 -7.66 -14.04 -26.29
C ASP D 58 -6.51 -13.54 -25.48
N HIS D 59 -5.79 -12.49 -25.94
CA HIS D 59 -4.70 -12.00 -25.09
C HIS D 59 -4.40 -10.52 -25.39
N VAL D 60 -3.67 -9.89 -24.45
CA VAL D 60 -3.15 -8.55 -24.64
C VAL D 60 -1.69 -8.57 -24.27
N ARG D 61 -0.95 -7.65 -24.89
CA ARG D 61 0.41 -7.33 -24.48
C ARG D 61 0.38 -5.92 -23.86
N ILE D 62 1.09 -5.75 -22.73
CA ILE D 62 0.96 -4.61 -21.85
C ILE D 62 2.35 -4.01 -21.64
N PHE D 63 2.44 -2.68 -21.51
CA PHE D 63 3.74 -1.95 -21.57
C PHE D 63 3.86 -0.99 -20.40
N PRO D 64 4.37 -1.45 -19.27
CA PRO D 64 4.79 -0.51 -18.22
C PRO D 64 5.97 0.33 -18.70
N ILE D 65 6.33 1.29 -17.87
CA ILE D 65 7.41 2.23 -18.17
C ILE D 65 8.56 2.01 -17.16
N TRP D 66 9.76 1.69 -17.69
CA TRP D 66 10.91 1.32 -16.85
C TRP D 66 11.28 2.40 -15.82
N PRO D 67 11.45 3.68 -16.18
CA PRO D 67 11.84 4.64 -15.13
C PRO D 67 10.76 4.88 -14.08
N TYR D 68 9.49 4.49 -14.35
CA TYR D 68 8.51 4.58 -13.25
C TYR D 68 8.61 3.37 -12.33
N LEU D 69 9.02 2.23 -12.89
CA LEU D 69 9.17 1.02 -12.06
C LEU D 69 10.45 1.05 -11.25
N GLN D 70 11.52 1.60 -11.82
CA GLN D 70 12.83 1.48 -11.18
C GLN D 70 13.54 2.82 -11.32
N PRO D 71 13.10 3.81 -10.53
CA PRO D 71 13.60 5.19 -10.75
C PRO D 71 14.99 5.39 -10.22
N ASN D 72 15.48 4.48 -9.37
CA ASN D 72 16.87 4.46 -8.90
C ASN D 72 17.36 3.01 -9.15
N ARG D 73 18.66 2.84 -9.36
CA ARG D 73 19.16 1.50 -9.73
C ARG D 73 18.76 0.45 -8.70
N THR D 74 18.76 0.83 -7.42
CA THR D 74 18.51 -0.11 -6.33
C THR D 74 17.23 0.22 -5.57
N TRP D 75 16.25 0.85 -6.23
CA TRP D 75 14.99 1.15 -5.55
C TRP D 75 13.84 0.99 -6.54
N ILE D 76 13.02 -0.05 -6.34
CA ILE D 76 11.88 -0.33 -7.19
C ILE D 76 10.62 0.25 -6.58
N ASN D 77 9.77 0.82 -7.45
CA ASN D 77 8.54 1.49 -7.07
C ASN D 77 7.45 0.44 -6.90
N LYS D 78 7.19 0.00 -5.66
CA LYS D 78 6.26 -1.10 -5.46
C LYS D 78 4.84 -0.78 -5.90
N LYS D 79 4.41 0.48 -5.78
CA LYS D 79 3.08 0.83 -6.28
C LYS D 79 3.01 0.67 -7.81
N GLY D 80 4.08 1.04 -8.51
CA GLY D 80 4.09 0.88 -9.97
C GLY D 80 3.99 -0.60 -10.35
N VAL D 81 4.70 -1.46 -9.63
CA VAL D 81 4.56 -2.91 -9.86
C VAL D 81 3.12 -3.34 -9.61
N ALA D 82 2.53 -2.88 -8.50
CA ALA D 82 1.15 -3.22 -8.18
C ALA D 82 0.19 -2.78 -9.28
N ASP D 83 0.41 -1.59 -9.85
CA ASP D 83 -0.45 -1.12 -10.95
C ASP D 83 -0.38 -2.03 -12.16
N VAL D 84 0.82 -2.54 -12.49
CA VAL D 84 0.93 -3.49 -13.58
C VAL D 84 0.13 -4.73 -13.23
N ARG D 85 0.28 -5.21 -11.98
CA ARG D 85 -0.48 -6.38 -11.58
C ARG D 85 -1.99 -6.13 -11.72
N ARG D 86 -2.45 -4.93 -11.34
CA ARG D 86 -3.87 -4.61 -11.43
C ARG D 86 -4.32 -4.64 -12.89
N MET D 87 -3.47 -4.18 -13.81
CA MET D 87 -3.89 -4.20 -15.24
C MET D 87 -3.98 -5.63 -15.75
N VAL D 88 -3.04 -6.46 -15.35
CA VAL D 88 -3.09 -7.87 -15.69
C VAL D 88 -4.36 -8.48 -15.13
N HIS D 89 -4.66 -8.16 -13.86
CA HIS D 89 -5.86 -8.72 -13.22
C HIS D 89 -7.14 -8.31 -13.95
N ILE D 90 -7.21 -7.06 -14.37
CA ILE D 90 -8.41 -6.62 -15.09
C ILE D 90 -8.51 -7.37 -16.41
N ALA D 91 -7.39 -7.55 -17.09
CA ALA D 91 -7.43 -8.31 -18.35
C ALA D 91 -8.00 -9.70 -18.09
N GLY D 92 -7.54 -10.34 -17.03
CA GLY D 92 -8.07 -11.66 -16.69
C GLY D 92 -9.52 -11.69 -16.30
N GLU D 93 -10.06 -10.58 -15.71
CA GLU D 93 -11.50 -10.57 -15.41
C GLU D 93 -12.32 -10.73 -16.67
N HIS D 94 -11.76 -10.26 -17.77
CA HIS D 94 -12.47 -10.31 -19.04
C HIS D 94 -11.99 -11.47 -19.90
N GLY D 95 -11.38 -12.48 -19.30
CA GLY D 95 -11.03 -13.68 -20.05
C GLY D 95 -9.82 -13.49 -20.97
N LEU D 96 -8.96 -12.49 -20.73
CA LEU D 96 -7.77 -12.27 -21.55
C LEU D 96 -6.51 -12.79 -20.85
N ASP D 97 -5.66 -13.47 -21.58
CA ASP D 97 -4.31 -13.71 -21.08
C ASP D 97 -3.50 -12.44 -21.23
N ALA D 98 -2.49 -12.28 -20.37
CA ALA D 98 -1.72 -11.04 -20.41
C ALA D 98 -0.23 -11.35 -20.53
N TYR D 99 0.41 -10.63 -21.47
CA TYR D 99 1.86 -10.75 -21.70
C TYR D 99 2.42 -9.39 -21.35
N VAL D 100 3.50 -9.33 -20.58
CA VAL D 100 3.99 -8.05 -20.05
C VAL D 100 5.43 -7.82 -20.50
N ASP D 101 5.69 -6.66 -21.11
CA ASP D 101 7.06 -6.24 -21.44
C ASP D 101 7.63 -5.39 -20.32
N VAL D 102 8.95 -5.47 -20.05
CA VAL D 102 9.44 -4.74 -18.88
C VAL D 102 10.18 -3.46 -19.27
N PHE D 103 11.24 -3.59 -20.06
CA PHE D 103 12.17 -2.44 -20.25
C PHE D 103 11.71 -1.54 -21.40
N GLN D 104 10.65 -0.75 -21.12
CA GLN D 104 10.33 0.42 -22.00
C GLN D 104 10.86 1.64 -21.25
N GLY D 105 11.96 2.21 -21.73
CA GLY D 105 12.59 1.86 -22.99
C GLY D 105 11.79 2.49 -24.14
N HIS D 106 11.64 1.77 -25.26
CA HIS D 106 11.26 2.37 -26.53
C HIS D 106 9.78 2.09 -26.80
N LEU D 107 8.99 3.17 -26.99
CA LEU D 107 7.57 3.10 -27.38
C LEU D 107 7.28 4.22 -28.39
N SER D 108 6.95 3.83 -29.63
CA SER D 108 6.44 4.73 -30.68
C SER D 108 7.25 6.03 -30.81
N SER D 109 8.54 5.88 -31.06
CA SER D 109 9.55 6.89 -31.29
C SER D 109 10.12 7.52 -30.00
N PHE D 110 9.57 7.26 -28.83
CA PHE D 110 10.03 7.84 -27.57
C PHE D 110 10.86 6.84 -26.77
N ASP D 111 11.92 7.32 -26.12
CA ASP D 111 12.67 6.46 -25.20
C ASP D 111 12.45 6.96 -23.78
N PHE D 112 12.04 6.06 -22.90
CA PHE D 112 11.87 6.31 -21.48
C PHE D 112 13.00 5.65 -20.70
N LEU D 113 14.02 6.44 -20.35
CA LEU D 113 15.19 5.80 -19.74
C LEU D 113 15.33 6.29 -18.31
N PRO D 114 15.77 5.41 -17.40
CA PRO D 114 15.99 5.85 -16.02
C PRO D 114 17.08 6.92 -15.95
N SER D 115 16.93 7.81 -14.98
CA SER D 115 17.94 8.85 -14.85
C SER D 115 19.32 8.27 -14.48
N TRP D 116 19.35 7.08 -13.89
CA TRP D 116 20.62 6.47 -13.52
C TRP D 116 21.36 5.80 -14.69
N LEU D 117 20.84 5.93 -15.93
CA LEU D 117 21.53 5.49 -17.15
C LEU D 117 21.75 6.64 -18.15
N VAL D 118 21.51 7.90 -17.78
CA VAL D 118 21.64 9.00 -18.75
C VAL D 118 22.45 10.14 -18.17
N THR D 119 22.87 11.04 -19.08
CA THR D 119 23.63 12.27 -18.79
C THR D 119 24.79 12.00 -17.84
N TRP D 120 24.80 12.60 -16.64
CA TRP D 120 25.88 12.41 -15.70
C TRP D 120 26.03 10.96 -15.28
N HIS D 121 24.98 10.14 -15.46
CA HIS D 121 25.00 8.72 -15.13
C HIS D 121 24.94 7.86 -16.39
N ALA D 122 25.40 8.39 -17.52
CA ALA D 122 25.27 7.65 -18.78
C ALA D 122 25.92 6.28 -18.62
N GLY D 123 25.24 5.24 -19.09
CA GLY D 123 25.74 3.91 -18.85
C GLY D 123 25.28 3.05 -19.99
N ASN D 124 25.56 1.75 -19.93
CA ASN D 124 25.27 0.87 -21.06
C ASN D 124 24.43 -0.23 -20.46
N MET D 125 23.14 -0.28 -20.80
CA MET D 125 22.25 -1.22 -20.13
C MET D 125 22.57 -2.68 -20.47
N PHE D 126 23.37 -2.92 -21.51
CA PHE D 126 23.67 -4.30 -21.96
C PHE D 126 24.95 -4.84 -21.32
N THR D 127 25.90 -3.95 -21.02
CA THR D 127 27.28 -4.40 -20.70
C THR D 127 27.74 -3.96 -19.32
N ASP D 128 27.06 -2.99 -18.70
CA ASP D 128 27.47 -2.52 -17.36
C ASP D 128 26.96 -3.52 -16.34
N ALA D 129 27.87 -4.16 -15.57
CA ALA D 129 27.42 -5.22 -14.66
C ALA D 129 26.38 -4.72 -13.66
N ASP D 130 26.54 -3.49 -13.16
N ASP D 130 26.55 -3.50 -13.12
CA ASP D 130 25.58 -2.99 -12.18
CA ASP D 130 25.56 -3.01 -12.15
C ASP D 130 24.20 -2.82 -12.81
C ASP D 130 24.19 -2.84 -12.80
N ALA D 131 24.14 -2.34 -14.06
CA ALA D 131 22.85 -2.20 -14.73
C ALA D 131 22.20 -3.55 -14.97
N VAL D 132 22.98 -4.55 -15.39
CA VAL D 132 22.42 -5.87 -15.67
C VAL D 132 21.88 -6.49 -14.40
N ALA D 133 22.61 -6.32 -13.30
CA ALA D 133 22.12 -6.87 -12.04
C ALA D 133 20.79 -6.20 -11.66
N ALA D 134 20.68 -4.89 -11.88
CA ALA D 134 19.44 -4.19 -11.53
C ALA D 134 18.29 -4.63 -12.44
N GLU D 135 18.58 -4.77 -13.74
CA GLU D 135 17.61 -5.30 -14.66
C GLU D 135 17.12 -6.68 -14.20
N ARG D 136 18.06 -7.56 -13.86
CA ARG D 136 17.65 -8.88 -13.38
C ARG D 136 16.75 -8.77 -12.15
N GLU D 137 17.08 -7.85 -11.23
CA GLU D 137 16.24 -7.70 -10.03
C GLU D 137 14.82 -7.23 -10.39
N LEU D 138 14.72 -6.35 -11.38
CA LEU D 138 13.38 -5.90 -11.78
C LEU D 138 12.61 -7.04 -12.46
N VAL D 139 13.28 -7.83 -13.32
CA VAL D 139 12.63 -8.95 -13.96
C VAL D 139 12.14 -9.94 -12.89
N LYS D 140 12.98 -10.22 -11.91
CA LYS D 140 12.58 -11.14 -10.85
C LYS D 140 11.36 -10.61 -10.09
N THR D 141 11.44 -9.33 -9.68
CA THR D 141 10.34 -8.71 -8.95
C THR D 141 9.04 -8.77 -9.75
N MET D 142 9.11 -8.41 -11.04
CA MET D 142 7.89 -8.41 -11.85
C MET D 142 7.37 -9.84 -12.02
N THR D 143 8.28 -10.79 -12.31
CA THR D 143 7.83 -12.17 -12.48
C THR D 143 7.18 -12.71 -11.19
N ASP D 144 7.84 -12.48 -10.06
CA ASP D 144 7.31 -12.98 -8.79
C ASP D 144 5.93 -12.41 -8.47
N GLU D 145 5.73 -11.13 -8.71
CA GLU D 145 4.45 -10.56 -8.36
C GLU D 145 3.36 -10.87 -9.41
N LEU D 146 3.67 -10.76 -10.69
CA LEU D 146 2.66 -11.01 -11.71
C LEU D 146 2.27 -12.49 -11.78
N SER D 147 3.16 -13.40 -11.39
CA SER D 147 2.78 -14.81 -11.32
C SER D 147 1.67 -15.10 -10.31
N LYS D 148 1.34 -14.17 -9.44
CA LYS D 148 0.22 -14.35 -8.55
C LYS D 148 -1.12 -14.23 -9.25
N GLU D 149 -1.12 -13.73 -10.56
CA GLU D 149 -2.34 -13.65 -11.35
C GLU D 149 -2.38 -14.80 -12.33
N PRO D 150 -3.45 -15.58 -12.35
CA PRO D 150 -3.53 -16.68 -13.33
C PRO D 150 -3.47 -16.13 -14.74
N ALA D 151 -3.95 -14.90 -14.98
CA ALA D 151 -3.94 -14.39 -16.35
C ALA D 151 -2.56 -14.06 -16.86
N PHE D 152 -1.54 -13.96 -15.99
CA PHE D 152 -0.20 -13.62 -16.51
C PHE D 152 0.41 -14.83 -17.20
N LYS D 153 0.68 -14.71 -18.52
CA LYS D 153 1.17 -15.86 -19.29
C LYS D 153 2.56 -15.64 -19.89
N GLY D 154 3.15 -14.45 -19.83
CA GLY D 154 4.51 -14.40 -20.36
C GLY D 154 5.14 -13.04 -20.06
N LEU D 155 6.46 -13.02 -19.96
CA LEU D 155 7.24 -11.81 -19.75
C LEU D 155 8.13 -11.62 -20.97
N THR D 156 8.07 -10.46 -21.63
CA THR D 156 8.99 -10.11 -22.70
C THR D 156 9.99 -9.11 -22.10
N LEU D 157 11.30 -9.33 -22.27
CA LEU D 157 12.24 -8.43 -21.56
C LEU D 157 11.93 -6.97 -21.84
N GLY D 158 11.65 -6.63 -23.10
CA GLY D 158 11.17 -5.28 -23.34
C GLY D 158 10.87 -5.15 -24.83
N ASN D 159 10.35 -4.00 -25.21
CA ASN D 159 9.91 -3.77 -26.59
C ASN D 159 11.10 -3.31 -27.43
N GLU D 160 11.42 -4.08 -28.47
CA GLU D 160 12.47 -3.73 -29.45
C GLU D 160 13.72 -3.27 -28.72
N VAL D 161 14.19 -4.11 -27.78
CA VAL D 161 15.32 -3.68 -26.94
C VAL D 161 16.58 -3.48 -27.74
N ASN D 162 16.64 -4.03 -28.98
CA ASN D 162 17.86 -3.90 -29.76
C ASN D 162 18.04 -2.51 -30.31
N GLN D 163 16.98 -1.68 -30.33
CA GLN D 163 17.10 -0.39 -30.99
C GLN D 163 18.07 0.51 -30.27
N LEU D 164 18.35 0.26 -29.00
CA LEU D 164 19.33 1.08 -28.30
C LEU D 164 20.77 0.64 -28.54
N SER D 165 21.01 -0.48 -29.25
CA SER D 165 22.35 -1.10 -29.22
C SER D 165 23.20 -0.69 -30.39
N ASP D 166 22.66 0.09 -31.33
CA ASP D 166 23.42 0.27 -32.58
C ASP D 166 22.95 1.55 -33.28
N ARG D 167 23.73 1.96 -34.27
CA ARG D 167 23.24 2.94 -35.24
C ARG D 167 21.90 2.47 -35.76
N PRO D 168 20.95 3.37 -36.09
CA PRO D 168 20.97 4.84 -36.11
C PRO D 168 20.62 5.51 -34.76
N HIS D 169 20.56 4.76 -33.65
CA HIS D 169 20.13 5.37 -32.39
C HIS D 169 21.07 6.51 -32.01
N PRO D 170 20.55 7.69 -31.61
CA PRO D 170 21.44 8.83 -31.39
C PRO D 170 22.25 8.78 -30.11
N THR D 171 21.92 7.93 -29.14
CA THR D 171 22.70 7.80 -27.92
C THR D 171 22.94 6.32 -27.68
N LYS D 172 23.59 5.67 -28.66
CA LYS D 172 23.54 4.21 -28.61
C LYS D 172 24.38 3.68 -27.45
N MET D 173 23.98 2.51 -26.95
CA MET D 173 24.73 1.70 -25.97
C MET D 173 25.30 0.49 -26.73
N SER D 174 26.49 0.66 -27.31
CA SER D 174 27.03 -0.37 -28.20
C SER D 174 27.32 -1.67 -27.46
N ALA D 175 27.34 -2.76 -28.22
CA ALA D 175 27.66 -4.05 -27.63
C ALA D 175 28.07 -4.95 -28.77
N THR D 176 28.89 -5.97 -28.48
CA THR D 176 29.15 -7.01 -29.48
C THR D 176 28.03 -8.05 -29.44
N ASP D 177 27.95 -8.91 -30.47
CA ASP D 177 26.95 -9.95 -30.38
C ASP D 177 27.20 -10.91 -29.21
N ARG D 178 28.48 -11.13 -28.87
CA ARG D 178 28.78 -11.97 -27.70
C ARG D 178 28.31 -11.31 -26.42
N GLN D 179 28.47 -9.98 -26.30
CA GLN D 179 27.93 -9.30 -25.13
C GLN D 179 26.40 -9.41 -25.07
N ILE D 180 25.71 -9.34 -26.23
CA ILE D 180 24.27 -9.49 -26.24
C ILE D 180 23.86 -10.93 -25.91
N ASP D 181 24.65 -11.93 -26.34
CA ASP D 181 24.40 -13.31 -25.88
C ASP D 181 24.41 -13.33 -24.36
N ALA D 182 25.46 -12.73 -23.78
CA ALA D 182 25.60 -12.75 -22.33
C ALA D 182 24.46 -12.00 -21.66
N TRP D 183 24.03 -10.87 -22.25
CA TRP D 183 22.93 -10.10 -21.65
C TRP D 183 21.62 -10.90 -21.65
N LEU D 184 21.29 -11.52 -22.79
CA LEU D 184 20.08 -12.36 -22.87
C LEU D 184 20.17 -13.51 -21.86
N ASP D 185 21.34 -14.16 -21.77
CA ASP D 185 21.51 -15.28 -20.88
C ASP D 185 21.47 -14.84 -19.42
N ALA D 186 21.77 -13.58 -19.12
CA ALA D 186 21.71 -13.15 -17.73
C ALA D 186 20.29 -12.81 -17.29
N LEU D 187 19.41 -12.48 -18.23
CA LEU D 187 18.09 -12.01 -17.88
C LEU D 187 17.01 -13.05 -18.10
N LEU D 188 17.04 -13.78 -19.22
CA LEU D 188 15.91 -14.67 -19.53
C LEU D 188 15.66 -15.73 -18.46
N PRO D 189 16.67 -16.38 -17.84
CA PRO D 189 16.34 -17.37 -16.82
C PRO D 189 15.59 -16.77 -15.64
N THR D 190 15.83 -15.49 -15.30
CA THR D 190 15.07 -14.93 -14.19
C THR D 190 13.61 -14.70 -14.56
N ALA D 191 13.32 -14.54 -15.84
CA ALA D 191 11.92 -14.34 -16.26
C ALA D 191 11.18 -15.66 -16.31
N ALA D 192 11.88 -16.79 -16.24
CA ALA D 192 11.16 -18.06 -16.38
C ALA D 192 10.41 -18.43 -15.09
N GLY D 193 9.41 -19.30 -15.24
CA GLY D 193 8.66 -19.75 -14.08
C GLY D 193 7.43 -20.52 -14.51
N GLU D 194 6.92 -21.44 -13.67
CA GLU D 194 5.83 -22.30 -14.11
C GLU D 194 4.62 -21.42 -14.42
N GLY D 195 3.95 -21.73 -15.52
CA GLY D 195 2.74 -20.99 -15.82
C GLY D 195 2.91 -19.84 -16.80
N HIS D 196 4.13 -19.50 -17.20
CA HIS D 196 4.32 -18.40 -18.15
C HIS D 196 5.61 -18.62 -18.94
N ASN D 197 5.75 -17.86 -20.03
CA ASN D 197 6.77 -17.84 -21.08
C ASN D 197 7.79 -16.78 -20.71
N ALA D 198 8.98 -16.87 -21.31
CA ALA D 198 10.03 -15.85 -21.19
C ALA D 198 10.52 -15.54 -22.59
N LEU D 199 10.53 -14.26 -22.97
CA LEU D 199 10.78 -13.85 -24.34
C LEU D 199 11.57 -12.55 -24.33
N TYR D 200 12.01 -12.13 -25.52
CA TYR D 200 12.39 -10.74 -25.73
C TYR D 200 11.92 -10.34 -27.14
N SER D 201 12.01 -9.04 -27.47
CA SER D 201 11.58 -8.62 -28.80
C SER D 201 12.57 -7.63 -29.40
N VAL D 202 12.57 -7.55 -30.73
CA VAL D 202 13.53 -6.75 -31.47
C VAL D 202 12.83 -6.10 -32.66
N ASN D 203 13.43 -4.99 -33.15
CA ASN D 203 12.94 -4.50 -34.47
C ASN D 203 13.68 -5.25 -35.56
N ASP D 204 13.28 -4.98 -36.82
CA ASP D 204 13.77 -5.85 -37.89
C ASP D 204 15.24 -5.60 -38.29
N GLY D 205 15.96 -4.65 -37.66
CA GLY D 205 17.39 -4.54 -37.90
C GLY D 205 18.14 -5.83 -37.57
N THR D 206 17.60 -6.64 -36.66
CA THR D 206 18.16 -7.94 -36.34
C THR D 206 18.38 -8.78 -37.58
N TRP D 207 17.42 -8.79 -38.52
CA TRP D 207 17.62 -9.57 -39.73
C TRP D 207 18.21 -8.75 -40.87
N PHE D 208 18.10 -7.43 -40.83
CA PHE D 208 18.34 -6.64 -42.03
C PHE D 208 19.60 -5.80 -41.98
N ILE D 209 20.31 -5.73 -40.86
CA ILE D 209 21.42 -4.78 -40.73
C ILE D 209 22.70 -5.57 -40.44
N ASP D 210 23.66 -5.49 -41.35
CA ASP D 210 24.90 -6.21 -41.07
C ASP D 210 25.63 -5.64 -39.87
N GLY D 211 26.28 -6.52 -39.10
CA GLY D 211 27.01 -6.08 -37.92
C GLY D 211 26.14 -5.74 -36.72
N HIS D 212 24.83 -5.85 -36.85
CA HIS D 212 23.98 -5.50 -35.70
C HIS D 212 24.16 -6.56 -34.61
N PRO D 213 24.31 -6.18 -33.35
CA PRO D 213 24.71 -7.18 -32.34
C PRO D 213 23.55 -8.02 -31.82
N PHE D 214 22.29 -7.67 -32.09
CA PHE D 214 21.19 -8.61 -31.93
C PHE D 214 21.06 -9.39 -33.23
N THR D 215 21.06 -10.73 -33.13
CA THR D 215 21.25 -11.54 -34.33
C THR D 215 20.08 -12.49 -34.57
N PRO D 216 19.94 -12.98 -35.82
CA PRO D 216 18.86 -13.97 -36.09
C PRO D 216 19.00 -15.24 -35.26
N VAL D 217 20.21 -15.73 -35.02
CA VAL D 217 20.39 -16.92 -34.18
C VAL D 217 19.88 -16.66 -32.76
N GLN D 218 20.20 -15.49 -32.21
CA GLN D 218 19.68 -15.20 -30.86
C GLN D 218 18.15 -15.23 -30.86
N SER D 219 17.53 -14.57 -31.83
CA SER D 219 16.08 -14.50 -31.83
C SER D 219 15.44 -15.88 -31.94
N ALA D 220 16.09 -16.81 -32.65
CA ALA D 220 15.49 -18.13 -32.90
C ALA D 220 16.02 -19.21 -31.94
N THR D 221 16.77 -18.82 -30.88
CA THR D 221 17.31 -19.78 -29.93
C THR D 221 17.08 -19.33 -28.48
N LYS D 222 17.02 -18.02 -28.21
CA LYS D 222 16.96 -17.52 -26.84
C LYS D 222 15.54 -17.12 -26.51
N GLY D 223 15.11 -17.45 -25.28
CA GLY D 223 13.70 -17.28 -24.92
C GLY D 223 12.93 -18.44 -25.55
N ASP D 224 11.60 -18.43 -25.36
CA ASP D 224 10.79 -19.62 -25.61
C ASP D 224 10.22 -19.63 -27.02
N MET D 225 10.16 -18.48 -27.71
CA MET D 225 9.57 -18.42 -29.03
C MET D 225 10.33 -17.38 -29.83
N THR D 226 10.32 -17.54 -31.16
CA THR D 226 10.92 -16.54 -32.06
C THR D 226 9.92 -15.40 -32.24
N VAL D 227 10.30 -14.20 -31.79
CA VAL D 227 9.37 -13.05 -31.73
C VAL D 227 9.70 -12.06 -32.84
N ILE D 228 8.67 -11.68 -33.63
CA ILE D 228 8.91 -10.78 -34.76
C ILE D 228 7.91 -9.64 -34.69
N HIS D 229 8.31 -8.48 -35.23
CA HIS D 229 7.40 -7.33 -35.37
C HIS D 229 7.42 -6.94 -36.85
N SER D 230 6.25 -6.91 -37.51
CA SER D 230 6.18 -6.81 -38.97
C SER D 230 5.61 -5.43 -39.36
N TRP D 231 6.45 -4.56 -39.92
CA TRP D 231 6.06 -3.18 -40.21
C TRP D 231 6.39 -2.84 -41.65
N VAL D 232 5.36 -2.67 -42.50
CA VAL D 232 5.63 -2.50 -43.94
C VAL D 232 6.04 -1.06 -44.26
N PHE D 233 6.13 -0.17 -43.27
CA PHE D 233 6.74 1.12 -43.58
C PHE D 233 8.26 1.05 -43.69
N ASN D 234 8.86 -0.15 -43.54
CA ASN D 234 10.33 -0.29 -43.60
C ASN D 234 10.84 -0.35 -45.02
N GLY D 235 10.00 -0.01 -46.01
CA GLY D 235 10.35 -0.05 -47.42
C GLY D 235 9.56 -1.08 -48.19
N ILE D 236 8.96 -2.05 -47.48
CA ILE D 236 8.14 -3.04 -48.19
C ILE D 236 7.04 -2.34 -48.99
N ALA D 237 6.25 -1.48 -48.33
CA ALA D 237 5.13 -0.87 -49.05
C ALA D 237 5.64 0.11 -50.07
N GLN D 238 6.63 0.93 -49.70
CA GLN D 238 7.14 1.92 -50.66
C GLN D 238 7.75 1.26 -51.90
N GLY D 239 8.45 0.15 -51.72
CA GLY D 239 9.22 -0.40 -52.85
C GLY D 239 8.43 -1.39 -53.71
N TYR D 240 7.71 -2.31 -53.07
CA TYR D 240 6.87 -3.25 -53.82
C TYR D 240 5.49 -2.69 -54.14
N GLY D 241 5.01 -1.67 -53.42
CA GLY D 241 3.68 -1.12 -53.67
C GLY D 241 2.75 -1.47 -52.50
N ALA D 242 2.06 -0.47 -51.93
CA ALA D 242 1.20 -0.68 -50.76
C ALA D 242 0.20 -1.83 -50.97
N THR D 243 -0.44 -1.90 -52.15
CA THR D 243 -1.47 -2.90 -52.35
C THR D 243 -0.94 -4.20 -52.95
N SER D 244 0.37 -4.30 -53.16
CA SER D 244 0.94 -5.44 -53.89
C SER D 244 0.79 -6.72 -53.07
N GLU D 245 0.87 -7.84 -53.79
CA GLU D 245 0.92 -9.14 -53.12
C GLU D 245 2.17 -9.28 -52.26
N GLU D 246 3.31 -8.75 -52.72
CA GLU D 246 4.53 -8.75 -51.90
C GLU D 246 4.30 -8.04 -50.57
N CYS D 247 3.64 -6.87 -50.60
CA CYS D 247 3.42 -6.14 -49.36
C CYS D 247 2.59 -6.96 -48.37
N SER D 248 1.50 -7.57 -48.85
CA SER D 248 0.68 -8.30 -47.90
C SER D 248 1.23 -9.69 -47.58
N SER D 249 2.26 -10.15 -48.27
CA SER D 249 2.96 -11.38 -47.89
C SER D 249 4.17 -11.13 -46.97
N TYR D 250 4.43 -9.89 -46.54
CA TYR D 250 5.70 -9.64 -45.83
C TYR D 250 5.66 -10.22 -44.40
N ALA D 251 4.51 -10.21 -43.72
CA ALA D 251 4.53 -10.82 -42.38
C ALA D 251 4.86 -12.31 -42.51
N LEU D 252 4.33 -12.99 -43.54
CA LEU D 252 4.75 -14.37 -43.79
C LEU D 252 6.25 -14.48 -44.07
N TYR D 253 6.79 -13.59 -44.91
CA TYR D 253 8.22 -13.64 -45.21
C TYR D 253 9.04 -13.52 -43.93
N LEU D 254 8.63 -12.61 -43.04
CA LEU D 254 9.43 -12.41 -41.84
C LEU D 254 9.34 -13.63 -40.89
N ALA D 255 8.18 -14.29 -40.84
CA ALA D 255 8.03 -15.51 -40.04
C ALA D 255 8.89 -16.62 -40.62
N GLU D 256 8.84 -16.82 -41.94
CA GLU D 256 9.67 -17.86 -42.52
C GLU D 256 11.15 -17.52 -42.35
N LEU D 257 11.50 -16.25 -42.51
CA LEU D 257 12.89 -15.85 -42.38
C LEU D 257 13.38 -16.06 -40.94
N ALA D 258 12.63 -15.55 -39.97
CA ALA D 258 13.16 -15.59 -38.60
C ALA D 258 13.31 -17.03 -38.11
N LYS D 259 12.33 -17.90 -38.37
CA LYS D 259 12.48 -19.29 -37.89
C LYS D 259 13.57 -20.05 -38.62
N ALA D 260 14.05 -19.58 -39.79
CA ALA D 260 15.08 -20.32 -40.51
C ALA D 260 16.38 -20.44 -39.74
N PHE D 261 16.63 -19.56 -38.78
CA PHE D 261 17.93 -19.51 -38.12
C PHE D 261 17.98 -20.27 -36.80
N GLY D 262 16.88 -20.89 -36.39
CA GLY D 262 16.88 -21.67 -35.16
C GLY D 262 17.35 -23.11 -35.41
N LYS D 263 17.94 -23.72 -34.40
CA LYS D 263 18.28 -25.15 -34.54
C LYS D 263 17.02 -26.01 -34.56
N ASP D 264 15.96 -25.57 -33.88
CA ASP D 264 14.75 -26.36 -33.70
C ASP D 264 13.79 -25.97 -34.80
N SER D 265 13.61 -26.85 -35.76
CA SER D 265 12.73 -26.53 -36.87
C SER D 265 11.26 -26.39 -36.43
N GLU D 266 10.91 -26.81 -35.21
CA GLU D 266 9.53 -26.74 -34.75
C GLU D 266 9.30 -25.57 -33.81
N ARG D 267 10.29 -24.72 -33.58
CA ARG D 267 10.16 -23.70 -32.55
C ARG D 267 9.12 -22.69 -33.00
N PRO D 268 8.20 -22.31 -32.15
CA PRO D 268 7.12 -21.39 -32.57
C PRO D 268 7.63 -20.00 -32.87
N VAL D 269 6.86 -19.33 -33.73
CA VAL D 269 7.06 -17.91 -34.06
C VAL D 269 5.87 -17.11 -33.55
N TRP D 270 6.15 -16.01 -32.87
CA TRP D 270 5.06 -15.15 -32.40
C TRP D 270 5.13 -13.87 -33.23
N LEU D 271 4.11 -13.63 -34.05
CA LEU D 271 3.99 -12.32 -34.74
C LEU D 271 3.41 -11.34 -33.72
N GLN D 272 4.32 -10.82 -32.90
CA GLN D 272 3.94 -10.10 -31.68
C GLN D 272 3.53 -8.65 -31.98
N GLU D 273 3.87 -8.12 -33.16
CA GLU D 273 3.31 -6.87 -33.65
C GLU D 273 3.10 -7.01 -35.14
N VAL D 274 1.95 -6.55 -35.60
CA VAL D 274 1.75 -6.28 -37.04
C VAL D 274 0.69 -5.20 -37.07
N GLY D 275 0.92 -4.15 -37.89
CA GLY D 275 0.02 -3.01 -37.92
C GLY D 275 -0.21 -2.59 -39.37
N ALA D 276 -1.13 -1.63 -39.57
CA ALA D 276 -1.50 -1.15 -40.92
C ALA D 276 -1.18 0.34 -41.04
N PRO D 277 0.09 0.69 -41.28
CA PRO D 277 0.52 2.07 -41.03
C PRO D 277 0.10 2.97 -42.19
N GLU D 278 -0.63 4.05 -41.86
CA GLU D 278 -1.18 4.90 -42.91
C GLU D 278 -0.19 5.96 -43.39
N ASN D 279 1.09 5.92 -42.97
CA ASN D 279 2.05 6.68 -43.76
C ASN D 279 2.37 6.01 -45.12
N VAL D 280 2.12 4.72 -45.25
CA VAL D 280 2.39 4.04 -46.52
C VAL D 280 1.17 3.35 -47.09
N LEU D 281 0.13 3.07 -46.30
CA LEU D 281 -1.13 2.44 -46.76
C LEU D 281 -2.24 3.47 -46.80
N GLU D 282 -3.12 3.36 -47.79
CA GLU D 282 -4.32 4.23 -47.78
C GLU D 282 -5.27 3.79 -46.67
N THR D 283 -5.88 4.77 -45.99
CA THR D 283 -6.83 4.48 -44.93
C THR D 283 -7.86 3.41 -45.34
N ASP D 284 -8.47 3.54 -46.54
CA ASP D 284 -9.56 2.61 -46.79
CA ASP D 284 -9.57 2.62 -46.82
C ASP D 284 -9.07 1.24 -47.21
N TYR D 285 -7.79 1.06 -47.36
CA TYR D 285 -7.23 -0.25 -47.65
C TYR D 285 -6.86 -1.02 -46.40
N THR D 286 -6.83 -0.38 -45.22
CA THR D 286 -6.26 -1.11 -44.09
C THR D 286 -7.04 -2.38 -43.73
N PRO D 287 -8.39 -2.47 -43.86
CA PRO D 287 -9.02 -3.78 -43.54
C PRO D 287 -8.60 -4.91 -44.47
N GLU D 288 -8.51 -4.64 -45.78
CA GLU D 288 -8.06 -5.71 -46.69
C GLU D 288 -6.59 -6.03 -46.47
N PHE D 289 -5.78 -5.01 -46.19
CA PHE D 289 -4.40 -5.27 -45.81
C PHE D 289 -4.32 -6.21 -44.60
N CYS D 290 -5.10 -5.91 -43.56
CA CYS D 290 -5.19 -6.77 -42.38
C CYS D 290 -5.60 -8.19 -42.77
N ARG D 291 -6.72 -8.35 -43.50
CA ARG D 291 -7.17 -9.68 -43.87
C ARG D 291 -6.06 -10.46 -44.60
N LYS D 292 -5.49 -9.87 -45.66
CA LYS D 292 -4.55 -10.65 -46.47
C LYS D 292 -3.25 -10.91 -45.71
N THR D 293 -2.78 -9.93 -44.97
CA THR D 293 -1.52 -10.11 -44.20
C THR D 293 -1.65 -11.27 -43.20
N VAL D 294 -2.77 -11.31 -42.47
CA VAL D 294 -2.95 -12.37 -41.46
C VAL D 294 -3.20 -13.72 -42.14
N GLU D 295 -3.99 -13.75 -43.21
CA GLU D 295 -4.20 -15.03 -43.91
C GLU D 295 -2.87 -15.59 -44.43
N ARG D 296 -2.01 -14.72 -44.97
CA ARG D 296 -0.73 -15.23 -45.46
C ARG D 296 0.17 -15.64 -44.31
N ALA D 297 0.22 -14.84 -43.24
CA ALA D 297 1.06 -15.22 -42.10
C ALA D 297 0.68 -16.60 -41.57
N MET D 298 -0.62 -16.92 -41.59
CA MET D 298 -1.01 -18.23 -41.07
C MET D 298 -0.57 -19.38 -41.95
N ASP D 299 -0.04 -19.12 -43.14
CA ASP D 299 0.53 -20.19 -43.94
C ASP D 299 1.90 -20.62 -43.43
N CYS D 300 2.39 -20.02 -42.31
CA CYS D 300 3.62 -20.46 -41.68
C CYS D 300 3.23 -21.43 -40.55
N ARG D 301 3.59 -22.71 -40.68
CA ARG D 301 3.09 -23.68 -39.69
C ARG D 301 3.63 -23.48 -38.28
N ASN D 302 4.75 -22.74 -38.11
CA ASN D 302 5.27 -22.45 -36.78
C ASN D 302 4.57 -21.29 -36.10
N LEU D 303 3.62 -20.64 -36.77
CA LEU D 303 3.05 -19.41 -36.21
C LEU D 303 2.18 -19.77 -35.03
N TRP D 304 2.44 -19.12 -33.88
CA TRP D 304 1.72 -19.40 -32.65
C TRP D 304 0.64 -18.37 -32.38
N GLY D 305 0.81 -17.16 -32.85
CA GLY D 305 -0.23 -16.15 -32.65
C GLY D 305 0.08 -14.87 -33.39
N VAL D 306 -0.93 -14.02 -33.41
CA VAL D 306 -0.86 -12.77 -34.12
C VAL D 306 -1.40 -11.73 -33.17
N THR D 307 -0.63 -10.67 -32.94
CA THR D 307 -0.97 -9.64 -31.96
C THR D 307 -0.92 -8.30 -32.70
N TRP D 308 -2.11 -7.73 -32.95
CA TRP D 308 -2.19 -6.54 -33.78
C TRP D 308 -1.69 -5.34 -32.99
N TRP D 309 -0.99 -4.41 -33.70
CA TRP D 309 -0.60 -3.09 -33.15
C TRP D 309 -1.53 -2.08 -33.79
N CYS D 310 -2.48 -1.50 -33.05
CA CYS D 310 -2.63 -1.61 -31.56
C CYS D 310 -4.10 -1.57 -31.21
N SER D 311 -4.45 -1.70 -29.93
CA SER D 311 -5.88 -1.79 -29.60
C SER D 311 -6.60 -0.46 -29.84
N HIS D 312 -6.01 0.65 -29.38
CA HIS D 312 -6.72 1.93 -29.36
C HIS D 312 -5.86 3.03 -29.96
N ASP D 313 -6.52 3.93 -30.69
CA ASP D 313 -5.83 5.08 -31.25
C ASP D 313 -5.11 5.85 -30.15
N VAL D 314 -3.98 6.44 -30.52
CA VAL D 314 -3.26 7.32 -29.60
C VAL D 314 -3.97 8.66 -29.53
N PRO D 315 -4.23 9.21 -28.34
CA PRO D 315 -5.01 10.46 -28.22
C PRO D 315 -4.49 11.56 -29.13
N ALA D 316 -5.42 12.26 -29.81
CA ALA D 316 -5.02 13.29 -30.76
C ALA D 316 -4.31 14.43 -30.09
N SER D 317 -4.58 14.66 -28.80
CA SER D 317 -4.02 15.81 -28.11
C SER D 317 -2.54 15.64 -27.77
N MET D 318 -2.01 14.43 -27.83
CA MET D 318 -0.61 14.15 -27.53
C MET D 318 0.25 14.36 -28.77
N GLU D 319 1.30 15.16 -28.67
CA GLU D 319 2.03 15.57 -29.86
C GLU D 319 3.39 14.90 -29.93
N ASP D 320 4.06 15.13 -31.07
CA ASP D 320 5.40 14.68 -31.47
C ASP D 320 5.44 13.24 -31.89
N PHE D 321 4.29 12.56 -31.97
CA PHE D 321 4.32 11.24 -32.58
C PHE D 321 4.43 11.39 -34.09
N PRO D 322 5.10 10.47 -34.77
CA PRO D 322 4.87 10.36 -36.22
C PRO D 322 3.37 10.23 -36.46
N PHE D 323 2.88 11.04 -37.38
CA PHE D 323 1.44 11.29 -37.40
C PHE D 323 0.65 9.98 -37.53
N PHE D 324 1.13 9.06 -38.35
CA PHE D 324 0.33 7.85 -38.61
C PHE D 324 0.19 7.02 -37.34
N GLU D 325 1.04 7.22 -36.34
CA GLU D 325 0.90 6.37 -35.14
C GLU D 325 -0.44 6.56 -34.46
N HIS D 326 -1.05 7.72 -34.63
CA HIS D 326 -2.28 7.98 -33.89
C HIS D 326 -3.40 7.03 -34.31
N SER D 327 -3.41 6.62 -35.59
CA SER D 327 -4.55 5.92 -36.14
C SER D 327 -4.27 4.43 -36.31
N LEU D 328 -3.27 3.89 -35.60
CA LEU D 328 -2.99 2.45 -35.71
C LEU D 328 -3.98 1.59 -34.90
N GLY D 329 -4.92 2.20 -34.19
CA GLY D 329 -5.83 1.43 -33.36
C GLY D 329 -6.83 0.59 -34.14
N LEU D 330 -7.33 -0.46 -33.45
CA LEU D 330 -8.53 -1.16 -33.89
C LEU D 330 -9.81 -0.46 -33.42
N PHE D 331 -9.76 0.31 -32.36
CA PHE D 331 -10.81 1.22 -31.90
C PHE D 331 -10.34 2.67 -32.01
N ASP D 332 -11.28 3.58 -32.25
CA ASP D 332 -10.90 4.97 -32.52
C ASP D 332 -10.80 5.75 -31.21
N GLU D 333 -10.58 7.07 -31.26
CA GLU D 333 -10.43 7.75 -29.97
C GLU D 333 -11.72 7.84 -29.17
N GLN D 334 -12.85 7.72 -29.82
CA GLN D 334 -14.10 7.66 -29.06
C GLN D 334 -14.44 6.24 -28.62
N GLY D 335 -13.52 5.28 -28.74
CA GLY D 335 -13.81 3.93 -28.24
C GLY D 335 -14.70 3.12 -29.20
N GLN D 336 -14.89 3.58 -30.43
CA GLN D 336 -15.74 2.88 -31.40
C GLN D 336 -14.90 1.94 -32.22
N LEU D 337 -15.42 0.73 -32.44
CA LEU D 337 -14.71 -0.24 -33.28
C LEU D 337 -14.53 0.29 -34.69
N LYS D 338 -13.31 0.18 -35.23
CA LYS D 338 -13.05 0.64 -36.60
C LYS D 338 -13.22 -0.52 -37.59
N PRO D 339 -13.31 -0.23 -38.89
CA PRO D 339 -13.43 -1.33 -39.86
C PRO D 339 -12.32 -2.34 -39.71
N ILE D 340 -11.07 -1.88 -39.48
CA ILE D 340 -9.99 -2.88 -39.34
C ILE D 340 -10.20 -3.71 -38.09
N GLY D 341 -10.74 -3.10 -37.03
CA GLY D 341 -10.99 -3.89 -35.83
C GLY D 341 -12.03 -4.96 -36.09
N ARG D 342 -13.09 -4.60 -36.83
CA ARG D 342 -14.07 -5.61 -37.17
C ARG D 342 -13.39 -6.75 -37.97
N THR D 343 -12.54 -6.41 -38.94
CA THR D 343 -11.85 -7.46 -39.72
C THR D 343 -11.02 -8.37 -38.81
N PHE D 344 -10.25 -7.77 -37.89
CA PHE D 344 -9.37 -8.61 -37.08
C PHE D 344 -10.19 -9.57 -36.21
N GLY D 345 -11.32 -9.07 -35.67
CA GLY D 345 -12.19 -9.97 -34.88
C GLY D 345 -12.73 -11.10 -35.76
N GLU D 346 -13.07 -10.78 -36.99
CA GLU D 346 -13.59 -11.82 -37.90
C GLU D 346 -12.49 -12.84 -38.18
N LEU D 347 -11.26 -12.36 -38.36
CA LEU D 347 -10.15 -13.28 -38.58
C LEU D 347 -9.97 -14.20 -37.39
N ALA D 348 -10.04 -13.63 -36.18
CA ALA D 348 -9.87 -14.49 -35.00
C ALA D 348 -10.97 -15.56 -34.94
N ALA D 349 -12.22 -15.14 -35.17
CA ALA D 349 -13.32 -16.11 -35.10
C ALA D 349 -13.15 -17.16 -36.17
N GLN D 350 -12.68 -16.77 -37.35
CA GLN D 350 -12.57 -17.77 -38.41
C GLN D 350 -11.36 -18.70 -38.22
N TYR D 351 -10.23 -18.24 -37.65
CA TYR D 351 -9.00 -19.04 -37.65
C TYR D 351 -8.45 -19.47 -36.27
N ARG D 352 -8.98 -18.98 -35.15
CA ARG D 352 -8.34 -19.38 -33.90
C ARG D 352 -8.31 -20.90 -33.74
N SER D 353 -9.25 -21.64 -34.35
CA SER D 353 -9.25 -23.09 -34.22
C SER D 353 -8.78 -23.79 -35.50
N ALA D 354 -8.11 -23.07 -36.40
CA ALA D 354 -7.72 -23.67 -37.67
C ALA D 354 -6.59 -24.69 -37.49
N LEU D 355 -6.60 -25.72 -38.35
CA LEU D 355 -5.47 -26.65 -38.44
C LEU D 355 -4.20 -25.91 -38.90
N PRO D 356 -3.02 -26.32 -38.40
CA PRO D 356 -1.77 -25.66 -38.83
C PRO D 356 -1.52 -25.87 -40.32
N ALA D 357 -0.80 -24.93 -40.94
CA ALA D 357 -0.52 -25.00 -42.38
C ALA D 357 0.27 -26.25 -42.76
N GLN D 358 0.10 -26.67 -44.03
CA GLN D 358 0.87 -27.77 -44.57
C GLN D 358 2.35 -27.38 -44.63
N PRO D 359 3.24 -28.36 -44.59
CA PRO D 359 4.68 -28.07 -44.73
C PRO D 359 5.00 -27.65 -46.15
N LYS D 360 6.23 -27.14 -46.34
CA LYS D 360 6.66 -26.59 -47.62
C LYS D 360 7.83 -27.39 -48.17
N THR D 361 7.79 -27.62 -49.49
CA THR D 361 8.79 -28.43 -50.17
C THR D 361 9.77 -27.61 -51.01
N VAL D 362 9.56 -26.31 -51.16
CA VAL D 362 10.48 -25.42 -51.89
C VAL D 362 11.13 -24.52 -50.85
N ALA D 363 12.45 -24.33 -50.92
CA ALA D 363 13.12 -23.48 -49.94
C ALA D 363 14.13 -22.56 -50.60
N VAL D 364 14.14 -21.31 -50.14
CA VAL D 364 15.22 -20.36 -50.40
C VAL D 364 16.31 -20.63 -49.38
N VAL D 365 17.56 -20.65 -49.84
CA VAL D 365 18.72 -20.95 -48.99
C VAL D 365 19.47 -19.65 -48.72
N ILE D 366 19.86 -19.45 -47.45
CA ILE D 366 20.64 -18.27 -47.03
C ILE D 366 21.99 -18.75 -46.52
N ASP D 367 23.09 -18.24 -47.11
CA ASP D 367 24.40 -18.64 -46.61
C ASP D 367 24.63 -18.09 -45.21
N VAL D 368 25.13 -18.94 -44.30
CA VAL D 368 25.38 -18.51 -42.91
C VAL D 368 26.81 -18.83 -42.52
N ASP D 369 27.30 -18.12 -41.49
CA ASP D 369 28.62 -18.35 -40.93
C ASP D 369 28.57 -19.58 -39.99
N GLU D 370 29.70 -19.92 -39.35
CA GLU D 370 29.70 -21.15 -38.54
C GLU D 370 28.72 -21.05 -37.39
N ALA D 371 28.49 -19.85 -36.87
CA ALA D 371 27.52 -19.69 -35.77
C ALA D 371 26.07 -19.82 -36.23
N GLY D 372 25.82 -19.79 -37.54
CA GLY D 372 24.45 -19.89 -38.03
C GLY D 372 23.82 -18.58 -38.47
N ASN D 373 24.56 -17.44 -38.46
CA ASN D 373 23.96 -16.15 -38.78
C ASN D 373 24.22 -15.79 -40.24
N PRO D 374 23.38 -14.98 -40.87
CA PRO D 374 23.58 -14.74 -42.31
C PRO D 374 24.93 -14.10 -42.57
N VAL D 375 25.62 -14.57 -43.60
CA VAL D 375 26.83 -13.85 -44.01
C VAL D 375 26.47 -12.43 -44.41
N ASN D 376 25.31 -12.25 -45.04
CA ASN D 376 24.92 -10.98 -45.68
C ASN D 376 23.50 -10.62 -45.26
N ARG D 377 23.39 -9.88 -44.13
CA ARG D 377 22.06 -9.48 -43.67
C ARG D 377 21.45 -8.41 -44.57
N SER D 378 22.26 -7.60 -45.25
CA SER D 378 21.69 -6.54 -46.07
C SER D 378 20.84 -7.11 -47.20
N ALA D 379 21.17 -8.31 -47.66
CA ALA D 379 20.36 -8.90 -48.73
C ALA D 379 18.99 -9.40 -48.27
N LEU D 380 18.71 -9.48 -46.97
CA LEU D 380 17.46 -10.04 -46.47
C LEU D 380 16.33 -9.02 -46.42
N GLY D 381 16.66 -7.71 -46.37
CA GLY D 381 15.67 -6.67 -46.21
C GLY D 381 14.90 -6.39 -47.49
N PRO D 382 13.95 -5.47 -47.39
CA PRO D 382 13.04 -5.12 -48.51
C PRO D 382 13.80 -4.67 -49.75
N GLY D 383 13.56 -5.36 -50.85
CA GLY D 383 14.28 -5.08 -52.08
C GLY D 383 15.70 -5.60 -52.12
N GLY D 384 16.10 -6.44 -51.14
CA GLY D 384 17.36 -7.15 -51.23
C GLY D 384 17.18 -8.41 -52.04
N SER D 385 18.31 -9.04 -52.40
CA SER D 385 18.25 -10.16 -53.30
C SER D 385 17.48 -11.33 -52.68
N VAL D 386 17.64 -11.58 -51.38
CA VAL D 386 16.95 -12.73 -50.79
C VAL D 386 15.46 -12.43 -50.69
N CYS D 387 15.12 -11.23 -50.21
CA CYS D 387 13.71 -10.88 -50.14
C CYS D 387 13.08 -10.92 -51.54
N ASP D 388 13.78 -10.37 -52.53
CA ASP D 388 13.22 -10.42 -53.87
C ASP D 388 12.99 -11.85 -54.33
N LEU D 389 13.96 -12.73 -54.08
CA LEU D 389 13.85 -14.13 -54.52
C LEU D 389 12.65 -14.83 -53.84
N TRP D 390 12.52 -14.68 -52.52
CA TRP D 390 11.41 -15.32 -51.81
C TRP D 390 10.08 -14.75 -52.31
N MET D 391 10.02 -13.43 -52.49
CA MET D 391 8.79 -12.81 -52.99
C MET D 391 8.41 -13.33 -54.38
N LYS D 392 9.39 -13.43 -55.25
CA LYS D 392 9.10 -13.92 -56.61
C LYS D 392 8.50 -15.33 -56.57
N LEU D 393 9.10 -16.23 -55.75
CA LEU D 393 8.60 -17.60 -55.64
C LEU D 393 7.24 -17.62 -54.99
N GLN D 394 7.04 -16.79 -53.96
CA GLN D 394 5.76 -16.72 -53.26
C GLN D 394 4.64 -16.24 -54.19
N VAL D 395 4.93 -15.19 -54.97
CA VAL D 395 3.93 -14.66 -55.89
C VAL D 395 3.67 -15.68 -57.01
N ALA D 396 4.69 -16.45 -57.41
CA ALA D 396 4.48 -17.50 -58.40
C ALA D 396 3.72 -18.71 -57.87
N GLY D 397 3.30 -18.71 -56.61
CA GLY D 397 2.55 -19.84 -56.08
C GLY D 397 3.37 -21.01 -55.57
N GLN D 398 4.68 -20.84 -55.42
CA GLN D 398 5.58 -21.92 -55.03
C GLN D 398 5.64 -22.14 -53.52
N ARG D 399 5.04 -21.28 -52.71
CA ARG D 399 4.98 -21.45 -51.26
C ARG D 399 6.36 -21.74 -50.68
N PRO D 400 7.35 -20.85 -50.88
CA PRO D 400 8.70 -21.16 -50.37
C PRO D 400 8.81 -21.02 -48.86
N THR D 401 9.55 -21.93 -48.25
CA THR D 401 10.11 -21.72 -46.93
C THR D 401 11.55 -21.26 -47.09
N ILE D 402 12.27 -21.14 -45.97
CA ILE D 402 13.63 -20.58 -45.95
C ILE D 402 14.47 -21.44 -45.04
N ILE D 403 15.69 -21.80 -45.51
CA ILE D 403 16.60 -22.59 -44.71
C ILE D 403 17.98 -21.97 -44.80
N THR D 404 18.86 -22.37 -43.89
CA THR D 404 20.24 -21.92 -43.99
C THR D 404 21.08 -22.88 -44.85
N SER D 405 22.24 -22.37 -45.27
CA SER D 405 23.21 -23.20 -45.99
C SER D 405 23.65 -24.42 -45.18
N GLN D 406 23.62 -24.34 -43.84
CA GLN D 406 23.95 -25.52 -43.03
C GLN D 406 22.90 -26.62 -43.17
N VAL D 407 21.62 -26.26 -43.24
CA VAL D 407 20.59 -27.26 -43.51
C VAL D 407 20.69 -27.73 -44.98
N ALA D 408 20.91 -26.80 -45.91
CA ALA D 408 20.91 -27.18 -47.34
C ALA D 408 22.01 -28.15 -47.66
N ALA D 409 23.11 -28.13 -46.89
CA ALA D 409 24.22 -29.03 -47.14
C ALA D 409 23.99 -30.41 -46.57
N ASN D 410 22.91 -30.61 -45.84
CA ASN D 410 22.60 -31.84 -45.13
C ASN D 410 21.47 -32.54 -45.88
N GLN D 411 21.83 -33.50 -46.77
CA GLN D 411 20.82 -34.14 -47.61
C GLN D 411 19.80 -34.89 -46.76
N GLU D 412 20.22 -35.35 -45.57
CA GLU D 412 19.27 -36.01 -44.68
C GLU D 412 18.21 -35.04 -44.22
N ALA D 413 18.65 -33.93 -43.62
CA ALA D 413 17.72 -32.91 -43.15
C ALA D 413 16.69 -32.56 -44.22
N LEU D 414 17.17 -32.29 -45.43
CA LEU D 414 16.26 -31.94 -46.51
C LEU D 414 15.20 -33.03 -46.72
N ALA D 415 15.64 -34.29 -46.80
CA ALA D 415 14.65 -35.36 -46.97
C ALA D 415 13.74 -35.46 -45.75
N GLN D 416 14.29 -35.26 -44.54
CA GLN D 416 13.48 -35.19 -43.34
C GLN D 416 12.40 -34.13 -43.45
N ARG D 417 12.84 -32.87 -43.60
CA ARG D 417 11.94 -31.73 -43.75
C ARG D 417 11.08 -31.80 -45.00
N GLY D 418 11.29 -32.80 -45.87
CA GLY D 418 10.47 -32.94 -47.06
C GLY D 418 10.78 -31.95 -48.14
N ILE D 419 11.94 -31.32 -48.09
CA ILE D 419 12.27 -30.28 -49.06
C ILE D 419 12.80 -30.94 -50.34
N LEU D 420 12.24 -30.55 -51.47
CA LEU D 420 12.61 -31.14 -52.76
C LEU D 420 13.33 -30.18 -53.69
N GLU D 421 13.20 -28.88 -53.48
CA GLU D 421 13.68 -27.89 -54.43
C GLU D 421 14.34 -26.76 -53.66
N LEU D 422 15.57 -26.39 -54.07
CA LEU D 422 16.37 -25.35 -53.39
C LEU D 422 16.67 -24.22 -54.37
N HIS D 423 16.48 -23.00 -53.90
CA HIS D 423 16.85 -21.80 -54.66
C HIS D 423 17.86 -21.02 -53.87
N ALA D 424 19.06 -20.84 -54.44
CA ALA D 424 20.08 -20.07 -53.73
C ALA D 424 20.13 -18.63 -54.26
N ASP D 425 20.79 -17.76 -53.52
CA ASP D 425 20.91 -16.38 -53.95
C ASP D 425 22.21 -16.28 -54.75
N GLU D 426 22.10 -16.41 -56.07
CA GLU D 426 23.30 -16.52 -56.89
C GLU D 426 24.12 -15.25 -56.90
N HIS D 427 23.48 -14.09 -56.98
CA HIS D 427 24.22 -12.84 -57.10
C HIS D 427 23.63 -11.83 -56.14
N PRO D 428 24.10 -11.80 -54.89
CA PRO D 428 23.38 -11.04 -53.87
C PRO D 428 23.49 -9.55 -54.11
N TYR D 429 22.54 -8.81 -53.54
CA TYR D 429 22.58 -7.35 -53.55
C TYR D 429 21.81 -6.86 -52.33
N ALA D 430 22.20 -5.68 -51.86
CA ALA D 430 21.67 -5.11 -50.64
C ALA D 430 20.24 -4.68 -50.84
N ALA D 431 19.53 -4.52 -49.72
CA ALA D 431 18.10 -4.18 -49.72
C ALA D 431 17.89 -2.80 -50.32
N ARG D 432 17.39 -2.72 -51.56
CA ARG D 432 17.25 -1.44 -52.26
C ARG D 432 16.21 -0.54 -51.61
N TYR D 433 15.23 -1.12 -50.91
CA TYR D 433 14.09 -0.37 -50.42
C TYR D 433 14.19 -0.04 -48.93
N TYR D 434 15.09 -0.66 -48.21
CA TYR D 434 14.99 -0.66 -46.73
C TYR D 434 15.18 0.73 -46.17
N THR D 435 14.30 1.15 -45.25
CA THR D 435 14.61 2.25 -44.37
C THR D 435 14.47 1.78 -42.93
N ALA D 436 15.46 2.09 -42.08
CA ALA D 436 15.46 1.58 -40.70
C ALA D 436 14.70 2.46 -39.70
N VAL D 437 14.06 3.55 -40.15
CA VAL D 437 13.32 4.42 -39.23
C VAL D 437 11.84 4.45 -39.63
N SER D 438 10.99 4.90 -38.69
CA SER D 438 9.53 4.92 -38.87
C SER D 438 9.02 6.18 -39.57
N ASP D 439 9.84 7.24 -39.64
CA ASP D 439 9.43 8.56 -40.11
C ASP D 439 10.65 9.23 -40.73
N PRO D 440 10.46 9.99 -41.84
CA PRO D 440 11.59 10.71 -42.46
C PRO D 440 12.31 11.68 -41.53
N SER D 441 11.63 12.18 -40.50
CA SER D 441 12.26 13.13 -39.58
C SER D 441 13.34 12.48 -38.70
N PHE D 442 13.42 11.15 -38.62
CA PHE D 442 14.46 10.44 -37.86
C PHE D 442 15.66 9.99 -38.72
P PO4 E . -22.54 15.97 3.44
O1 PO4 E . -21.84 17.28 3.12
O2 PO4 E . -23.11 15.33 2.22
O3 PO4 E . -21.71 15.02 4.33
O4 PO4 E . -23.63 16.39 4.38
P PO4 F . -55.17 -33.05 2.72
O1 PO4 F . -54.70 -31.76 3.35
O2 PO4 F . -55.03 -32.97 1.21
O3 PO4 F . -54.29 -34.18 3.22
O4 PO4 F . -56.63 -33.24 3.11
P PO4 G . -15.33 -21.56 -9.24
O1 PO4 G . -15.22 -21.01 -10.74
O2 PO4 G . -15.96 -20.60 -8.41
O3 PO4 G . -13.93 -21.78 -8.77
O4 PO4 G . -16.24 -22.80 -9.32
C1 EDO H . -25.07 -15.61 4.58
O1 EDO H . -26.08 -15.03 5.45
C2 EDO H . -23.68 -15.33 5.15
O2 EDO H . -23.66 -15.78 6.51
C1 EDO I . -24.37 -19.47 3.67
O1 EDO I . -23.54 -20.59 3.55
C2 EDO I . -23.64 -18.35 2.95
O2 EDO I . -22.39 -18.04 3.63
C1 EDO J . -24.81 -33.81 3.55
O1 EDO J . -25.29 -33.40 4.84
C2 EDO J . -24.19 -32.58 2.96
O2 EDO J . -23.38 -31.89 3.93
C1 EDO K . -7.35 -6.26 0.60
O1 EDO K . -8.34 -5.40 1.22
C2 EDO K . -6.04 -5.50 0.63
O2 EDO K . -6.32 -4.13 0.32
C1 EDO L . -11.24 -0.08 9.87
O1 EDO L . -12.64 0.12 10.04
C2 EDO L . -10.78 1.24 9.31
O2 EDO L . -11.70 2.19 9.91
C1 EDO M . -16.12 -0.07 8.53
O1 EDO M . -14.76 -0.50 8.79
C2 EDO M . -17.04 -1.22 8.12
O2 EDO M . -16.78 -2.55 8.65
C1 EDO N . -44.19 -7.15 -5.55
O1 EDO N . -43.35 -6.00 -5.55
C2 EDO N . -44.45 -7.31 -4.07
O2 EDO N . -45.34 -6.28 -3.67
C1 EDO O . -5.85 -1.06 9.68
O1 EDO O . -5.69 -1.97 8.64
C2 EDO O . -6.74 -1.73 10.70
O2 EDO O . -5.81 -2.69 11.22
C1 EDO P . -31.94 -18.14 -17.93
O1 EDO P . -31.66 -19.54 -18.08
C2 EDO P . -33.29 -17.83 -18.55
O2 EDO P . -33.42 -16.39 -18.70
P PO4 Q . 44.09 46.39 -3.53
O1 PO4 Q . 44.77 47.63 -4.11
O2 PO4 Q . 42.80 46.27 -4.27
O3 PO4 Q . 44.85 45.10 -3.82
O4 PO4 Q . 43.90 46.52 -2.03
P PO4 R . 23.93 10.76 9.30
O1 PO4 R . 25.29 11.38 9.62
O2 PO4 R . 23.09 11.59 8.56
O3 PO4 R . 24.21 9.50 8.53
O4 PO4 R . 23.32 10.65 10.73
C1 EDO S . 20.35 19.40 -5.52
O1 EDO S . 20.79 19.26 -6.88
C2 EDO S . 20.86 20.76 -5.00
O2 EDO S . 20.61 21.84 -5.94
C1 EDO T . 23.12 18.89 -3.10
O1 EDO T . 22.62 17.69 -3.74
C2 EDO T . 24.29 19.43 -3.90
O2 EDO T . 25.26 18.40 -3.94
C1 EDO U . 43.82 44.48 4.31
O1 EDO U . 44.13 43.08 4.30
C2 EDO U . 42.91 44.88 5.47
O2 EDO U . 43.63 45.41 6.60
C1 EDO V . 3.51 5.49 -11.15
O1 EDO V . 4.38 4.40 -11.44
C2 EDO V . 2.64 4.97 -10.05
O2 EDO V . 3.55 4.57 -9.02
C1 EDO W . 2.99 10.32 -10.36
O1 EDO W . 3.04 11.68 -10.83
C2 EDO W . 1.54 10.10 -10.00
O2 EDO W . 0.93 11.14 -10.76
C1 EDO X . -7.31 26.47 0.28
O1 EDO X . -6.60 25.79 1.33
C2 EDO X . -7.45 25.54 -0.93
O2 EDO X . -7.02 24.21 -0.56
C1 EDO Y . 34.22 32.17 15.62
O1 EDO Y . 33.75 30.95 16.20
C2 EDO Y . 33.07 32.73 14.82
O2 EDO Y . 32.00 32.84 15.75
C1 EDO Z . 36.79 31.74 12.46
O1 EDO Z . 37.63 31.00 11.59
C2 EDO Z . 36.76 30.99 13.77
O2 EDO Z . 36.66 29.60 13.48
C1 EDO AA . 16.47 42.49 3.39
O1 EDO AA . 16.12 41.97 2.11
C2 EDO AA . 15.62 41.69 4.35
O2 EDO AA . 14.66 40.99 3.54
P PO4 BA . -7.38 -5.94 33.98
O1 PO4 BA . -6.07 -5.69 34.72
O2 PO4 BA . -7.01 -6.44 32.63
O3 PO4 BA . -8.07 -7.09 34.65
O4 PO4 BA . -8.45 -4.80 34.03
P PO4 CA . -16.27 3.55 32.74
O1 PO4 CA . -15.25 3.32 31.59
O2 PO4 CA . -16.58 5.05 32.88
O3 PO4 CA . -15.70 3.11 34.08
O4 PO4 CA . -17.56 2.82 32.45
P PO4 DA . 12.22 -17.74 59.84
O1 PO4 DA . 12.90 -16.39 59.99
O2 PO4 DA . 12.23 -18.28 58.45
O3 PO4 DA . 12.92 -18.79 60.63
O4 PO4 DA . 10.74 -17.57 60.20
P PO4 EA . -6.66 12.55 36.02
O1 PO4 EA . -5.73 13.71 36.35
O2 PO4 EA . -7.72 13.08 35.08
O3 PO4 EA . -5.95 11.40 35.42
O4 PO4 EA . -7.31 11.99 37.27
P PO4 FA . 10.96 -1.28 2.84
O1 PO4 FA . 11.80 -1.27 1.60
O2 PO4 FA . 11.86 -0.98 4.01
O3 PO4 FA . 10.36 -2.66 3.03
O4 PO4 FA . 9.88 -0.22 2.71
C1 EDO GA . -3.45 -3.98 30.35
O1 EDO GA . -4.30 -5.14 30.37
C2 EDO GA . -2.32 -4.10 31.41
O2 EDO GA . -1.59 -5.34 31.19
C1 EDO HA . -10.43 -8.84 33.90
O1 EDO HA . -9.11 -8.81 33.28
C2 EDO HA . -10.28 -9.68 35.17
O2 EDO HA . -9.39 -9.03 36.09
C1 EDO IA . -3.97 -1.99 33.71
O1 EDO IA . -5.04 -2.02 32.74
C2 EDO IA . -4.13 -3.10 34.75
O2 EDO IA . -5.44 -2.90 35.25
C1 EDO JA . -2.72 -2.54 13.27
O1 EDO JA . -4.09 -2.39 12.95
C2 EDO JA . -2.61 -3.32 14.63
O2 EDO JA . -3.68 -3.15 15.60
C1 EDO KA . 12.46 11.19 43.60
O1 EDO KA . 13.14 11.44 42.36
C2 EDO KA . 11.01 11.64 43.46
O2 EDO KA . 10.89 12.95 42.91
P PO4 LA . 8.84 3.66 -33.82
O1 PO4 LA . 10.13 3.71 -33.06
O2 PO4 LA . 8.36 5.05 -34.27
O3 PO4 LA . 8.86 2.63 -34.94
O4 PO4 LA . 7.87 3.00 -32.89
P PO4 MA . 1.54 14.58 -33.75
O1 PO4 MA . 2.39 15.85 -33.50
O2 PO4 MA . 0.14 15.12 -34.00
O3 PO4 MA . 1.97 13.93 -35.06
O4 PO4 MA . 1.59 13.56 -32.61
P PO4 NA . -9.32 6.87 -37.22
O1 PO4 NA . -9.12 8.34 -36.97
O2 PO4 NA . -8.81 6.51 -38.61
O3 PO4 NA . -8.47 6.20 -36.24
O4 PO4 NA . -10.81 6.39 -37.11
P PO4 OA . -4.32 4.74 -8.35
O1 PO4 OA . -3.89 6.07 -8.94
O2 PO4 OA . -3.92 4.70 -6.88
O3 PO4 OA . -3.63 3.61 -9.13
O4 PO4 OA . -5.84 4.69 -8.31
P PO4 PA . -3.77 -9.97 -53.83
O1 PO4 PA . -3.16 -9.66 -55.18
O2 PO4 PA . -2.64 -9.96 -52.84
O3 PO4 PA . -4.42 -11.34 -53.82
O4 PO4 PA . -4.83 -8.95 -53.48
C1 EDO QA . 5.99 -0.63 -31.44
O1 EDO QA . 6.97 -1.59 -31.03
C2 EDO QA . 5.97 0.51 -30.40
O2 EDO QA . 7.27 1.14 -30.33
C1 EDO RA . 13.25 5.92 -35.18
O1 EDO RA . 12.39 5.12 -36.01
C2 EDO RA . 12.51 6.25 -33.90
O2 EDO RA . 12.05 5.00 -33.35
C1 EDO SA . 5.53 1.29 -34.83
O1 EDO SA . 5.36 2.52 -35.46
C2 EDO SA . 4.36 1.34 -33.86
O2 EDO SA . 4.48 2.48 -32.96
C1 EDO TA . 2.59 -23.76 -33.94
O1 EDO TA . 3.73 -23.74 -33.05
C2 EDO TA . 1.32 -23.80 -33.10
O2 EDO TA . 1.69 -23.06 -31.92
C1 EDO UA . 4.69 0.96 -14.61
O1 EDO UA . 4.60 1.91 -15.67
C2 EDO UA . 3.70 1.18 -13.45
O2 EDO UA . 3.74 2.55 -13.12
#